data_3CMI
# 
_entry.id   3CMI 
# 
_audit_conform.dict_name       mmcif_pdbx.dic 
_audit_conform.dict_version    5.380 
_audit_conform.dict_location   http://mmcif.pdb.org/dictionaries/ascii/mmcif_pdbx.dic 
# 
loop_
_database_2.database_id 
_database_2.database_code 
_database_2.pdbx_database_accession 
_database_2.pdbx_DOI 
PDB   3CMI         pdb_00003cmi 10.2210/pdb3cmi/pdb 
RCSB  RCSB046954   ?            ?                   
WWPDB D_1000046954 ?            ?                   
# 
_pdbx_database_status.status_code                     REL 
_pdbx_database_status.entry_id                        3CMI 
_pdbx_database_status.recvd_initial_deposition_date   2008-03-21 
_pdbx_database_status.deposit_site                    RCSB 
_pdbx_database_status.process_site                    PDBJ 
_pdbx_database_status.status_code_sf                  REL 
_pdbx_database_status.status_code_mr                  ? 
_pdbx_database_status.SG_entry                        ? 
_pdbx_database_status.pdb_format_compatible           Y 
_pdbx_database_status.status_code_cs                  ? 
_pdbx_database_status.status_code_nmr_data            ? 
_pdbx_database_status.methods_development_category    ? 
# 
loop_
_audit_author.name 
_audit_author.pdbx_ordinal 
'Zhang, W.J.Z.' 1 
'He, Y.X.'      2 
'Yu, J.'        3 
'Zhou, C.Z.'    4 
# 
_citation.id                        primary 
_citation.title                     
'Crystal structure of glutathione-dependent phospholipid peroxidase Hyr1 from the yeast Saccharomyces cerevisiae' 
_citation.journal_abbrev            Proteins 
_citation.journal_volume            73 
_citation.page_first                1058 
_citation.page_last                 1062 
_citation.year                      2008 
_citation.journal_id_ASTM           PSFGEY 
_citation.country                   US 
_citation.journal_id_ISSN           0887-3585 
_citation.journal_id_CSD            0867 
_citation.book_publisher            ? 
_citation.pdbx_database_id_PubMed   18767166 
_citation.pdbx_database_id_DOI      10.1002/prot.22220 
# 
loop_
_citation_author.citation_id 
_citation_author.name 
_citation_author.ordinal 
_citation_author.identifier_ORCID 
primary 'Zhang, W.J.' 1 ? 
primary 'He, Y.X.'    2 ? 
primary 'Yang, Z.'    3 ? 
primary 'Yu, J.'      4 ? 
primary 'Chen, Y.'    5 ? 
primary 'Zhou, C.Z.'  6 ? 
# 
_cell.entry_id           3CMI 
_cell.length_a           39.570 
_cell.length_b           64.880 
_cell.length_c           72.020 
_cell.angle_alpha        90.00 
_cell.angle_beta         90.00 
_cell.angle_gamma        90.00 
_cell.Z_PDB              4 
_cell.pdbx_unique_axis   ? 
_cell.length_a_esd       ? 
_cell.length_b_esd       ? 
_cell.length_c_esd       ? 
_cell.angle_alpha_esd    ? 
_cell.angle_beta_esd     ? 
_cell.angle_gamma_esd    ? 
# 
_symmetry.entry_id                         3CMI 
_symmetry.space_group_name_H-M             'P 21 21 21' 
_symmetry.pdbx_full_space_group_name_H-M   ? 
_symmetry.cell_setting                     ? 
_symmetry.Int_Tables_number                19 
_symmetry.space_group_name_Hall            ? 
# 
loop_
_entity.id 
_entity.type 
_entity.src_method 
_entity.pdbx_description 
_entity.formula_weight 
_entity.pdbx_number_of_molecules 
_entity.pdbx_ec 
_entity.pdbx_mutation 
_entity.pdbx_fragment 
_entity.details 
1 polymer man 'Peroxiredoxin HYR1' 19683.611 1  1.11.1.15 ? ? ? 
2 water   nat water                18.015    39 ?         ? ? ? 
# 
_entity_name_com.entity_id   1 
_entity_name_com.name        
;Hydrogen peroxide resistance protein 1, Oxidant receptor peroxidase 1, Glutathione peroxidase 3, Phospholipid hydroperoxide glutathione peroxidase 3, PHGPx3
;
# 
_entity_poly.entity_id                      1 
_entity_poly.type                           'polypeptide(L)' 
_entity_poly.nstd_linkage                   no 
_entity_poly.nstd_monomer                   no 
_entity_poly.pdbx_seq_one_letter_code       
;MGHHHHHHMSEFYKLAPVDKKGQPFPFDQLKGKVVLIVNVASKCGFTPQYKELEALYKRYKDEGFTIIGFPCNQFGHQEP
GSDEEIAQFCQLNYGVTFPIMKKIDVNGGNEDPVYKFLKSQKSGMLGLRGIKWNFEKFLVDKKGKVYERYSSLTKPSSLS
ETIEELLKEVE
;
_entity_poly.pdbx_seq_one_letter_code_can   
;MGHHHHHHMSEFYKLAPVDKKGQPFPFDQLKGKVVLIVNVASKCGFTPQYKELEALYKRYKDEGFTIIGFPCNQFGHQEP
GSDEEIAQFCQLNYGVTFPIMKKIDVNGGNEDPVYKFLKSQKSGMLGLRGIKWNFEKFLVDKKGKVYERYSSLTKPSSLS
ETIEELLKEVE
;
_entity_poly.pdbx_strand_id                 A 
_entity_poly.pdbx_target_identifier         ? 
# 
loop_
_entity_poly_seq.entity_id 
_entity_poly_seq.num 
_entity_poly_seq.mon_id 
_entity_poly_seq.hetero 
1 1   MET n 
1 2   GLY n 
1 3   HIS n 
1 4   HIS n 
1 5   HIS n 
1 6   HIS n 
1 7   HIS n 
1 8   HIS n 
1 9   MET n 
1 10  SER n 
1 11  GLU n 
1 12  PHE n 
1 13  TYR n 
1 14  LYS n 
1 15  LEU n 
1 16  ALA n 
1 17  PRO n 
1 18  VAL n 
1 19  ASP n 
1 20  LYS n 
1 21  LYS n 
1 22  GLY n 
1 23  GLN n 
1 24  PRO n 
1 25  PHE n 
1 26  PRO n 
1 27  PHE n 
1 28  ASP n 
1 29  GLN n 
1 30  LEU n 
1 31  LYS n 
1 32  GLY n 
1 33  LYS n 
1 34  VAL n 
1 35  VAL n 
1 36  LEU n 
1 37  ILE n 
1 38  VAL n 
1 39  ASN n 
1 40  VAL n 
1 41  ALA n 
1 42  SER n 
1 43  LYS n 
1 44  CYS n 
1 45  GLY n 
1 46  PHE n 
1 47  THR n 
1 48  PRO n 
1 49  GLN n 
1 50  TYR n 
1 51  LYS n 
1 52  GLU n 
1 53  LEU n 
1 54  GLU n 
1 55  ALA n 
1 56  LEU n 
1 57  TYR n 
1 58  LYS n 
1 59  ARG n 
1 60  TYR n 
1 61  LYS n 
1 62  ASP n 
1 63  GLU n 
1 64  GLY n 
1 65  PHE n 
1 66  THR n 
1 67  ILE n 
1 68  ILE n 
1 69  GLY n 
1 70  PHE n 
1 71  PRO n 
1 72  CYS n 
1 73  ASN n 
1 74  GLN n 
1 75  PHE n 
1 76  GLY n 
1 77  HIS n 
1 78  GLN n 
1 79  GLU n 
1 80  PRO n 
1 81  GLY n 
1 82  SER n 
1 83  ASP n 
1 84  GLU n 
1 85  GLU n 
1 86  ILE n 
1 87  ALA n 
1 88  GLN n 
1 89  PHE n 
1 90  CYS n 
1 91  GLN n 
1 92  LEU n 
1 93  ASN n 
1 94  TYR n 
1 95  GLY n 
1 96  VAL n 
1 97  THR n 
1 98  PHE n 
1 99  PRO n 
1 100 ILE n 
1 101 MET n 
1 102 LYS n 
1 103 LYS n 
1 104 ILE n 
1 105 ASP n 
1 106 VAL n 
1 107 ASN n 
1 108 GLY n 
1 109 GLY n 
1 110 ASN n 
1 111 GLU n 
1 112 ASP n 
1 113 PRO n 
1 114 VAL n 
1 115 TYR n 
1 116 LYS n 
1 117 PHE n 
1 118 LEU n 
1 119 LYS n 
1 120 SER n 
1 121 GLN n 
1 122 LYS n 
1 123 SER n 
1 124 GLY n 
1 125 MET n 
1 126 LEU n 
1 127 GLY n 
1 128 LEU n 
1 129 ARG n 
1 130 GLY n 
1 131 ILE n 
1 132 LYS n 
1 133 TRP n 
1 134 ASN n 
1 135 PHE n 
1 136 GLU n 
1 137 LYS n 
1 138 PHE n 
1 139 LEU n 
1 140 VAL n 
1 141 ASP n 
1 142 LYS n 
1 143 LYS n 
1 144 GLY n 
1 145 LYS n 
1 146 VAL n 
1 147 TYR n 
1 148 GLU n 
1 149 ARG n 
1 150 TYR n 
1 151 SER n 
1 152 SER n 
1 153 LEU n 
1 154 THR n 
1 155 LYS n 
1 156 PRO n 
1 157 SER n 
1 158 SER n 
1 159 LEU n 
1 160 SER n 
1 161 GLU n 
1 162 THR n 
1 163 ILE n 
1 164 GLU n 
1 165 GLU n 
1 166 LEU n 
1 167 LEU n 
1 168 LYS n 
1 169 GLU n 
1 170 VAL n 
1 171 GLU n 
# 
_entity_src_gen.entity_id                          1 
_entity_src_gen.pdbx_src_id                        1 
_entity_src_gen.pdbx_alt_source_flag               sample 
_entity_src_gen.pdbx_seq_type                      ? 
_entity_src_gen.pdbx_beg_seq_num                   ? 
_entity_src_gen.pdbx_end_seq_num                   ? 
_entity_src_gen.gene_src_common_name               
;Baker's yeast
;
_entity_src_gen.gene_src_genus                     ? 
_entity_src_gen.pdbx_gene_src_gene                 'HYR1, GPX3, ORP1' 
_entity_src_gen.gene_src_species                   ? 
_entity_src_gen.gene_src_strain                    s228c 
_entity_src_gen.gene_src_tissue                    ? 
_entity_src_gen.gene_src_tissue_fraction           ? 
_entity_src_gen.gene_src_details                   ? 
_entity_src_gen.pdbx_gene_src_fragment             ? 
_entity_src_gen.pdbx_gene_src_scientific_name      'Saccharomyces cerevisiae' 
_entity_src_gen.pdbx_gene_src_ncbi_taxonomy_id     4932 
_entity_src_gen.pdbx_gene_src_variant              ? 
_entity_src_gen.pdbx_gene_src_cell_line            ? 
_entity_src_gen.pdbx_gene_src_atcc                 ? 
_entity_src_gen.pdbx_gene_src_organ                ? 
_entity_src_gen.pdbx_gene_src_organelle            ? 
_entity_src_gen.pdbx_gene_src_cell                 ? 
_entity_src_gen.pdbx_gene_src_cellular_location    ? 
_entity_src_gen.host_org_common_name               ? 
_entity_src_gen.pdbx_host_org_scientific_name      'Escherichia coli' 
_entity_src_gen.pdbx_host_org_ncbi_taxonomy_id     562 
_entity_src_gen.host_org_genus                     ? 
_entity_src_gen.pdbx_host_org_gene                 ? 
_entity_src_gen.pdbx_host_org_organ                ? 
_entity_src_gen.host_org_species                   ? 
_entity_src_gen.pdbx_host_org_tissue               ? 
_entity_src_gen.pdbx_host_org_tissue_fraction      ? 
_entity_src_gen.pdbx_host_org_strain               'Rosetta(DE3)' 
_entity_src_gen.pdbx_host_org_variant              ? 
_entity_src_gen.pdbx_host_org_cell_line            ? 
_entity_src_gen.pdbx_host_org_atcc                 ? 
_entity_src_gen.pdbx_host_org_culture_collection   ? 
_entity_src_gen.pdbx_host_org_cell                 ? 
_entity_src_gen.pdbx_host_org_organelle            ? 
_entity_src_gen.pdbx_host_org_cellular_location    ? 
_entity_src_gen.pdbx_host_org_vector_type          PLASMID 
_entity_src_gen.pdbx_host_org_vector               ? 
_entity_src_gen.host_org_details                   ? 
_entity_src_gen.expression_system_id               ? 
_entity_src_gen.plasmid_name                       pET28a 
_entity_src_gen.plasmid_details                    ? 
_entity_src_gen.pdbx_description                   ? 
# 
_struct_ref.id                         1 
_struct_ref.db_name                    UNP 
_struct_ref.db_code                    GPX3_YEAST 
_struct_ref.pdbx_db_accession          P40581 
_struct_ref.entity_id                  1 
_struct_ref.pdbx_seq_one_letter_code   
;MSEFYKLAPVDKKGQPFPFDQLKGKVVLIVNVASKCGFTPQYKELEALYKRYKDEGFTIIGFPCNQFGHQEPGSDEEIAQ
FCQLNYGVTFPIMKKIDVNGGNEDPVYKFLKSQKSGMLGLRGIKWNFEKFLVDKKGKVYERYSSLTKPSSLSETIEELLK
EVE
;
_struct_ref.pdbx_align_begin           1 
_struct_ref.pdbx_db_isoform            ? 
# 
_struct_ref_seq.align_id                      1 
_struct_ref_seq.ref_id                        1 
_struct_ref_seq.pdbx_PDB_id_code              3CMI 
_struct_ref_seq.pdbx_strand_id                A 
_struct_ref_seq.seq_align_beg                 9 
_struct_ref_seq.pdbx_seq_align_beg_ins_code   ? 
_struct_ref_seq.seq_align_end                 171 
_struct_ref_seq.pdbx_seq_align_end_ins_code   ? 
_struct_ref_seq.pdbx_db_accession             P40581 
_struct_ref_seq.db_align_beg                  1 
_struct_ref_seq.pdbx_db_align_beg_ins_code    ? 
_struct_ref_seq.db_align_end                  163 
_struct_ref_seq.pdbx_db_align_end_ins_code    ? 
_struct_ref_seq.pdbx_auth_seq_align_beg       1 
_struct_ref_seq.pdbx_auth_seq_align_end       163 
# 
loop_
_struct_ref_seq_dif.align_id 
_struct_ref_seq_dif.pdbx_pdb_id_code 
_struct_ref_seq_dif.mon_id 
_struct_ref_seq_dif.pdbx_pdb_strand_id 
_struct_ref_seq_dif.seq_num 
_struct_ref_seq_dif.pdbx_pdb_ins_code 
_struct_ref_seq_dif.pdbx_seq_db_name 
_struct_ref_seq_dif.pdbx_seq_db_accession_code 
_struct_ref_seq_dif.db_mon_id 
_struct_ref_seq_dif.pdbx_seq_db_seq_num 
_struct_ref_seq_dif.details 
_struct_ref_seq_dif.pdbx_auth_seq_num 
_struct_ref_seq_dif.pdbx_ordinal 
1 3CMI MET A 1 ? UNP P40581 ? ? 'expression tag' -7 1 
1 3CMI GLY A 2 ? UNP P40581 ? ? 'expression tag' -6 2 
1 3CMI HIS A 3 ? UNP P40581 ? ? 'expression tag' -5 3 
1 3CMI HIS A 4 ? UNP P40581 ? ? 'expression tag' -4 4 
1 3CMI HIS A 5 ? UNP P40581 ? ? 'expression tag' -3 5 
1 3CMI HIS A 6 ? UNP P40581 ? ? 'expression tag' -2 6 
1 3CMI HIS A 7 ? UNP P40581 ? ? 'expression tag' -1 7 
1 3CMI HIS A 8 ? UNP P40581 ? ? 'expression tag' 0  8 
# 
loop_
_chem_comp.id 
_chem_comp.type 
_chem_comp.mon_nstd_flag 
_chem_comp.name 
_chem_comp.pdbx_synonyms 
_chem_comp.formula 
_chem_comp.formula_weight 
ALA 'L-peptide linking' y ALANINE         ? 'C3 H7 N O2'     89.093  
ARG 'L-peptide linking' y ARGININE        ? 'C6 H15 N4 O2 1' 175.209 
ASN 'L-peptide linking' y ASPARAGINE      ? 'C4 H8 N2 O3'    132.118 
ASP 'L-peptide linking' y 'ASPARTIC ACID' ? 'C4 H7 N O4'     133.103 
CYS 'L-peptide linking' y CYSTEINE        ? 'C3 H7 N O2 S'   121.158 
GLN 'L-peptide linking' y GLUTAMINE       ? 'C5 H10 N2 O3'   146.144 
GLU 'L-peptide linking' y 'GLUTAMIC ACID' ? 'C5 H9 N O4'     147.129 
GLY 'peptide linking'   y GLYCINE         ? 'C2 H5 N O2'     75.067  
HIS 'L-peptide linking' y HISTIDINE       ? 'C6 H10 N3 O2 1' 156.162 
HOH non-polymer         . WATER           ? 'H2 O'           18.015  
ILE 'L-peptide linking' y ISOLEUCINE      ? 'C6 H13 N O2'    131.173 
LEU 'L-peptide linking' y LEUCINE         ? 'C6 H13 N O2'    131.173 
LYS 'L-peptide linking' y LYSINE          ? 'C6 H15 N2 O2 1' 147.195 
MET 'L-peptide linking' y METHIONINE      ? 'C5 H11 N O2 S'  149.211 
PHE 'L-peptide linking' y PHENYLALANINE   ? 'C9 H11 N O2'    165.189 
PRO 'L-peptide linking' y PROLINE         ? 'C5 H9 N O2'     115.130 
SER 'L-peptide linking' y SERINE          ? 'C3 H7 N O3'     105.093 
THR 'L-peptide linking' y THREONINE       ? 'C4 H9 N O3'     119.119 
TRP 'L-peptide linking' y TRYPTOPHAN      ? 'C11 H12 N2 O2'  204.225 
TYR 'L-peptide linking' y TYROSINE        ? 'C9 H11 N O3'    181.189 
VAL 'L-peptide linking' y VALINE          ? 'C5 H11 N O2'    117.146 
# 
_exptl.entry_id          3CMI 
_exptl.method            'X-RAY DIFFRACTION' 
_exptl.crystals_number   1 
# 
_exptl_crystal.id                    1 
_exptl_crystal.density_meas          ? 
_exptl_crystal.density_Matthews      2.35 
_exptl_crystal.density_percent_sol   47.62 
_exptl_crystal.description           ? 
_exptl_crystal.F_000                 ? 
_exptl_crystal.preparation           ? 
# 
_exptl_crystal_grow.crystal_id      1 
_exptl_crystal_grow.method          'VAPOR DIFFUSION, HANGING DROP' 
_exptl_crystal_grow.temp            289 
_exptl_crystal_grow.temp_details    ? 
_exptl_crystal_grow.pH              4.6 
_exptl_crystal_grow.pdbx_details    
;0.2M Ammonium Acetate, 0.1M Sodium Acetate trihydrate, pH4.6, 30% polyethylene glycol 4000, VAPOR DIFFUSION, HANGING DROP, temperature 289K
;
_exptl_crystal_grow.pdbx_pH_range   . 
# 
_diffrn.id                     1 
_diffrn.ambient_temp           100 
_diffrn.ambient_temp_details   ? 
_diffrn.crystal_id             1 
# 
_diffrn_detector.diffrn_id              1 
_diffrn_detector.detector               'IMAGE PLATE' 
_diffrn_detector.type                   'MAR scanner 345 mm plate' 
_diffrn_detector.pdbx_collection_date   2007-10-30 
_diffrn_detector.details                ? 
# 
_diffrn_radiation.diffrn_id                        1 
_diffrn_radiation.wavelength_id                    1 
_diffrn_radiation.pdbx_monochromatic_or_laue_m_l   M 
_diffrn_radiation.monochromator                    ? 
_diffrn_radiation.pdbx_diffrn_protocol             'SINGLE WAVELENGTH' 
_diffrn_radiation.pdbx_scattering_type             x-ray 
# 
_diffrn_radiation_wavelength.id           1 
_diffrn_radiation_wavelength.wavelength   1.5418 
_diffrn_radiation_wavelength.wt           1.0 
# 
_diffrn_source.diffrn_id                   1 
_diffrn_source.source                      'ROTATING ANODE' 
_diffrn_source.type                        'RIGAKU MICROMAX-007' 
_diffrn_source.pdbx_synchrotron_site       ? 
_diffrn_source.pdbx_synchrotron_beamline   ? 
_diffrn_source.pdbx_wavelength             ? 
_diffrn_source.pdbx_wavelength_list        1.5418 
# 
_reflns.entry_id                     3CMI 
_reflns.observed_criterion_sigma_F   ? 
_reflns.observed_criterion_sigma_I   2.0 
_reflns.d_resolution_high            2.00 
_reflns.d_resolution_low             39.56 
_reflns.number_all                   ? 
_reflns.number_obs                   12069 
_reflns.percent_possible_obs         93.9 
_reflns.pdbx_Rmerge_I_obs            0.057 
_reflns.pdbx_Rsym_value              0.064 
_reflns.pdbx_netI_over_sigmaI        ? 
_reflns.B_iso_Wilson_estimate        30.674 
_reflns.pdbx_redundancy              4.8 
_reflns.R_free_details               ? 
_reflns.limit_h_max                  ? 
_reflns.limit_h_min                  ? 
_reflns.limit_k_max                  ? 
_reflns.limit_k_min                  ? 
_reflns.limit_l_max                  ? 
_reflns.limit_l_min                  ? 
_reflns.observed_criterion_F_max     ? 
_reflns.observed_criterion_F_min     ? 
_reflns.pdbx_chi_squared             ? 
_reflns.pdbx_scaling_rejects         ? 
_reflns.pdbx_ordinal                 1 
_reflns.pdbx_diffrn_id               1 
# 
_reflns_shell.d_res_high             2.00 
_reflns_shell.d_res_low              2.11 
_reflns_shell.percent_possible_all   81.5 
_reflns_shell.Rmerge_I_obs           0.336 
_reflns_shell.pdbx_Rsym_value        0.376 
_reflns_shell.meanI_over_sigI_obs    3.6 
_reflns_shell.pdbx_redundancy        4.5 
_reflns_shell.percent_possible_obs   ? 
_reflns_shell.number_unique_all      1518 
_reflns_shell.number_measured_all    ? 
_reflns_shell.number_measured_obs    ? 
_reflns_shell.number_unique_obs      ? 
_reflns_shell.pdbx_chi_squared       ? 
_reflns_shell.pdbx_ordinal           1 
_reflns_shell.pdbx_diffrn_id         1 
# 
_refine.entry_id                                 3CMI 
_refine.ls_number_reflns_obs                     8294 
_refine.ls_number_reflns_all                     ? 
_refine.pdbx_ls_sigma_I                          ? 
_refine.pdbx_ls_sigma_F                          3 
_refine.pdbx_data_cutoff_high_absF               ? 
_refine.pdbx_data_cutoff_low_absF                ? 
_refine.pdbx_data_cutoff_high_rms_absF           ? 
_refine.ls_d_res_low                             34.68 
_refine.ls_d_res_high                            2.02 
_refine.ls_percent_reflns_obs                    68.58 
_refine.ls_R_factor_obs                          0.22597 
_refine.ls_R_factor_all                          ? 
_refine.ls_R_factor_R_work                       0.22438 
_refine.ls_R_factor_R_free                       0.25602 
_refine.ls_R_factor_R_free_error                 ? 
_refine.ls_R_factor_R_free_error_details         ? 
_refine.ls_percent_reflns_R_free                 4.8 
_refine.ls_number_reflns_R_free                  418 
_refine.ls_number_parameters                     ? 
_refine.ls_number_restraints                     ? 
_refine.occupancy_min                            ? 
_refine.occupancy_max                            ? 
_refine.correlation_coeff_Fo_to_Fc               0.921 
_refine.correlation_coeff_Fo_to_Fc_free          0.914 
_refine.B_iso_mean                               37.304 
_refine.aniso_B[1][1]                            1.81 
_refine.aniso_B[2][2]                            1.46 
_refine.aniso_B[3][3]                            -3.27 
_refine.aniso_B[1][2]                            0.00 
_refine.aniso_B[1][3]                            0.00 
_refine.aniso_B[2][3]                            0.00 
_refine.solvent_model_details                    'BABINET MODEL WITH MASK' 
_refine.solvent_model_param_ksol                 ? 
_refine.solvent_model_param_bsol                 ? 
_refine.pdbx_solvent_vdw_probe_radii             1.40 
_refine.pdbx_solvent_ion_probe_radii             0.80 
_refine.pdbx_solvent_shrinkage_radii             0.80 
_refine.pdbx_ls_cross_valid_method               THROUGHOUT 
_refine.details                                  'HYDROGENS HAVE BEEN ADDED IN THE RIDING POSITIONS' 
_refine.pdbx_starting_model                      'PDB ENTRY 2P5Q' 
_refine.pdbx_method_to_determine_struct          'MOLECULAR REPLACEMENT' 
_refine.pdbx_isotropic_thermal_model             ? 
_refine.pdbx_stereochemistry_target_values       'MAXIMUM LIKELIHOOD' 
_refine.pdbx_stereochem_target_val_spec_case     ? 
_refine.pdbx_R_Free_selection_details            RANDOM 
_refine.pdbx_overall_ESU_R                       0.303 
_refine.pdbx_overall_ESU_R_Free                  0.226 
_refine.overall_SU_ML                            0.145 
_refine.overall_SU_B                             9.982 
_refine.ls_redundancy_reflns_obs                 ? 
_refine.B_iso_min                                ? 
_refine.B_iso_max                                ? 
_refine.overall_SU_R_Cruickshank_DPI             ? 
_refine.overall_SU_R_free                        ? 
_refine.ls_wR_factor_R_free                      ? 
_refine.ls_wR_factor_R_work                      ? 
_refine.overall_FOM_free_R_set                   ? 
_refine.overall_FOM_work_R_set                   ? 
_refine.pdbx_overall_phase_error                 ? 
_refine.pdbx_refine_id                           'X-RAY DIFFRACTION' 
_refine.pdbx_TLS_residual_ADP_flag               'LIKELY RESIDUAL' 
_refine.pdbx_diffrn_id                           1 
_refine.pdbx_overall_SU_R_free_Cruickshank_DPI   ? 
_refine.pdbx_overall_SU_R_Blow_DPI               ? 
_refine.pdbx_overall_SU_R_free_Blow_DPI          ? 
# 
_refine_hist.pdbx_refine_id                   'X-RAY DIFFRACTION' 
_refine_hist.cycle_id                         LAST 
_refine_hist.pdbx_number_atoms_protein        1150 
_refine_hist.pdbx_number_atoms_nucleic_acid   0 
_refine_hist.pdbx_number_atoms_ligand         0 
_refine_hist.number_atoms_solvent             39 
_refine_hist.number_atoms_total               1189 
_refine_hist.d_res_high                       2.02 
_refine_hist.d_res_low                        34.68 
# 
loop_
_refine_ls_restr.type 
_refine_ls_restr.dev_ideal 
_refine_ls_restr.dev_ideal_target 
_refine_ls_restr.weight 
_refine_ls_restr.number 
_refine_ls_restr.pdbx_refine_id 
_refine_ls_restr.pdbx_restraint_function 
r_bond_refined_d             0.009  0.022  ? 1177 'X-RAY DIFFRACTION' ? 
r_bond_other_d               ?      ?      ? ?    'X-RAY DIFFRACTION' ? 
r_angle_refined_deg          1.168  1.994  ? 1577 'X-RAY DIFFRACTION' ? 
r_angle_other_deg            ?      ?      ? ?    'X-RAY DIFFRACTION' ? 
r_dihedral_angle_1_deg       5.271  5.000  ? 141  'X-RAY DIFFRACTION' ? 
r_dihedral_angle_2_deg       41.632 24.898 ? 49   'X-RAY DIFFRACTION' ? 
r_dihedral_angle_3_deg       16.379 15.000 ? 228  'X-RAY DIFFRACTION' ? 
r_dihedral_angle_4_deg       18.101 15.000 ? 3    'X-RAY DIFFRACTION' ? 
r_chiral_restr               0.080  0.200  ? 166  'X-RAY DIFFRACTION' ? 
r_gen_planes_refined         0.004  0.020  ? 866  'X-RAY DIFFRACTION' ? 
r_gen_planes_other           ?      ?      ? ?    'X-RAY DIFFRACTION' ? 
r_nbd_refined                0.179  0.200  ? 510  'X-RAY DIFFRACTION' ? 
r_nbd_other                  ?      ?      ? ?    'X-RAY DIFFRACTION' ? 
r_nbtor_refined              0.305  0.200  ? 788  'X-RAY DIFFRACTION' ? 
r_nbtor_other                ?      ?      ? ?    'X-RAY DIFFRACTION' ? 
r_xyhbond_nbd_refined        0.106  0.200  ? 50   'X-RAY DIFFRACTION' ? 
r_xyhbond_nbd_other          ?      ?      ? ?    'X-RAY DIFFRACTION' ? 
r_metal_ion_refined          ?      ?      ? ?    'X-RAY DIFFRACTION' ? 
r_metal_ion_other            ?      ?      ? ?    'X-RAY DIFFRACTION' ? 
r_symmetry_vdw_refined       0.196  0.200  ? 16   'X-RAY DIFFRACTION' ? 
r_symmetry_vdw_other         ?      ?      ? ?    'X-RAY DIFFRACTION' ? 
r_symmetry_hbond_refined     0.240  0.200  ? 6    'X-RAY DIFFRACTION' ? 
r_symmetry_hbond_other       ?      ?      ? ?    'X-RAY DIFFRACTION' ? 
r_symmetry_metal_ion_refined ?      ?      ? ?    'X-RAY DIFFRACTION' ? 
r_symmetry_metal_ion_other   ?      ?      ? ?    'X-RAY DIFFRACTION' ? 
r_mcbond_it                  0.294  1.500  ? 733  'X-RAY DIFFRACTION' ? 
r_mcbond_other               ?      ?      ? ?    'X-RAY DIFFRACTION' ? 
r_mcangle_it                 0.470  2.000  ? 1145 'X-RAY DIFFRACTION' ? 
r_scbond_it                  0.836  3.000  ? 509  'X-RAY DIFFRACTION' ? 
r_scangle_it                 1.234  4.500  ? 432  'X-RAY DIFFRACTION' ? 
r_rigid_bond_restr           ?      ?      ? ?    'X-RAY DIFFRACTION' ? 
r_sphericity_free            ?      ?      ? ?    'X-RAY DIFFRACTION' ? 
r_sphericity_bonded          ?      ?      ? ?    'X-RAY DIFFRACTION' ? 
# 
_refine_ls_shell.pdbx_total_number_of_bins_used   20 
_refine_ls_shell.d_res_high                       2.019 
_refine_ls_shell.d_res_low                        2.071 
_refine_ls_shell.number_reflns_R_work             147 
_refine_ls_shell.R_factor_R_work                  0.229 
_refine_ls_shell.percent_reflns_obs               17.20 
_refine_ls_shell.R_factor_R_free                  0.170 
_refine_ls_shell.R_factor_R_free_error            ? 
_refine_ls_shell.percent_reflns_R_free            ? 
_refine_ls_shell.number_reflns_R_free             9 
_refine_ls_shell.number_reflns_all                ? 
_refine_ls_shell.R_factor_all                     ? 
_refine_ls_shell.number_reflns_obs                ? 
_refine_ls_shell.redundancy_reflns_obs            ? 
_refine_ls_shell.pdbx_refine_id                   'X-RAY DIFFRACTION' 
# 
_struct.entry_id                  3CMI 
_struct.title                     
'Crystal structure of glutathione-dependent phospholipid peroxidase Hyr1 from the yeast Saccharomyces cerevisiae' 
_struct.pdbx_model_details        ? 
_struct.pdbx_CASP_flag            ? 
_struct.pdbx_model_type_details   ? 
# 
_struct_keywords.entry_id        3CMI 
_struct_keywords.pdbx_keywords   OXIDOREDUCTASE 
_struct_keywords.text            'Thioredoxin-like fold, Oxidoreductase, Peroxidase, Redox-active center' 
# 
loop_
_struct_asym.id 
_struct_asym.pdbx_blank_PDB_chainid_flag 
_struct_asym.pdbx_modified 
_struct_asym.entity_id 
_struct_asym.details 
A N N 1 ? 
B N N 2 ? 
# 
_struct_biol.id        1 
_struct_biol.details   ? 
# 
loop_
_struct_conf.conf_type_id 
_struct_conf.id 
_struct_conf.pdbx_PDB_helix_id 
_struct_conf.beg_label_comp_id 
_struct_conf.beg_label_asym_id 
_struct_conf.beg_label_seq_id 
_struct_conf.pdbx_beg_PDB_ins_code 
_struct_conf.end_label_comp_id 
_struct_conf.end_label_asym_id 
_struct_conf.end_label_seq_id 
_struct_conf.pdbx_end_PDB_ins_code 
_struct_conf.beg_auth_comp_id 
_struct_conf.beg_auth_asym_id 
_struct_conf.beg_auth_seq_id 
_struct_conf.end_auth_comp_id 
_struct_conf.end_auth_asym_id 
_struct_conf.end_auth_seq_id 
_struct_conf.pdbx_PDB_helix_class 
_struct_conf.details 
_struct_conf.pdbx_PDB_helix_length 
HELX_P HELX_P1 1 SER A 10  ? LEU A 15  ? SER A 2   LEU A 7   5 ? 6  
HELX_P HELX_P2 2 PRO A 26  ? LYS A 31  ? PRO A 18  LYS A 23  5 ? 6  
HELX_P HELX_P3 3 PHE A 46  ? LYS A 61  ? PHE A 38  LYS A 53  1 ? 16 
HELX_P HELX_P4 4 ASP A 112 ? LYS A 122 ? ASP A 104 LYS A 114 1 ? 11 
HELX_P HELX_P5 5 LYS A 155 ? SER A 158 ? LYS A 147 SER A 150 5 ? 4  
HELX_P HELX_P6 6 LEU A 159 ? LYS A 168 ? LEU A 151 LYS A 160 1 ? 10 
# 
_struct_conf_type.id          HELX_P 
_struct_conf_type.criteria    ? 
_struct_conf_type.reference   ? 
# 
_struct_sheet.id               A 
_struct_sheet.type             ? 
_struct_sheet.number_strands   4 
_struct_sheet.details          ? 
# 
loop_
_struct_sheet_order.sheet_id 
_struct_sheet_order.range_id_1 
_struct_sheet_order.range_id_2 
_struct_sheet_order.offset 
_struct_sheet_order.sense 
A 1 2 ? parallel      
A 2 3 ? anti-parallel 
A 3 4 ? anti-parallel 
# 
loop_
_struct_sheet_range.sheet_id 
_struct_sheet_range.id 
_struct_sheet_range.beg_label_comp_id 
_struct_sheet_range.beg_label_asym_id 
_struct_sheet_range.beg_label_seq_id 
_struct_sheet_range.pdbx_beg_PDB_ins_code 
_struct_sheet_range.end_label_comp_id 
_struct_sheet_range.end_label_asym_id 
_struct_sheet_range.end_label_seq_id 
_struct_sheet_range.pdbx_end_PDB_ins_code 
_struct_sheet_range.beg_auth_comp_id 
_struct_sheet_range.beg_auth_asym_id 
_struct_sheet_range.beg_auth_seq_id 
_struct_sheet_range.end_auth_comp_id 
_struct_sheet_range.end_auth_asym_id 
_struct_sheet_range.end_auth_seq_id 
A 1 PHE A 65  ? CYS A 72  ? PHE A 57  CYS A 64  
A 2 VAL A 34  ? ALA A 41  ? VAL A 26  ALA A 33  
A 3 LYS A 137 ? VAL A 140 ? LYS A 129 VAL A 132 
A 4 VAL A 146 ? TYR A 150 ? VAL A 138 TYR A 142 
# 
loop_
_pdbx_struct_sheet_hbond.sheet_id 
_pdbx_struct_sheet_hbond.range_id_1 
_pdbx_struct_sheet_hbond.range_id_2 
_pdbx_struct_sheet_hbond.range_1_label_atom_id 
_pdbx_struct_sheet_hbond.range_1_label_comp_id 
_pdbx_struct_sheet_hbond.range_1_label_asym_id 
_pdbx_struct_sheet_hbond.range_1_label_seq_id 
_pdbx_struct_sheet_hbond.range_1_PDB_ins_code 
_pdbx_struct_sheet_hbond.range_1_auth_atom_id 
_pdbx_struct_sheet_hbond.range_1_auth_comp_id 
_pdbx_struct_sheet_hbond.range_1_auth_asym_id 
_pdbx_struct_sheet_hbond.range_1_auth_seq_id 
_pdbx_struct_sheet_hbond.range_2_label_atom_id 
_pdbx_struct_sheet_hbond.range_2_label_comp_id 
_pdbx_struct_sheet_hbond.range_2_label_asym_id 
_pdbx_struct_sheet_hbond.range_2_label_seq_id 
_pdbx_struct_sheet_hbond.range_2_PDB_ins_code 
_pdbx_struct_sheet_hbond.range_2_auth_atom_id 
_pdbx_struct_sheet_hbond.range_2_auth_comp_id 
_pdbx_struct_sheet_hbond.range_2_auth_asym_id 
_pdbx_struct_sheet_hbond.range_2_auth_seq_id 
A 1 2 O PHE A 70  ? O PHE A 62  N VAL A 40  ? N VAL A 32  
A 2 3 N ILE A 37  ? N ILE A 29  O PHE A 138 ? O PHE A 130 
A 3 4 N LYS A 137 ? N LYS A 129 O TYR A 150 ? O TYR A 142 
# 
_atom_sites.entry_id                    3CMI 
_atom_sites.fract_transf_matrix[1][1]   0.01965526 
_atom_sites.fract_transf_matrix[1][2]   0.01564029 
_atom_sites.fract_transf_matrix[1][3]   0.00277963 
_atom_sites.fract_transf_matrix[2][1]   -0.00186236 
_atom_sites.fract_transf_matrix[2][2]   0.00491546 
_atom_sites.fract_transf_matrix[2][3]   -0.01448898 
_atom_sites.fract_transf_matrix[3][1]   -0.00856500 
_atom_sites.fract_transf_matrix[3][2]   0.00996709 
_atom_sites.fract_transf_matrix[3][3]   0.00448230 
_atom_sites.fract_transf_vector[1]      0.197846 
_atom_sites.fract_transf_vector[2]      0.243868 
_atom_sites.fract_transf_vector[3]      0.261788 
# 
loop_
_atom_type.symbol 
C 
N 
O 
S 
# 
loop_
_atom_site.group_PDB 
_atom_site.id 
_atom_site.type_symbol 
_atom_site.label_atom_id 
_atom_site.label_alt_id 
_atom_site.label_comp_id 
_atom_site.label_asym_id 
_atom_site.label_entity_id 
_atom_site.label_seq_id 
_atom_site.pdbx_PDB_ins_code 
_atom_site.Cartn_x 
_atom_site.Cartn_y 
_atom_site.Cartn_z 
_atom_site.occupancy 
_atom_site.B_iso_or_equiv 
_atom_site.pdbx_formal_charge 
_atom_site.auth_seq_id 
_atom_site.auth_comp_id 
_atom_site.auth_asym_id 
_atom_site.auth_atom_id 
_atom_site.pdbx_PDB_model_num 
ATOM   1    N N   . SER A 1 10  ? 11.362  -10.250 -8.836  1.00 46.49 ? 2   SER A N   1 
ATOM   2    C CA  . SER A 1 10  ? 9.945   -9.880  -9.123  1.00 46.41 ? 2   SER A CA  1 
ATOM   3    C C   . SER A 1 10  ? 9.839   -8.478  -9.720  1.00 46.23 ? 2   SER A C   1 
ATOM   4    O O   . SER A 1 10  ? 10.718  -7.636  -9.505  1.00 46.34 ? 2   SER A O   1 
ATOM   5    C CB  . SER A 1 10  ? 9.094   -9.978  -7.852  1.00 46.55 ? 2   SER A CB  1 
ATOM   6    O OG  . SER A 1 10  ? 9.476   -8.996  -6.904  1.00 46.98 ? 2   SER A OG  1 
ATOM   7    N N   . GLU A 1 11  ? 8.758   -8.242  -10.466 1.00 45.79 ? 3   GLU A N   1 
ATOM   8    C CA  . GLU A 1 11  ? 8.479   -6.943  -11.086 1.00 45.43 ? 3   GLU A CA  1 
ATOM   9    C C   . GLU A 1 11  ? 8.250   -5.867  -10.023 1.00 44.49 ? 3   GLU A C   1 
ATOM   10   O O   . GLU A 1 11  ? 8.464   -4.678  -10.272 1.00 44.44 ? 3   GLU A O   1 
ATOM   11   C CB  . GLU A 1 11  ? 7.257   -7.045  -12.008 1.00 45.41 ? 3   GLU A CB  1 
ATOM   12   C CG  . GLU A 1 11  ? 7.143   -5.919  -13.039 1.00 46.61 ? 3   GLU A CG  1 
ATOM   13   C CD  . GLU A 1 11  ? 5.842   -5.959  -13.837 1.00 46.61 ? 3   GLU A CD  1 
ATOM   14   O OE1 . GLU A 1 11  ? 5.204   -4.891  -13.973 1.00 48.35 ? 3   GLU A OE1 1 
ATOM   15   O OE2 . GLU A 1 11  ? 5.457   -7.045  -14.326 1.00 47.77 ? 3   GLU A OE2 1 
ATOM   16   N N   . PHE A 1 12  ? 7.819   -6.304  -8.841  1.00 43.33 ? 4   PHE A N   1 
ATOM   17   C CA  . PHE A 1 12  ? 7.577   -5.426  -7.699  1.00 42.31 ? 4   PHE A CA  1 
ATOM   18   C C   . PHE A 1 12  ? 8.809   -4.609  -7.298  1.00 41.82 ? 4   PHE A C   1 
ATOM   19   O O   . PHE A 1 12  ? 8.696   -3.426  -6.984  1.00 41.73 ? 4   PHE A O   1 
ATOM   20   C CB  . PHE A 1 12  ? 7.080   -6.252  -6.505  1.00 42.14 ? 4   PHE A CB  1 
ATOM   21   C CG  . PHE A 1 12  ? 6.785   -5.438  -5.277  1.00 41.44 ? 4   PHE A CG  1 
ATOM   22   C CD1 . PHE A 1 12  ? 5.626   -4.671  -5.197  1.00 41.20 ? 4   PHE A CD1 1 
ATOM   23   C CD2 . PHE A 1 12  ? 7.665   -5.443  -4.200  1.00 40.68 ? 4   PHE A CD2 1 
ATOM   24   C CE1 . PHE A 1 12  ? 5.350   -3.920  -4.060  1.00 41.22 ? 4   PHE A CE1 1 
ATOM   25   C CE2 . PHE A 1 12  ? 7.402   -4.696  -3.060  1.00 40.54 ? 4   PHE A CE2 1 
ATOM   26   C CZ  . PHE A 1 12  ? 6.245   -3.932  -2.985  1.00 41.16 ? 4   PHE A CZ  1 
ATOM   27   N N   . TYR A 1 13  ? 9.979   -5.242  -7.305  1.00 41.19 ? 5   TYR A N   1 
ATOM   28   C CA  . TYR A 1 13  ? 11.203  -4.582  -6.859  1.00 40.74 ? 5   TYR A CA  1 
ATOM   29   C C   . TYR A 1 13  ? 11.775  -3.636  -7.910  1.00 40.44 ? 5   TYR A C   1 
ATOM   30   O O   . TYR A 1 13  ? 12.673  -2.847  -7.611  1.00 40.40 ? 5   TYR A O   1 
ATOM   31   C CB  . TYR A 1 13  ? 12.252  -5.607  -6.411  1.00 40.58 ? 5   TYR A CB  1 
ATOM   32   C CG  . TYR A 1 13  ? 11.830  -6.446  -5.220  1.00 40.67 ? 5   TYR A CG  1 
ATOM   33   C CD1 . TYR A 1 13  ? 11.267  -5.855  -4.086  1.00 40.26 ? 5   TYR A CD1 1 
ATOM   34   C CD2 . TYR A 1 13  ? 12.004  -7.828  -5.223  1.00 40.54 ? 5   TYR A CD2 1 
ATOM   35   C CE1 . TYR A 1 13  ? 10.881  -6.622  -2.988  1.00 40.80 ? 5   TYR A CE1 1 
ATOM   36   C CE2 . TYR A 1 13  ? 11.623  -8.604  -4.131  1.00 40.83 ? 5   TYR A CE2 1 
ATOM   37   C CZ  . TYR A 1 13  ? 11.061  -7.994  -3.019  1.00 40.72 ? 5   TYR A CZ  1 
ATOM   38   O OH  . TYR A 1 13  ? 10.686  -8.757  -1.937  1.00 41.02 ? 5   TYR A OH  1 
ATOM   39   N N   . LYS A 1 14  ? 11.242  -3.718  -9.128  1.00 40.23 ? 6   LYS A N   1 
ATOM   40   C CA  . LYS A 1 14  ? 11.619  -2.828  -10.230 1.00 40.14 ? 6   LYS A CA  1 
ATOM   41   C C   . LYS A 1 14  ? 10.944  -1.458  -10.118 1.00 39.90 ? 6   LYS A C   1 
ATOM   42   O O   . LYS A 1 14  ? 11.403  -0.482  -10.712 1.00 39.94 ? 6   LYS A O   1 
ATOM   43   C CB  . LYS A 1 14  ? 11.271  -3.469  -11.577 1.00 40.11 ? 6   LYS A CB  1 
ATOM   44   C CG  . LYS A 1 14  ? 12.237  -4.551  -12.044 1.00 40.35 ? 6   LYS A CG  1 
ATOM   45   C CD  . LYS A 1 14  ? 11.562  -5.473  -13.052 1.00 40.62 ? 6   LYS A CD  1 
ATOM   46   C CE  . LYS A 1 14  ? 12.521  -6.515  -13.609 1.00 41.01 ? 6   LYS A CE  1 
ATOM   47   N NZ  . LYS A 1 14  ? 13.238  -6.023  -14.825 1.00 41.57 ? 6   LYS A NZ  1 
ATOM   48   N N   . LEU A 1 15  ? 9.854   -1.403  -9.353  1.00 39.48 ? 7   LEU A N   1 
ATOM   49   C CA  . LEU A 1 15  ? 9.078   -0.181  -9.140  1.00 39.15 ? 7   LEU A CA  1 
ATOM   50   C C   . LEU A 1 15  ? 9.864   0.892   -8.395  1.00 39.28 ? 7   LEU A C   1 
ATOM   51   O O   . LEU A 1 15  ? 10.558  0.600   -7.423  1.00 38.89 ? 7   LEU A O   1 
ATOM   52   C CB  . LEU A 1 15  ? 7.808   -0.501  -8.351  1.00 38.76 ? 7   LEU A CB  1 
ATOM   53   C CG  . LEU A 1 15  ? 6.477   -0.869  -9.022  1.00 38.52 ? 7   LEU A CG  1 
ATOM   54   C CD1 . LEU A 1 15  ? 6.573   -1.226  -10.510 1.00 37.76 ? 7   LEU A CD1 1 
ATOM   55   C CD2 . LEU A 1 15  ? 5.769   -1.977  -8.220  1.00 36.14 ? 7   LEU A CD2 1 
ATOM   56   N N   . ALA A 1 16  ? 9.740   2.133   -8.857  1.00 39.30 ? 8   ALA A N   1 
ATOM   57   C CA  . ALA A 1 16  ? 10.365  3.267   -8.188  1.00 39.56 ? 8   ALA A CA  1 
ATOM   58   C C   . ALA A 1 16  ? 9.480   4.514   -8.296  1.00 39.73 ? 8   ALA A C   1 
ATOM   59   O O   . ALA A 1 16  ? 9.749   5.404   -9.116  1.00 39.78 ? 8   ALA A O   1 
ATOM   60   C CB  . ALA A 1 16  ? 11.770  3.531   -8.762  1.00 39.25 ? 8   ALA A CB  1 
ATOM   61   N N   . PRO A 1 17  ? 8.416   4.584   -7.469  1.00 39.75 ? 9   PRO A N   1 
ATOM   62   C CA  . PRO A 1 17  ? 7.560   5.769   -7.452  1.00 39.69 ? 9   PRO A CA  1 
ATOM   63   C C   . PRO A 1 17  ? 8.281   6.976   -6.859  1.00 39.66 ? 9   PRO A C   1 
ATOM   64   O O   . PRO A 1 17  ? 9.235   6.816   -6.091  1.00 39.62 ? 9   PRO A O   1 
ATOM   65   C CB  . PRO A 1 17  ? 6.413   5.352   -6.533  1.00 39.71 ? 9   PRO A CB  1 
ATOM   66   C CG  . PRO A 1 17  ? 7.032   4.350   -5.608  1.00 39.90 ? 9   PRO A CG  1 
ATOM   67   C CD  . PRO A 1 17  ? 7.961   3.573   -6.494  1.00 39.83 ? 9   PRO A CD  1 
ATOM   68   N N   . VAL A 1 18  ? 7.820   8.169   -7.211  1.00 39.50 ? 10  VAL A N   1 
ATOM   69   C CA  . VAL A 1 18  ? 8.378   9.402   -6.661  1.00 39.54 ? 10  VAL A CA  1 
ATOM   70   C C   . VAL A 1 18  ? 7.882   9.583   -5.220  1.00 39.43 ? 10  VAL A C   1 
ATOM   71   O O   . VAL A 1 18  ? 6.694   9.425   -4.953  1.00 39.21 ? 10  VAL A O   1 
ATOM   72   C CB  . VAL A 1 18  ? 7.988   10.624  -7.527  1.00 39.51 ? 10  VAL A CB  1 
ATOM   73   C CG1 . VAL A 1 18  ? 8.611   11.882  -6.986  1.00 39.52 ? 10  VAL A CG1 1 
ATOM   74   C CG2 . VAL A 1 18  ? 8.407   10.416  -8.986  1.00 39.33 ? 10  VAL A CG2 1 
ATOM   75   N N   . ASP A 1 19  ? 8.785   9.912   -4.296  1.00 39.52 ? 11  ASP A N   1 
ATOM   76   C CA  . ASP A 1 19  ? 8.375   10.108  -2.902  1.00 39.78 ? 11  ASP A CA  1 
ATOM   77   C C   . ASP A 1 19  ? 7.840   11.522  -2.652  1.00 40.25 ? 11  ASP A C   1 
ATOM   78   O O   . ASP A 1 19  ? 7.747   12.332  -3.583  1.00 39.98 ? 11  ASP A O   1 
ATOM   79   C CB  . ASP A 1 19  ? 9.478   9.694   -1.899  1.00 39.41 ? 11  ASP A CB  1 
ATOM   80   C CG  . ASP A 1 19  ? 10.613  10.722  -1.770  1.00 39.46 ? 11  ASP A CG  1 
ATOM   81   O OD1 . ASP A 1 19  ? 11.568  10.438  -1.013  1.00 38.51 ? 11  ASP A OD1 1 
ATOM   82   O OD2 . ASP A 1 19  ? 10.571  11.802  -2.402  1.00 39.10 ? 11  ASP A OD2 1 
ATOM   83   N N   . LYS A 1 20  ? 7.482   11.796  -1.399  1.00 40.86 ? 12  LYS A N   1 
ATOM   84   C CA  . LYS A 1 20  ? 6.922   13.083  -0.972  1.00 41.61 ? 12  LYS A CA  1 
ATOM   85   C C   . LYS A 1 20  ? 7.849   14.272  -1.262  1.00 41.64 ? 12  LYS A C   1 
ATOM   86   O O   . LYS A 1 20  ? 7.374   15.365  -1.583  1.00 41.64 ? 12  LYS A O   1 
ATOM   87   C CB  . LYS A 1 20  ? 6.594   13.021  0.525   1.00 41.90 ? 12  LYS A CB  1 
ATOM   88   C CG  . LYS A 1 20  ? 5.623   14.085  1.031   1.00 42.67 ? 12  LYS A CG  1 
ATOM   89   C CD  . LYS A 1 20  ? 5.524   14.077  2.558   1.00 42.26 ? 12  LYS A CD  1 
ATOM   90   C CE  . LYS A 1 20  ? 6.727   14.754  3.205   1.00 43.49 ? 12  LYS A CE  1 
ATOM   91   N NZ  . LYS A 1 20  ? 6.556   14.955  4.676   1.00 44.10 ? 12  LYS A NZ  1 
ATOM   92   N N   . LYS A 1 21  ? 9.161   14.057  -1.151  1.00 41.75 ? 13  LYS A N   1 
ATOM   93   C CA  . LYS A 1 21  ? 10.159  15.099  -1.444  1.00 41.83 ? 13  LYS A CA  1 
ATOM   94   C C   . LYS A 1 21  ? 10.490  15.185  -2.946  1.00 41.67 ? 13  LYS A C   1 
ATOM   95   O O   . LYS A 1 21  ? 11.377  15.944  -3.359  1.00 41.50 ? 13  LYS A O   1 
ATOM   96   C CB  . LYS A 1 21  ? 11.448  14.868  -0.638  1.00 42.13 ? 13  LYS A CB  1 
ATOM   97   C CG  . LYS A 1 21  ? 11.279  14.670  0.881   1.00 43.09 ? 13  LYS A CG  1 
ATOM   98   C CD  . LYS A 1 21  ? 11.118  15.992  1.631   1.00 45.02 ? 13  LYS A CD  1 
ATOM   99   C CE  . LYS A 1 21  ? 11.347  15.827  3.136   1.00 45.96 ? 13  LYS A CE  1 
ATOM   100  N NZ  . LYS A 1 21  ? 12.721  16.275  3.575   1.00 47.02 ? 13  LYS A NZ  1 
ATOM   101  N N   . GLY A 1 22  ? 9.778   14.403  -3.759  1.00 41.39 ? 14  GLY A N   1 
ATOM   102  C CA  . GLY A 1 22  ? 9.992   14.391  -5.204  1.00 41.26 ? 14  GLY A CA  1 
ATOM   103  C C   . GLY A 1 22  ? 11.194  13.565  -5.635  1.00 41.01 ? 14  GLY A C   1 
ATOM   104  O O   . GLY A 1 22  ? 11.729  13.764  -6.736  1.00 40.58 ? 14  GLY A O   1 
ATOM   105  N N   . GLN A 1 23  ? 11.608  12.624  -4.768  1.00 40.79 ? 15  GLN A N   1 
ATOM   106  C CA  . GLN A 1 23  ? 12.777  11.787  -5.058  1.00 40.71 ? 15  GLN A CA  1 
ATOM   107  C C   . GLN A 1 23  ? 12.370  10.323  -5.290  1.00 40.33 ? 15  GLN A C   1 
ATOM   108  O O   . GLN A 1 23  ? 11.380  9.846   -4.702  1.00 40.33 ? 15  GLN A O   1 
ATOM   109  C CB  . GLN A 1 23  ? 13.813  11.875  -3.929  1.00 40.92 ? 15  GLN A CB  1 
ATOM   110  C CG  . GLN A 1 23  ? 14.462  13.269  -3.748  1.00 41.33 ? 15  GLN A CG  1 
ATOM   111  C CD  . GLN A 1 23  ? 15.081  13.857  -5.084  1.00 42.79 ? 15  GLN A CD  1 
ATOM   112  O OE1 . GLN A 1 23  ? 15.658  12.981  -5.806  1.00 43.08 ? 15  GLN A OE1 1 
ATOM   113  N NE2 . GLN A 1 23  ? 14.652  15.234  -5.458  1.00 44.07 ? 15  GLN A NE2 1 
ATOM   114  N N   . PRO A 1 24  ? 13.135  9.602   -6.150  1.00 39.97 ? 16  PRO A N   1 
ATOM   115  C CA  . PRO A 1 24  ? 12.872  8.182   -6.395  1.00 39.55 ? 16  PRO A CA  1 
ATOM   116  C C   . PRO A 1 24  ? 12.851  7.374   -5.106  1.00 39.56 ? 16  PRO A C   1 
ATOM   117  O O   . PRO A 1 24  ? 13.735  7.521   -4.254  1.00 38.97 ? 16  PRO A O   1 
ATOM   118  C CB  . PRO A 1 24  ? 14.052  7.743   -7.265  1.00 39.78 ? 16  PRO A CB  1 
ATOM   119  C CG  . PRO A 1 24  ? 14.493  9.005   -7.958  1.00 39.41 ? 16  PRO A CG  1 
ATOM   120  C CD  . PRO A 1 24  ? 14.285  10.098  -6.943  1.00 39.59 ? 16  PRO A CD  1 
ATOM   121  N N   . PHE A 1 25  ? 11.819  6.546   -4.964  1.00 39.49 ? 17  PHE A N   1 
ATOM   122  C CA  . PHE A 1 25  ? 11.718  5.621   -3.848  1.00 39.55 ? 17  PHE A CA  1 
ATOM   123  C C   . PHE A 1 25  ? 11.738  4.202   -4.409  1.00 39.65 ? 17  PHE A C   1 
ATOM   124  O O   . PHE A 1 25  ? 10.683  3.632   -4.710  1.00 39.62 ? 17  PHE A O   1 
ATOM   125  C CB  . PHE A 1 25  ? 10.450  5.885   -3.031  1.00 39.80 ? 17  PHE A CB  1 
ATOM   126  C CG  . PHE A 1 25  ? 10.373  5.085   -1.756  1.00 40.21 ? 17  PHE A CG  1 
ATOM   127  C CD1 . PHE A 1 25  ? 11.006  5.533   -0.601  1.00 40.78 ? 17  PHE A CD1 1 
ATOM   128  C CD2 . PHE A 1 25  ? 9.683   3.875   -1.715  1.00 39.77 ? 17  PHE A CD2 1 
ATOM   129  C CE1 . PHE A 1 25  ? 10.946  4.795   0.580   1.00 40.25 ? 17  PHE A CE1 1 
ATOM   130  C CE2 . PHE A 1 25  ? 9.621   3.134   -0.545  1.00 40.29 ? 17  PHE A CE2 1 
ATOM   131  C CZ  . PHE A 1 25  ? 10.254  3.595   0.604   1.00 40.41 ? 17  PHE A CZ  1 
ATOM   132  N N   . PRO A 1 26  ? 12.943  3.626   -4.567  1.00 39.82 ? 18  PRO A N   1 
ATOM   133  C CA  . PRO A 1 26  ? 13.045  2.324   -5.224  1.00 40.03 ? 18  PRO A CA  1 
ATOM   134  C C   . PRO A 1 26  ? 12.552  1.188   -4.330  1.00 40.13 ? 18  PRO A C   1 
ATOM   135  O O   . PRO A 1 26  ? 12.940  1.103   -3.165  1.00 40.32 ? 18  PRO A O   1 
ATOM   136  C CB  . PRO A 1 26  ? 14.541  2.194   -5.527  1.00 39.99 ? 18  PRO A CB  1 
ATOM   137  C CG  . PRO A 1 26  ? 15.221  3.062   -4.522  1.00 40.18 ? 18  PRO A CG  1 
ATOM   138  C CD  . PRO A 1 26  ? 14.256  4.149   -4.140  1.00 40.04 ? 18  PRO A CD  1 
ATOM   139  N N   . PHE A 1 27  ? 11.693  0.332   -4.875  1.00 40.07 ? 19  PHE A N   1 
ATOM   140  C CA  . PHE A 1 27  ? 11.098  -0.761  -4.100  1.00 40.21 ? 19  PHE A CA  1 
ATOM   141  C C   . PHE A 1 27  ? 12.076  -1.904  -3.812  1.00 40.30 ? 19  PHE A C   1 
ATOM   142  O O   . PHE A 1 27  ? 11.743  -2.831  -3.079  1.00 39.92 ? 19  PHE A O   1 
ATOM   143  C CB  . PHE A 1 27  ? 9.849   -1.299  -4.805  1.00 39.96 ? 19  PHE A CB  1 
ATOM   144  C CG  . PHE A 1 27  ? 8.579   -0.550  -4.478  1.00 40.06 ? 19  PHE A CG  1 
ATOM   145  C CD1 . PHE A 1 27  ? 8.609   0.742   -3.951  1.00 39.98 ? 19  PHE A CD1 1 
ATOM   146  C CD2 . PHE A 1 27  ? 7.341   -1.131  -4.737  1.00 39.58 ? 19  PHE A CD2 1 
ATOM   147  C CE1 . PHE A 1 27  ? 7.426   1.424   -3.663  1.00 39.45 ? 19  PHE A CE1 1 
ATOM   148  C CE2 . PHE A 1 27  ? 6.155   -0.453  -4.457  1.00 39.15 ? 19  PHE A CE2 1 
ATOM   149  C CZ  . PHE A 1 27  ? 6.197   0.822   -3.919  1.00 39.52 ? 19  PHE A CZ  1 
ATOM   150  N N   . ASP A 1 28  ? 13.281  -1.845  -4.378  1.00 40.74 ? 20  ASP A N   1 
ATOM   151  C CA  . ASP A 1 28  ? 14.283  -2.872  -4.095  1.00 41.45 ? 20  ASP A CA  1 
ATOM   152  C C   . ASP A 1 28  ? 14.744  -2.823  -2.631  1.00 41.64 ? 20  ASP A C   1 
ATOM   153  O O   . ASP A 1 28  ? 15.195  -3.833  -2.087  1.00 41.99 ? 20  ASP A O   1 
ATOM   154  C CB  . ASP A 1 28  ? 15.467  -2.807  -5.072  1.00 41.60 ? 20  ASP A CB  1 
ATOM   155  C CG  . ASP A 1 28  ? 16.318  -1.565  -4.891  1.00 42.53 ? 20  ASP A CG  1 
ATOM   156  O OD1 . ASP A 1 28  ? 17.522  -1.628  -5.210  1.00 43.56 ? 20  ASP A OD1 1 
ATOM   157  O OD2 . ASP A 1 28  ? 15.791  -0.527  -4.437  1.00 44.00 ? 20  ASP A OD2 1 
ATOM   158  N N   . GLN A 1 29  ? 14.603  -1.657  -1.998  1.00 41.79 ? 21  GLN A N   1 
ATOM   159  C CA  . GLN A 1 29  ? 14.891  -1.502  -0.565  1.00 41.98 ? 21  GLN A CA  1 
ATOM   160  C C   . GLN A 1 29  ? 13.881  -2.272  0.293   1.00 41.83 ? 21  GLN A C   1 
ATOM   161  O O   . GLN A 1 29  ? 14.086  -2.457  1.497   1.00 41.96 ? 21  GLN A O   1 
ATOM   162  C CB  . GLN A 1 29  ? 14.900  -0.019  -0.167  1.00 41.99 ? 21  GLN A CB  1 
ATOM   163  C CG  . GLN A 1 29  ? 13.512  0.636   -0.103  1.00 42.37 ? 21  GLN A CG  1 
ATOM   164  C CD  . GLN A 1 29  ? 13.577  2.150   0.039   1.00 42.67 ? 21  GLN A CD  1 
ATOM   165  O OE1 . GLN A 1 29  ? 13.339  2.891   -0.924  1.00 43.15 ? 21  GLN A OE1 1 
ATOM   166  N NE2 . GLN A 1 29  ? 13.910  2.616   1.238   1.00 43.32 ? 21  GLN A NE2 1 
ATOM   167  N N   . LEU A 1 30  ? 12.802  -2.720  -0.344  1.00 41.39 ? 22  LEU A N   1 
ATOM   168  C CA  . LEU A 1 30  ? 11.707  -3.418  0.331   1.00 41.27 ? 22  LEU A CA  1 
ATOM   169  C C   . LEU A 1 30  ? 11.891  -4.938  0.368   1.00 40.91 ? 22  LEU A C   1 
ATOM   170  O O   . LEU A 1 30  ? 11.035  -5.652  0.895   1.00 40.59 ? 22  LEU A O   1 
ATOM   171  C CB  . LEU A 1 30  ? 10.376  -3.070  -0.349  1.00 41.30 ? 22  LEU A CB  1 
ATOM   172  C CG  . LEU A 1 30  ? 9.499   -1.909  0.145   1.00 41.93 ? 22  LEU A CG  1 
ATOM   173  C CD1 . LEU A 1 30  ? 10.283  -0.723  0.719   1.00 42.77 ? 22  LEU A CD1 1 
ATOM   174  C CD2 . LEU A 1 30  ? 8.545   -1.461  -0.949  1.00 41.25 ? 22  LEU A CD2 1 
ATOM   175  N N   . LYS A 1 31  ? 13.002  -5.420  -0.192  1.00 40.59 ? 23  LYS A N   1 
ATOM   176  C CA  . LYS A 1 31  ? 13.301  -6.852  -0.260  1.00 40.36 ? 23  LYS A CA  1 
ATOM   177  C C   . LYS A 1 31  ? 13.427  -7.460  1.135   1.00 40.18 ? 23  LYS A C   1 
ATOM   178  O O   . LYS A 1 31  ? 14.148  -6.933  1.986   1.00 40.04 ? 23  LYS A O   1 
ATOM   179  C CB  . LYS A 1 31  ? 14.584  -7.105  -1.062  1.00 40.52 ? 23  LYS A CB  1 
ATOM   180  C CG  . LYS A 1 31  ? 14.443  -6.900  -2.565  1.00 40.54 ? 23  LYS A CG  1 
ATOM   181  C CD  . LYS A 1 31  ? 15.781  -7.001  -3.277  1.00 40.48 ? 23  LYS A CD  1 
ATOM   182  C CE  . LYS A 1 31  ? 15.632  -6.726  -4.769  1.00 40.73 ? 23  LYS A CE  1 
ATOM   183  N NZ  . LYS A 1 31  ? 16.955  -6.602  -5.456  1.00 41.17 ? 23  LYS A NZ  1 
ATOM   184  N N   . GLY A 1 32  ? 12.715  -8.560  1.357   1.00 39.93 ? 24  GLY A N   1 
ATOM   185  C CA  . GLY A 1 32  ? 12.715  -9.241  2.648   1.00 39.98 ? 24  GLY A CA  1 
ATOM   186  C C   . GLY A 1 32  ? 11.760  -8.625  3.654   1.00 39.95 ? 24  GLY A C   1 
ATOM   187  O O   . GLY A 1 32  ? 11.740  -9.021  4.819   1.00 39.96 ? 24  GLY A O   1 
ATOM   188  N N   . LYS A 1 33  ? 10.971  -7.653  3.199   1.00 39.98 ? 25  LYS A N   1 
ATOM   189  C CA  . LYS A 1 33  ? 9.992   -6.971  4.042   1.00 39.91 ? 25  LYS A CA  1 
ATOM   190  C C   . LYS A 1 33  ? 8.576   -7.300  3.612   1.00 39.65 ? 25  LYS A C   1 
ATOM   191  O O   . LYS A 1 33  ? 8.294   -7.421  2.417   1.00 39.51 ? 25  LYS A O   1 
ATOM   192  C CB  . LYS A 1 33  ? 10.190  -5.448  3.996   1.00 40.15 ? 25  LYS A CB  1 
ATOM   193  C CG  . LYS A 1 33  ? 11.207  -4.887  4.991   1.00 41.28 ? 25  LYS A CG  1 
ATOM   194  C CD  . LYS A 1 33  ? 12.635  -5.168  4.566   1.00 44.39 ? 25  LYS A CD  1 
ATOM   195  C CE  . LYS A 1 33  ? 13.650  -4.498  5.497   1.00 45.46 ? 25  LYS A CE  1 
ATOM   196  N NZ  . LYS A 1 33  ? 13.760  -3.039  5.197   1.00 46.65 ? 25  LYS A NZ  1 
ATOM   197  N N   . VAL A 1 34  ? 7.692   -7.452  4.595   1.00 39.30 ? 26  VAL A N   1 
ATOM   198  C CA  . VAL A 1 34  ? 6.258   -7.464  4.346   1.00 38.95 ? 26  VAL A CA  1 
ATOM   199  C C   . VAL A 1 34  ? 5.826   -6.009  4.139   1.00 38.99 ? 26  VAL A C   1 
ATOM   200  O O   . VAL A 1 34  ? 6.211   -5.128  4.903   1.00 38.91 ? 26  VAL A O   1 
ATOM   201  C CB  . VAL A 1 34  ? 5.483   -8.139  5.512   1.00 39.17 ? 26  VAL A CB  1 
ATOM   202  C CG1 . VAL A 1 34  ? 3.965   -8.038  5.310   1.00 37.93 ? 26  VAL A CG1 1 
ATOM   203  C CG2 . VAL A 1 34  ? 5.908   -9.605  5.666   1.00 38.32 ? 26  VAL A CG2 1 
ATOM   204  N N   . VAL A 1 35  ? 5.049   -5.757  3.092   1.00 39.08 ? 27  VAL A N   1 
ATOM   205  C CA  . VAL A 1 35  ? 4.662   -4.391  2.735   1.00 39.32 ? 27  VAL A CA  1 
ATOM   206  C C   . VAL A 1 35  ? 3.147   -4.249  2.605   1.00 39.61 ? 27  VAL A C   1 
ATOM   207  O O   . VAL A 1 35  ? 2.491   -5.048  1.929   1.00 39.16 ? 27  VAL A O   1 
ATOM   208  C CB  . VAL A 1 35  ? 5.336   -3.923  1.402   1.00 39.24 ? 27  VAL A CB  1 
ATOM   209  C CG1 . VAL A 1 35  ? 5.074   -2.443  1.146   1.00 38.77 ? 27  VAL A CG1 1 
ATOM   210  C CG2 . VAL A 1 35  ? 6.839   -4.188  1.427   1.00 39.78 ? 27  VAL A CG2 1 
ATOM   211  N N   . LEU A 1 36  ? 2.603   -3.228  3.261   1.00 39.78 ? 28  LEU A N   1 
ATOM   212  C CA  . LEU A 1 36  ? 1.200   -2.856  3.092   1.00 39.71 ? 28  LEU A CA  1 
ATOM   213  C C   . LEU A 1 36  ? 1.177   -1.615  2.200   1.00 39.62 ? 28  LEU A C   1 
ATOM   214  O O   . LEU A 1 36  ? 1.760   -0.590  2.547   1.00 39.28 ? 28  LEU A O   1 
ATOM   215  C CB  . LEU A 1 36  ? 0.574   -2.575  4.463   1.00 39.91 ? 28  LEU A CB  1 
ATOM   216  C CG  . LEU A 1 36  ? -0.934  -2.621  4.772   1.00 41.21 ? 28  LEU A CG  1 
ATOM   217  C CD1 . LEU A 1 36  ? -1.507  -1.235  5.018   1.00 42.36 ? 28  LEU A CD1 1 
ATOM   218  C CD2 . LEU A 1 36  ? -1.755  -3.360  3.717   1.00 40.60 ? 28  LEU A CD2 1 
ATOM   219  N N   . ILE A 1 37  ? 0.555   -1.715  1.028   1.00 39.35 ? 29  ILE A N   1 
ATOM   220  C CA  . ILE A 1 37  ? 0.432   -0.552  0.163   1.00 39.50 ? 29  ILE A CA  1 
ATOM   221  C C   . ILE A 1 37  ? -0.985  0.001   0.242   1.00 39.28 ? 29  ILE A C   1 
ATOM   222  O O   . ILE A 1 37  ? -1.956  -0.698  -0.049  1.00 39.15 ? 29  ILE A O   1 
ATOM   223  C CB  . ILE A 1 37  ? 0.874   -0.843  -1.301  1.00 39.78 ? 29  ILE A CB  1 
ATOM   224  C CG1 . ILE A 1 37  ? 2.356   -1.244  -1.322  1.00 40.13 ? 29  ILE A CG1 1 
ATOM   225  C CG2 . ILE A 1 37  ? 0.651   0.391   -2.192  1.00 39.66 ? 29  ILE A CG2 1 
ATOM   226  C CD1 . ILE A 1 37  ? 2.904   -1.567  -2.687  1.00 40.13 ? 29  ILE A CD1 1 
ATOM   227  N N   . VAL A 1 38  ? -1.089  1.261   0.650   1.00 38.85 ? 30  VAL A N   1 
ATOM   228  C CA  . VAL A 1 38  ? -2.385  1.892   0.875   1.00 38.55 ? 30  VAL A CA  1 
ATOM   229  C C   . VAL A 1 38  ? -2.488  3.223   0.128   1.00 38.38 ? 30  VAL A C   1 
ATOM   230  O O   . VAL A 1 38  ? -1.604  4.076   0.225   1.00 38.29 ? 30  VAL A O   1 
ATOM   231  C CB  . VAL A 1 38  ? -2.678  2.063   2.402   1.00 38.30 ? 30  VAL A CB  1 
ATOM   232  C CG1 . VAL A 1 38  ? -1.605  2.926   3.089   1.00 38.90 ? 30  VAL A CG1 1 
ATOM   233  C CG2 . VAL A 1 38  ? -4.056  2.638   2.634   1.00 38.10 ? 30  VAL A CG2 1 
ATOM   234  N N   . ASN A 1 39  ? -3.557  3.385   -0.644  1.00 38.05 ? 31  ASN A N   1 
ATOM   235  C CA  . ASN A 1 39  ? -3.854  4.692   -1.216  1.00 37.76 ? 31  ASN A CA  1 
ATOM   236  C C   . ASN A 1 39  ? -4.551  5.545   -0.166  1.00 37.74 ? 31  ASN A C   1 
ATOM   237  O O   . ASN A 1 39  ? -5.502  5.115   0.488   1.00 37.86 ? 31  ASN A O   1 
ATOM   238  C CB  . ASN A 1 39  ? -4.655  4.607   -2.520  1.00 37.56 ? 31  ASN A CB  1 
ATOM   239  C CG  . ASN A 1 39  ? -6.024  3.992   -2.335  1.00 37.19 ? 31  ASN A CG  1 
ATOM   240  O OD1 . ASN A 1 39  ? -7.047  4.674   -2.440  1.00 37.45 ? 31  ASN A OD1 1 
ATOM   241  N ND2 . ASN A 1 39  ? -6.056  2.697   -2.073  1.00 36.61 ? 31  ASN A ND2 1 
ATOM   242  N N   . VAL A 1 40  ? -4.044  6.754   -0.002  1.00 37.51 ? 32  VAL A N   1 
ATOM   243  C CA  . VAL A 1 40  ? -4.414  7.609   1.100   1.00 37.45 ? 32  VAL A CA  1 
ATOM   244  C C   . VAL A 1 40  ? -5.141  8.846   0.581   1.00 37.40 ? 32  VAL A C   1 
ATOM   245  O O   . VAL A 1 40  ? -4.947  9.248   -0.565  1.00 37.39 ? 32  VAL A O   1 
ATOM   246  C CB  . VAL A 1 40  ? -3.138  7.928   1.927   1.00 37.63 ? 32  VAL A CB  1 
ATOM   247  C CG1 . VAL A 1 40  ? -3.044  9.394   2.329   1.00 38.10 ? 32  VAL A CG1 1 
ATOM   248  C CG2 . VAL A 1 40  ? -3.039  6.980   3.112   1.00 36.99 ? 32  VAL A CG2 1 
ATOM   249  N N   . ALA A 1 41  ? -6.001  9.420   1.416   1.00 37.47 ? 33  ALA A N   1 
ATOM   250  C CA  . ALA A 1 41  ? -6.791  10.583  1.029   1.00 37.58 ? 33  ALA A CA  1 
ATOM   251  C C   . ALA A 1 41  ? -5.942  11.851  0.996   1.00 37.72 ? 33  ALA A C   1 
ATOM   252  O O   . ALA A 1 41  ? -5.263  12.183  1.973   1.00 37.87 ? 33  ALA A O   1 
ATOM   253  C CB  . ALA A 1 41  ? -7.972  10.756  1.959   1.00 37.48 ? 33  ALA A CB  1 
ATOM   254  N N   . SER A 1 42  ? -5.987  12.548  -0.138  1.00 37.78 ? 34  SER A N   1 
ATOM   255  C CA  . SER A 1 42  ? -5.261  13.801  -0.313  1.00 37.84 ? 34  SER A CA  1 
ATOM   256  C C   . SER A 1 42  ? -5.883  14.914  0.530   1.00 37.88 ? 34  SER A C   1 
ATOM   257  O O   . SER A 1 42  ? -5.177  15.800  1.015   1.00 37.87 ? 34  SER A O   1 
ATOM   258  C CB  . SER A 1 42  ? -5.234  14.196  -1.789  1.00 37.87 ? 34  SER A CB  1 
ATOM   259  O OG  . SER A 1 42  ? -4.352  15.280  -2.014  1.00 38.06 ? 34  SER A OG  1 
ATOM   260  N N   . LYS A 1 43  ? -7.202  14.854  0.702   1.00 37.95 ? 35  LYS A N   1 
ATOM   261  C CA  . LYS A 1 43  ? -7.935  15.804  1.538   1.00 38.03 ? 35  LYS A CA  1 
ATOM   262  C C   . LYS A 1 43  ? -7.953  15.366  3.004   1.00 38.11 ? 35  LYS A C   1 
ATOM   263  O O   . LYS A 1 43  ? -7.735  14.191  3.317   1.00 38.04 ? 35  LYS A O   1 
ATOM   264  C CB  . LYS A 1 43  ? -9.368  15.985  1.025   1.00 37.98 ? 35  LYS A CB  1 
ATOM   265  C CG  . LYS A 1 43  ? -9.470  16.732  -0.294  1.00 38.04 ? 35  LYS A CG  1 
ATOM   266  C CD  . LYS A 1 43  ? -10.917 16.864  -0.744  1.00 38.10 ? 35  LYS A CD  1 
ATOM   267  C CE  . LYS A 1 43  ? -11.024 17.679  -2.025  1.00 38.17 ? 35  LYS A CE  1 
ATOM   268  N NZ  . LYS A 1 43  ? -12.433 17.795  -2.492  1.00 38.21 ? 35  LYS A NZ  1 
ATOM   269  N N   . CYS A 1 44  ? -8.215  16.323  3.892   1.00 38.27 ? 36  CYS A N   1 
ATOM   270  C CA  . CYS A 1 44  ? -8.264  16.079  5.333   1.00 38.41 ? 36  CYS A CA  1 
ATOM   271  C C   . CYS A 1 44  ? -9.596  15.462  5.763   1.00 38.45 ? 36  CYS A C   1 
ATOM   272  O O   . CYS A 1 44  ? -10.539 15.375  4.971   1.00 38.40 ? 36  CYS A O   1 
ATOM   273  C CB  . CYS A 1 44  ? -8.025  17.384  6.101   1.00 38.45 ? 36  CYS A CB  1 
ATOM   274  S SG  . CYS A 1 44  ? -6.482  18.236  5.699   1.00 38.68 ? 36  CYS A SG  1 
ATOM   275  N N   . GLY A 1 45  ? -9.659  15.030  7.022   1.00 38.55 ? 37  GLY A N   1 
ATOM   276  C CA  . GLY A 1 45  ? -10.896 14.528  7.616   1.00 38.66 ? 37  GLY A CA  1 
ATOM   277  C C   . GLY A 1 45  ? -10.997 13.018  7.703   1.00 38.66 ? 37  GLY A C   1 
ATOM   278  O O   . GLY A 1 45  ? -12.098 12.469  7.789   1.00 38.66 ? 37  GLY A O   1 
ATOM   279  N N   . PHE A 1 46  ? -9.847  12.347  7.690   1.00 38.69 ? 38  PHE A N   1 
ATOM   280  C CA  . PHE A 1 46  ? -9.805  10.888  7.766   1.00 38.77 ? 38  PHE A CA  1 
ATOM   281  C C   . PHE A 1 46  ? -8.877  10.382  8.880   1.00 38.83 ? 38  PHE A C   1 
ATOM   282  O O   . PHE A 1 46  ? -8.283  9.307   8.767   1.00 38.90 ? 38  PHE A O   1 
ATOM   283  C CB  . PHE A 1 46  ? -9.414  10.294  6.406   1.00 38.73 ? 38  PHE A CB  1 
ATOM   284  C CG  . PHE A 1 46  ? -10.432 10.530  5.325   1.00 38.60 ? 38  PHE A CG  1 
ATOM   285  C CD1 . PHE A 1 46  ? -11.528 9.684   5.187   1.00 38.60 ? 38  PHE A CD1 1 
ATOM   286  C CD2 . PHE A 1 46  ? -10.299 11.602  4.448   1.00 38.54 ? 38  PHE A CD2 1 
ATOM   287  C CE1 . PHE A 1 46  ? -12.476 9.904   4.191   1.00 38.63 ? 38  PHE A CE1 1 
ATOM   288  C CE2 . PHE A 1 46  ? -11.241 11.828  3.446   1.00 38.64 ? 38  PHE A CE2 1 
ATOM   289  C CZ  . PHE A 1 46  ? -12.332 10.977  3.318   1.00 38.62 ? 38  PHE A CZ  1 
ATOM   290  N N   . THR A 1 47  ? -8.800  11.150  9.968   1.00 38.90 ? 39  THR A N   1 
ATOM   291  C CA  . THR A 1 47  ? -7.889  10.881  11.092  1.00 38.88 ? 39  THR A CA  1 
ATOM   292  C C   . THR A 1 47  ? -7.930  9.447   11.662  1.00 38.87 ? 39  THR A C   1 
ATOM   293  O O   . THR A 1 47  ? -6.870  8.865   11.902  1.00 38.85 ? 39  THR A O   1 
ATOM   294  C CB  . THR A 1 47  ? -8.070  11.915  12.238  1.00 38.91 ? 39  THR A CB  1 
ATOM   295  O OG1 . THR A 1 47  ? -8.387  13.200  11.688  1.00 39.02 ? 39  THR A OG1 1 
ATOM   296  C CG2 . THR A 1 47  ? -6.800  12.025  13.075  1.00 38.89 ? 39  THR A CG2 1 
ATOM   297  N N   . PRO A 1 48  ? -9.138  8.877   11.895  1.00 38.88 ? 40  PRO A N   1 
ATOM   298  C CA  . PRO A 1 48  ? -9.186  7.499   12.410  1.00 38.89 ? 40  PRO A CA  1 
ATOM   299  C C   . PRO A 1 48  ? -8.438  6.479   11.545  1.00 38.88 ? 40  PRO A C   1 
ATOM   300  O O   . PRO A 1 48  ? -7.857  5.535   12.077  1.00 38.93 ? 40  PRO A O   1 
ATOM   301  C CB  . PRO A 1 48  ? -10.685 7.180   12.420  1.00 38.85 ? 40  PRO A CB  1 
ATOM   302  C CG  . PRO A 1 48  ? -11.344 8.500   12.545  1.00 38.90 ? 40  PRO A CG  1 
ATOM   303  C CD  . PRO A 1 48  ? -10.495 9.437   11.742  1.00 38.87 ? 40  PRO A CD  1 
ATOM   304  N N   . GLN A 1 49  ? -8.450  6.682   10.232  1.00 38.90 ? 41  GLN A N   1 
ATOM   305  C CA  . GLN A 1 49  ? -7.796  5.773   9.291   1.00 38.88 ? 41  GLN A CA  1 
ATOM   306  C C   . GLN A 1 49  ? -6.270  5.826   9.396   1.00 38.87 ? 41  GLN A C   1 
ATOM   307  O O   . GLN A 1 49  ? -5.607  4.785   9.390   1.00 38.82 ? 41  GLN A O   1 
ATOM   308  C CB  . GLN A 1 49  ? -8.252  6.061   7.858   1.00 38.92 ? 41  GLN A CB  1 
ATOM   309  C CG  . GLN A 1 49  ? -9.682  5.611   7.545   1.00 39.04 ? 41  GLN A CG  1 
ATOM   310  C CD  . GLN A 1 49  ? -10.748 6.390   8.310   1.00 39.26 ? 41  GLN A CD  1 
ATOM   311  O OE1 . GLN A 1 49  ? -11.635 5.801   8.936   1.00 39.45 ? 41  GLN A OE1 1 
ATOM   312  N NE2 . GLN A 1 49  ? -10.661 7.716   8.268   1.00 39.24 ? 41  GLN A NE2 1 
ATOM   313  N N   . TYR A 1 50  ? -5.727  7.037   9.503   1.00 38.79 ? 42  TYR A N   1 
ATOM   314  C CA  . TYR A 1 50  ? -4.287  7.238   9.644   1.00 38.84 ? 42  TYR A CA  1 
ATOM   315  C C   . TYR A 1 50  ? -3.762  6.759   10.996  1.00 38.81 ? 42  TYR A C   1 
ATOM   316  O O   . TYR A 1 50  ? -2.640  6.260   11.089  1.00 38.81 ? 42  TYR A O   1 
ATOM   317  C CB  . TYR A 1 50  ? -3.922  8.709   9.426   1.00 39.10 ? 42  TYR A CB  1 
ATOM   318  C CG  . TYR A 1 50  ? -4.307  9.231   8.061   1.00 39.29 ? 42  TYR A CG  1 
ATOM   319  C CD1 . TYR A 1 50  ? -5.454  9.999   7.890   1.00 39.61 ? 42  TYR A CD1 1 
ATOM   320  C CD2 . TYR A 1 50  ? -3.529  8.949   6.940   1.00 39.29 ? 42  TYR A CD2 1 
ATOM   321  C CE1 . TYR A 1 50  ? -5.823  10.475  6.638   1.00 39.77 ? 42  TYR A CE1 1 
ATOM   322  C CE2 . TYR A 1 50  ? -3.888  9.423   5.683   1.00 39.64 ? 42  TYR A CE2 1 
ATOM   323  C CZ  . TYR A 1 50  ? -5.037  10.184  5.540   1.00 39.54 ? 42  TYR A CZ  1 
ATOM   324  O OH  . TYR A 1 50  ? -5.405  10.660  4.305   1.00 39.65 ? 42  TYR A OH  1 
ATOM   325  N N   . LYS A 1 51  ? -4.577  6.915   12.037  1.00 38.66 ? 43  LYS A N   1 
ATOM   326  C CA  . LYS A 1 51  ? -4.216  6.442   13.369  1.00 38.59 ? 43  LYS A CA  1 
ATOM   327  C C   . LYS A 1 51  ? -4.053  4.922   13.398  1.00 38.48 ? 43  LYS A C   1 
ATOM   328  O O   . LYS A 1 51  ? -3.091  4.413   13.975  1.00 38.52 ? 43  LYS A O   1 
ATOM   329  C CB  . LYS A 1 51  ? -5.242  6.896   14.412  1.00 38.64 ? 43  LYS A CB  1 
ATOM   330  C CG  . LYS A 1 51  ? -5.077  8.340   14.867  1.00 38.63 ? 43  LYS A CG  1 
ATOM   331  C CD  . LYS A 1 51  ? -5.809  8.591   16.179  1.00 38.57 ? 43  LYS A CD  1 
ATOM   332  C CE  . LYS A 1 51  ? -5.690  10.046  16.605  1.00 38.89 ? 43  LYS A CE  1 
ATOM   333  N NZ  . LYS A 1 51  ? -6.215  10.282  17.981  1.00 38.79 ? 43  LYS A NZ  1 
ATOM   334  N N   . GLU A 1 52  ? -4.987  4.209   12.765  1.00 38.27 ? 44  GLU A N   1 
ATOM   335  C CA  . GLU A 1 52  ? -4.935  2.747   12.696  1.00 38.10 ? 44  GLU A CA  1 
ATOM   336  C C   . GLU A 1 52  ? -3.728  2.240   11.900  1.00 38.05 ? 44  GLU A C   1 
ATOM   337  O O   . GLU A 1 52  ? -3.094  1.260   12.290  1.00 38.30 ? 44  GLU A O   1 
ATOM   338  C CB  . GLU A 1 52  ? -6.241  2.162   12.138  1.00 38.11 ? 44  GLU A CB  1 
ATOM   339  C CG  . GLU A 1 52  ? -7.372  2.074   13.161  1.00 38.11 ? 44  GLU A CG  1 
ATOM   340  C CD  . GLU A 1 52  ? -8.380  0.963   12.861  1.00 38.67 ? 44  GLU A CD  1 
ATOM   341  O OE1 . GLU A 1 52  ? -9.598  1.197   13.038  1.00 38.60 ? 44  GLU A OE1 1 
ATOM   342  O OE2 . GLU A 1 52  ? -7.960  -0.148  12.463  1.00 38.07 ? 44  GLU A OE2 1 
ATOM   343  N N   . LEU A 1 53  ? -3.416  2.915   10.791  1.00 37.75 ? 45  LEU A N   1 
ATOM   344  C CA  . LEU A 1 53  ? -2.253  2.574   9.973   1.00 37.35 ? 45  LEU A CA  1 
ATOM   345  C C   . LEU A 1 53  ? -0.956  2.792   10.739  1.00 37.40 ? 45  LEU A C   1 
ATOM   346  O O   . LEU A 1 53  ? -0.073  1.933   10.728  1.00 37.50 ? 45  LEU A O   1 
ATOM   347  C CB  . LEU A 1 53  ? -2.238  3.391   8.678   1.00 37.39 ? 45  LEU A CB  1 
ATOM   348  C CG  . LEU A 1 53  ? -3.291  3.046   7.622   1.00 36.68 ? 45  LEU A CG  1 
ATOM   349  C CD1 . LEU A 1 53  ? -3.403  4.177   6.618   1.00 36.08 ? 45  LEU A CD1 1 
ATOM   350  C CD2 . LEU A 1 53  ? -2.983  1.717   6.934   1.00 35.26 ? 45  LEU A CD2 1 
ATOM   351  N N   . GLU A 1 54  ? -0.855  3.944   11.401  1.00 37.31 ? 46  GLU A N   1 
ATOM   352  C CA  . GLU A 1 54  ? 0.306   4.290   12.218  1.00 37.04 ? 46  GLU A CA  1 
ATOM   353  C C   . GLU A 1 54  ? 0.523   3.284   13.350  1.00 37.12 ? 46  GLU A C   1 
ATOM   354  O O   . GLU A 1 54  ? 1.663   2.911   13.639  1.00 37.09 ? 46  GLU A O   1 
ATOM   355  C CB  . GLU A 1 54  ? 0.168   5.716   12.765  1.00 36.93 ? 46  GLU A CB  1 
ATOM   356  C CG  . GLU A 1 54  ? 1.367   6.240   13.580  1.00 36.78 ? 46  GLU A CG  1 
ATOM   357  C CD  . GLU A 1 54  ? 2.666   6.352   12.784  1.00 36.67 ? 46  GLU A CD  1 
ATOM   358  O OE1 . GLU A 1 54  ? 3.710   6.593   13.416  1.00 37.52 ? 46  GLU A OE1 1 
ATOM   359  O OE2 . GLU A 1 54  ? 2.659   6.201   11.543  1.00 35.99 ? 46  GLU A OE2 1 
ATOM   360  N N   . ALA A 1 55  ? -0.572  2.834   13.967  1.00 37.00 ? 47  ALA A N   1 
ATOM   361  C CA  . ALA A 1 55  ? -0.515  1.825   15.019  1.00 37.03 ? 47  ALA A CA  1 
ATOM   362  C C   . ALA A 1 55  ? 0.037   0.502   14.483  1.00 37.11 ? 47  ALA A C   1 
ATOM   363  O O   . ALA A 1 55  ? 0.855   -0.141  15.134  1.00 37.27 ? 47  ALA A O   1 
ATOM   364  C CB  . ALA A 1 55  ? -1.894  1.624   15.662  1.00 36.90 ? 47  ALA A CB  1 
ATOM   365  N N   . LEU A 1 56  ? -0.413  0.109   13.293  1.00 37.21 ? 48  LEU A N   1 
ATOM   366  C CA  . LEU A 1 56  ? 0.085   -1.091  12.623  1.00 37.00 ? 48  LEU A CA  1 
ATOM   367  C C   . LEU A 1 56  ? 1.586   -0.975  12.370  1.00 37.10 ? 48  LEU A C   1 
ATOM   368  O O   . LEU A 1 56  ? 2.353   -1.895  12.672  1.00 37.25 ? 48  LEU A O   1 
ATOM   369  C CB  . LEU A 1 56  ? -0.652  -1.291  11.295  1.00 36.97 ? 48  LEU A CB  1 
ATOM   370  C CG  . LEU A 1 56  ? -0.649  -2.667  10.624  1.00 37.00 ? 48  LEU A CG  1 
ATOM   371  C CD1 . LEU A 1 56  ? -1.457  -3.679  11.440  1.00 35.92 ? 48  LEU A CD1 1 
ATOM   372  C CD2 . LEU A 1 56  ? -1.204  -2.545  9.208   1.00 36.52 ? 48  LEU A CD2 1 
ATOM   373  N N   . TYR A 1 57  ? 1.994   0.175   11.840  1.00 36.99 ? 49  TYR A N   1 
ATOM   374  C CA  . TYR A 1 57  ? 3.390   0.444   11.524  1.00 36.93 ? 49  TYR A CA  1 
ATOM   375  C C   . TYR A 1 57  ? 4.262   0.422   12.772  1.00 36.82 ? 49  TYR A C   1 
ATOM   376  O O   . TYR A 1 57  ? 5.286   -0.258  12.796  1.00 36.83 ? 49  TYR A O   1 
ATOM   377  C CB  . TYR A 1 57  ? 3.522   1.786   10.797  1.00 36.80 ? 49  TYR A CB  1 
ATOM   378  C CG  . TYR A 1 57  ? 4.936   2.167   10.411  1.00 37.41 ? 49  TYR A CG  1 
ATOM   379  C CD1 . TYR A 1 57  ? 5.672   1.394   9.506   1.00 37.49 ? 49  TYR A CD1 1 
ATOM   380  C CD2 . TYR A 1 57  ? 5.530   3.322   10.927  1.00 37.31 ? 49  TYR A CD2 1 
ATOM   381  C CE1 . TYR A 1 57  ? 6.966   1.753   9.140   1.00 36.04 ? 49  TYR A CE1 1 
ATOM   382  C CE2 . TYR A 1 57  ? 6.825   3.683   10.571  1.00 36.65 ? 49  TYR A CE2 1 
ATOM   383  C CZ  . TYR A 1 57  ? 7.536   2.894   9.681   1.00 36.77 ? 49  TYR A CZ  1 
ATOM   384  O OH  . TYR A 1 57  ? 8.818   3.257   9.323   1.00 37.13 ? 49  TYR A OH  1 
ATOM   385  N N   . LYS A 1 58  ? 3.854   1.162   13.801  1.00 36.69 ? 50  LYS A N   1 
ATOM   386  C CA  . LYS A 1 58  ? 4.573   1.180   15.078  1.00 36.72 ? 50  LYS A CA  1 
ATOM   387  C C   . LYS A 1 58  ? 4.733   -0.231  15.649  1.00 36.30 ? 50  LYS A C   1 
ATOM   388  O O   . LYS A 1 58  ? 5.805   -0.608  16.126  1.00 36.16 ? 50  LYS A O   1 
ATOM   389  C CB  . LYS A 1 58  ? 3.853   2.071   16.093  1.00 36.93 ? 50  LYS A CB  1 
ATOM   390  C CG  . LYS A 1 58  ? 3.911   3.554   15.773  1.00 38.39 ? 50  LYS A CG  1 
ATOM   391  C CD  . LYS A 1 58  ? 3.460   4.380   16.967  1.00 40.73 ? 50  LYS A CD  1 
ATOM   392  C CE  . LYS A 1 58  ? 3.542   5.873   16.678  1.00 42.39 ? 50  LYS A CE  1 
ATOM   393  N NZ  . LYS A 1 58  ? 4.931   6.336   16.359  1.00 43.99 ? 50  LYS A NZ  1 
ATOM   394  N N   . ARG A 1 59  ? 3.664   -1.014  15.576  1.00 35.93 ? 51  ARG A N   1 
ATOM   395  C CA  . ARG A 1 59  ? 3.661   -2.348  16.163  1.00 35.93 ? 51  ARG A CA  1 
ATOM   396  C C   . ARG A 1 59  ? 4.667   -3.307  15.513  1.00 35.59 ? 51  ARG A C   1 
ATOM   397  O O   . ARG A 1 59  ? 5.415   -4.005  16.211  1.00 35.25 ? 51  ARG A O   1 
ATOM   398  C CB  . ARG A 1 59  ? 2.248   -2.937  16.143  1.00 35.71 ? 51  ARG A CB  1 
ATOM   399  C CG  . ARG A 1 59  ? 2.221   -4.397  16.488  1.00 36.67 ? 51  ARG A CG  1 
ATOM   400  C CD  . ARG A 1 59  ? 0.922   -4.839  17.113  1.00 35.71 ? 51  ARG A CD  1 
ATOM   401  N NE  . ARG A 1 59  ? 1.282   -5.808  18.129  1.00 38.68 ? 51  ARG A NE  1 
ATOM   402  C CZ  . ARG A 1 59  ? 1.137   -5.642  19.435  1.00 36.94 ? 51  ARG A CZ  1 
ATOM   403  N NH1 . ARG A 1 59  ? 0.563   -4.558  19.934  1.00 36.56 ? 51  ARG A NH1 1 
ATOM   404  N NH2 . ARG A 1 59  ? 1.533   -6.606  20.243  1.00 40.72 ? 51  ARG A NH2 1 
ATOM   405  N N   . TYR A 1 60  ? 4.705   -3.292  14.183  1.00 35.42 ? 52  TYR A N   1 
ATOM   406  C CA  . TYR A 1 60  ? 5.387   -4.323  13.405  1.00 35.57 ? 52  TYR A CA  1 
ATOM   407  C C   . TYR A 1 60  ? 6.645   -3.891  12.664  1.00 36.01 ? 52  TYR A C   1 
ATOM   408  O O   . TYR A 1 60  ? 7.368   -4.738  12.138  1.00 36.03 ? 52  TYR A O   1 
ATOM   409  C CB  . TYR A 1 60  ? 4.412   -4.937  12.399  1.00 35.08 ? 52  TYR A CB  1 
ATOM   410  C CG  . TYR A 1 60  ? 3.292   -5.728  13.036  1.00 34.84 ? 52  TYR A CG  1 
ATOM   411  C CD1 . TYR A 1 60  ? 3.561   -6.875  13.784  1.00 34.08 ? 52  TYR A CD1 1 
ATOM   412  C CD2 . TYR A 1 60  ? 1.963   -5.338  12.879  1.00 34.88 ? 52  TYR A CD2 1 
ATOM   413  C CE1 . TYR A 1 60  ? 2.532   -7.611  14.362  1.00 34.92 ? 52  TYR A CE1 1 
ATOM   414  C CE2 . TYR A 1 60  ? 0.923   -6.070  13.458  1.00 33.88 ? 52  TYR A CE2 1 
ATOM   415  C CZ  . TYR A 1 60  ? 1.218   -7.200  14.194  1.00 34.65 ? 52  TYR A CZ  1 
ATOM   416  O OH  . TYR A 1 60  ? 0.205   -7.920  14.774  1.00 34.32 ? 52  TYR A OH  1 
ATOM   417  N N   . LYS A 1 61  ? 6.909   -2.589  12.597  1.00 36.74 ? 53  LYS A N   1 
ATOM   418  C CA  . LYS A 1 61  ? 8.013   -2.098  11.762  1.00 37.41 ? 53  LYS A CA  1 
ATOM   419  C C   . LYS A 1 61  ? 9.339   -2.839  11.983  1.00 37.52 ? 53  LYS A C   1 
ATOM   420  O O   . LYS A 1 61  ? 10.047  -3.142  11.019  1.00 37.75 ? 53  LYS A O   1 
ATOM   421  C CB  . LYS A 1 61  ? 8.190   -0.572  11.862  1.00 37.56 ? 53  LYS A CB  1 
ATOM   422  C CG  . LYS A 1 61  ? 8.533   -0.010  13.247  1.00 37.95 ? 53  LYS A CG  1 
ATOM   423  C CD  . LYS A 1 61  ? 8.756   1.504   13.154  1.00 37.93 ? 53  LYS A CD  1 
ATOM   424  C CE  . LYS A 1 61  ? 8.875   2.146   14.527  1.00 39.82 ? 53  LYS A CE  1 
ATOM   425  N NZ  . LYS A 1 61  ? 10.265  2.056   15.101  1.00 42.20 ? 53  LYS A NZ  1 
ATOM   426  N N   . ASP A 1 62  ? 9.653   -3.159  13.236  1.00 37.66 ? 54  ASP A N   1 
ATOM   427  C CA  . ASP A 1 62  ? 10.918  -3.826  13.564  1.00 37.97 ? 54  ASP A CA  1 
ATOM   428  C C   . ASP A 1 62  ? 10.919  -5.343  13.364  1.00 37.91 ? 54  ASP A C   1 
ATOM   429  O O   . ASP A 1 62  ? 11.927  -6.009  13.616  1.00 37.70 ? 54  ASP A O   1 
ATOM   430  C CB  . ASP A 1 62  ? 11.395  -3.435  14.962  1.00 38.37 ? 54  ASP A CB  1 
ATOM   431  C CG  . ASP A 1 62  ? 11.859  -1.997  15.026  1.00 39.72 ? 54  ASP A CG  1 
ATOM   432  O OD1 . ASP A 1 62  ? 12.601  -1.559  14.115  1.00 40.75 ? 54  ASP A OD1 1 
ATOM   433  O OD2 . ASP A 1 62  ? 11.484  -1.302  15.994  1.00 42.96 ? 54  ASP A OD2 1 
ATOM   434  N N   . GLU A 1 63  ? 9.789   -5.878  12.904  1.00 37.90 ? 55  GLU A N   1 
ATOM   435  C CA  . GLU A 1 63  ? 9.697   -7.271  12.474  1.00 38.03 ? 55  GLU A CA  1 
ATOM   436  C C   . GLU A 1 63  ? 10.050  -7.411  10.989  1.00 37.98 ? 55  GLU A C   1 
ATOM   437  O O   . GLU A 1 63  ? 10.099  -8.525  10.462  1.00 38.15 ? 55  GLU A O   1 
ATOM   438  C CB  . GLU A 1 63  ? 8.286   -7.821  12.723  1.00 38.08 ? 55  GLU A CB  1 
ATOM   439  C CG  . GLU A 1 63  ? 7.788   -7.688  14.157  1.00 38.72 ? 55  GLU A CG  1 
ATOM   440  C CD  . GLU A 1 63  ? 8.556   -8.565  15.130  1.00 40.45 ? 55  GLU A CD  1 
ATOM   441  O OE1 . GLU A 1 63  ? 8.792   -9.748  14.800  1.00 41.85 ? 55  GLU A OE1 1 
ATOM   442  O OE2 . GLU A 1 63  ? 8.923   -8.076  16.221  1.00 40.71 ? 55  GLU A OE2 1 
ATOM   443  N N   . GLY A 1 64  ? 10.297  -6.284  10.323  1.00 37.86 ? 56  GLY A N   1 
ATOM   444  C CA  . GLY A 1 64  ? 10.519  -6.264  8.876   1.00 37.61 ? 56  GLY A CA  1 
ATOM   445  C C   . GLY A 1 64  ? 9.220   -6.004  8.131   1.00 37.47 ? 56  GLY A C   1 
ATOM   446  O O   . GLY A 1 64  ? 8.812   -6.785  7.271   1.00 37.22 ? 56  GLY A O   1 
ATOM   447  N N   . PHE A 1 65  ? 8.569   -4.901  8.488   1.00 37.37 ? 57  PHE A N   1 
ATOM   448  C CA  . PHE A 1 65  ? 7.274   -4.523  7.940   1.00 37.19 ? 57  PHE A CA  1 
ATOM   449  C C   . PHE A 1 65  ? 7.270   -3.030  7.688   1.00 37.05 ? 57  PHE A C   1 
ATOM   450  O O   . PHE A 1 65  ? 7.840   -2.260  8.464   1.00 36.55 ? 57  PHE A O   1 
ATOM   451  C CB  . PHE A 1 65  ? 6.147   -4.871  8.918   1.00 37.56 ? 57  PHE A CB  1 
ATOM   452  C CG  . PHE A 1 65  ? 4.792   -4.333  8.510   1.00 38.13 ? 57  PHE A CG  1 
ATOM   453  C CD1 . PHE A 1 65  ? 4.024   -4.989  7.547   1.00 38.53 ? 57  PHE A CD1 1 
ATOM   454  C CD2 . PHE A 1 65  ? 4.290   -3.163  9.088   1.00 38.07 ? 57  PHE A CD2 1 
ATOM   455  C CE1 . PHE A 1 65  ? 2.771   -4.496  7.169   1.00 38.51 ? 57  PHE A CE1 1 
ATOM   456  C CE2 . PHE A 1 65  ? 3.047   -2.660  8.719   1.00 37.41 ? 57  PHE A CE2 1 
ATOM   457  C CZ  . PHE A 1 65  ? 2.284   -3.326  7.758   1.00 38.15 ? 57  PHE A CZ  1 
ATOM   458  N N   . THR A 1 66  ? 6.623   -2.622  6.604   1.00 36.72 ? 58  THR A N   1 
ATOM   459  C CA  . THR A 1 66  ? 6.448   -1.204  6.336   1.00 36.48 ? 58  THR A CA  1 
ATOM   460  C C   . THR A 1 66  ? 5.128   -0.926  5.630   1.00 36.24 ? 58  THR A C   1 
ATOM   461  O O   . THR A 1 66  ? 4.471   -1.852  5.148   1.00 36.40 ? 58  THR A O   1 
ATOM   462  C CB  . THR A 1 66  ? 7.643   -0.609  5.550   1.00 36.52 ? 58  THR A CB  1 
ATOM   463  O OG1 . THR A 1 66  ? 7.618   0.817   5.671   1.00 36.82 ? 58  THR A OG1 1 
ATOM   464  C CG2 . THR A 1 66  ? 7.604   -1.016  4.070   1.00 35.95 ? 58  THR A CG2 1 
ATOM   465  N N   . ILE A 1 67  ? 4.744   0.350   5.605   1.00 35.96 ? 59  ILE A N   1 
ATOM   466  C CA  . ILE A 1 67  ? 3.562   0.814   4.882   1.00 35.51 ? 59  ILE A CA  1 
ATOM   467  C C   . ILE A 1 67  ? 3.968   1.916   3.913   1.00 35.73 ? 59  ILE A C   1 
ATOM   468  O O   . ILE A 1 67  ? 4.620   2.884   4.308   1.00 34.87 ? 59  ILE A O   1 
ATOM   469  C CB  . ILE A 1 67  ? 2.467   1.358   5.832   1.00 35.73 ? 59  ILE A CB  1 
ATOM   470  C CG1 . ILE A 1 67  ? 2.076   0.297   6.873   1.00 35.43 ? 59  ILE A CG1 1 
ATOM   471  C CG2 . ILE A 1 67  ? 1.226   1.792   5.033   1.00 34.91 ? 59  ILE A CG2 1 
ATOM   472  C CD1 . ILE A 1 67  ? 1.184   0.814   7.972   1.00 35.88 ? 59  ILE A CD1 1 
ATOM   473  N N   . ILE A 1 68  ? 3.594   1.758   2.647   1.00 35.43 ? 60  ILE A N   1 
ATOM   474  C CA  . ILE A 1 68  ? 3.818   2.816   1.666   1.00 35.85 ? 60  ILE A CA  1 
ATOM   475  C C   . ILE A 1 68  ? 2.465   3.467   1.376   1.00 36.10 ? 60  ILE A C   1 
ATOM   476  O O   . ILE A 1 68  ? 1.545   2.812   0.877   1.00 35.87 ? 60  ILE A O   1 
ATOM   477  C CB  . ILE A 1 68  ? 4.492   2.287   0.357   1.00 35.90 ? 60  ILE A CB  1 
ATOM   478  C CG1 . ILE A 1 68  ? 5.656   1.325   0.668   1.00 34.95 ? 60  ILE A CG1 1 
ATOM   479  C CG2 . ILE A 1 68  ? 4.945   3.453   -0.537  1.00 35.86 ? 60  ILE A CG2 1 
ATOM   480  C CD1 . ILE A 1 68  ? 6.810   1.922   1.518   1.00 34.98 ? 60  ILE A CD1 1 
ATOM   481  N N   . GLY A 1 69  ? 2.337   4.741   1.742   1.00 36.00 ? 61  GLY A N   1 
ATOM   482  C CA  . GLY A 1 69  ? 1.088   5.478   1.546   1.00 36.18 ? 61  GLY A CA  1 
ATOM   483  C C   . GLY A 1 69  ? 1.121   6.326   0.290   1.00 36.04 ? 61  GLY A C   1 
ATOM   484  O O   . GLY A 1 69  ? 2.029   7.129   0.109   1.00 36.65 ? 61  GLY A O   1 
ATOM   485  N N   . PHE A 1 70  ? 0.134   6.137   -0.583  1.00 35.90 ? 62  PHE A N   1 
ATOM   486  C CA  . PHE A 1 70  ? 0.022   6.922   -1.808  1.00 35.43 ? 62  PHE A CA  1 
ATOM   487  C C   . PHE A 1 70  ? -1.156  7.900   -1.727  1.00 35.21 ? 62  PHE A C   1 
ATOM   488  O O   . PHE A 1 70  ? -2.318  7.484   -1.819  1.00 35.30 ? 62  PHE A O   1 
ATOM   489  C CB  . PHE A 1 70  ? -0.153  6.009   -3.030  1.00 35.62 ? 62  PHE A CB  1 
ATOM   490  C CG  . PHE A 1 70  ? 1.101   5.293   -3.458  1.00 35.71 ? 62  PHE A CG  1 
ATOM   491  C CD1 . PHE A 1 70  ? 1.435   4.053   -2.911  1.00 36.82 ? 62  PHE A CD1 1 
ATOM   492  C CD2 . PHE A 1 70  ? 1.932   5.841   -4.432  1.00 36.02 ? 62  PHE A CD2 1 
ATOM   493  C CE1 . PHE A 1 70  ? 2.587   3.379   -3.321  1.00 36.57 ? 62  PHE A CE1 1 
ATOM   494  C CE2 . PHE A 1 70  ? 3.083   5.179   -4.847  1.00 36.15 ? 62  PHE A CE2 1 
ATOM   495  C CZ  . PHE A 1 70  ? 3.411   3.944   -4.290  1.00 36.06 ? 62  PHE A CZ  1 
ATOM   496  N N   . PRO A 1 71  ? -0.866  9.198   -1.531  1.00 34.75 ? 63  PRO A N   1 
ATOM   497  C CA  . PRO A 1 71  ? -1.881  10.240  -1.685  1.00 34.51 ? 63  PRO A CA  1 
ATOM   498  C C   . PRO A 1 71  ? -2.539  10.215  -3.063  1.00 34.23 ? 63  PRO A C   1 
ATOM   499  O O   . PRO A 1 71  ? -1.874  9.963   -4.071  1.00 34.04 ? 63  PRO A O   1 
ATOM   500  C CB  . PRO A 1 71  ? -1.078  11.537  -1.514  1.00 34.37 ? 63  PRO A CB  1 
ATOM   501  C CG  . PRO A 1 71  ? 0.063   11.146  -0.643  1.00 34.44 ? 63  PRO A CG  1 
ATOM   502  C CD  . PRO A 1 71  ? 0.426   9.759   -1.092  1.00 34.97 ? 63  PRO A CD  1 
ATOM   503  N N   . CYS A 1 72  ? -3.842  10.476  -3.085  1.00 34.02 ? 64  CYS A N   1 
ATOM   504  C CA  . CYS A 1 72  ? -4.633  10.467  -4.307  1.00 33.84 ? 64  CYS A CA  1 
ATOM   505  C C   . CYS A 1 72  ? -5.869  11.323  -4.080  1.00 33.73 ? 64  CYS A C   1 
ATOM   506  O O   . CYS A 1 72  ? -6.474  11.274  -3.007  1.00 33.80 ? 64  CYS A O   1 
ATOM   507  C CB  . CYS A 1 72  ? -5.041  9.031   -4.660  1.00 33.72 ? 64  CYS A CB  1 
ATOM   508  S SG  . CYS A 1 72  ? -5.984  8.858   -6.182  1.00 34.21 ? 64  CYS A SG  1 
ATOM   509  N N   . ASN A 1 73  ? -6.242  12.103  -5.090  1.00 33.65 ? 65  ASN A N   1 
ATOM   510  C CA  . ASN A 1 73  ? -7.390  13.000  -4.983  1.00 33.66 ? 65  ASN A CA  1 
ATOM   511  C C   . ASN A 1 73  ? -8.598  12.577  -5.833  1.00 33.43 ? 65  ASN A C   1 
ATOM   512  O O   . ASN A 1 73  ? -9.508  13.370  -6.065  1.00 33.32 ? 65  ASN A O   1 
ATOM   513  C CB  . ASN A 1 73  ? -6.965  14.436  -5.313  1.00 33.72 ? 65  ASN A CB  1 
ATOM   514  C CG  . ASN A 1 73  ? -7.960  15.473  -4.823  1.00 34.11 ? 65  ASN A CG  1 
ATOM   515  O OD1 . ASN A 1 73  ? -8.289  16.419  -5.541  1.00 35.10 ? 65  ASN A OD1 1 
ATOM   516  N ND2 . ASN A 1 73  ? -8.451  15.297  -3.599  1.00 34.25 ? 65  ASN A ND2 1 
ATOM   517  N N   . GLN A 1 74  ? -8.616  11.317  -6.262  1.00 33.43 ? 66  GLN A N   1 
ATOM   518  C CA  . GLN A 1 74  ? -9.651  10.825  -7.186  1.00 33.40 ? 66  GLN A CA  1 
ATOM   519  C C   . GLN A 1 74  ? -10.981 10.418  -6.533  1.00 33.66 ? 66  GLN A C   1 
ATOM   520  O O   . GLN A 1 74  ? -11.923 10.024  -7.232  1.00 33.79 ? 66  GLN A O   1 
ATOM   521  C CB  . GLN A 1 74  ? -9.102  9.669   -8.032  1.00 33.35 ? 66  GLN A CB  1 
ATOM   522  C CG  . GLN A 1 74  ? -8.182  10.113  -9.163  1.00 33.09 ? 66  GLN A CG  1 
ATOM   523  C CD  . GLN A 1 74  ? -7.587  8.953   -9.933  1.00 32.93 ? 66  GLN A CD  1 
ATOM   524  O OE1 . GLN A 1 74  ? -6.932  8.089   -9.361  1.00 32.36 ? 66  GLN A OE1 1 
ATOM   525  N NE2 . GLN A 1 74  ? -7.798  8.938   -11.243 1.00 32.76 ? 66  GLN A NE2 1 
ATOM   526  N N   . PHE A 1 75  ? -11.065 10.515  -5.209  1.00 33.73 ? 67  PHE A N   1 
ATOM   527  C CA  . PHE A 1 75  ? -12.261 10.076  -4.483  1.00 33.97 ? 67  PHE A CA  1 
ATOM   528  C C   . PHE A 1 75  ? -12.819 11.179  -3.577  1.00 34.22 ? 67  PHE A C   1 
ATOM   529  O O   . PHE A 1 75  ? -12.791 11.078  -2.350  1.00 34.56 ? 67  PHE A O   1 
ATOM   530  C CB  . PHE A 1 75  ? -11.979 8.781   -3.697  1.00 33.73 ? 67  PHE A CB  1 
ATOM   531  C CG  . PHE A 1 75  ? -11.244 7.731   -4.494  1.00 33.45 ? 67  PHE A CG  1 
ATOM   532  C CD1 . PHE A 1 75  ? -11.907 6.981   -5.465  1.00 33.82 ? 67  PHE A CD1 1 
ATOM   533  C CD2 . PHE A 1 75  ? -9.890  7.502   -4.283  1.00 32.88 ? 67  PHE A CD2 1 
ATOM   534  C CE1 . PHE A 1 75  ? -11.230 6.017   -6.213  1.00 33.63 ? 67  PHE A CE1 1 
ATOM   535  C CE2 . PHE A 1 75  ? -9.202  6.542   -5.023  1.00 32.88 ? 67  PHE A CE2 1 
ATOM   536  C CZ  . PHE A 1 75  ? -9.875  5.798   -5.992  1.00 33.13 ? 67  PHE A CZ  1 
ATOM   537  N N   . GLY A 1 76  ? -13.324 12.238  -4.201  1.00 34.61 ? 68  GLY A N   1 
ATOM   538  C CA  . GLY A 1 76  ? -13.910 13.363  -3.477  1.00 34.80 ? 68  GLY A CA  1 
ATOM   539  C C   . GLY A 1 76  ? -15.383 13.542  -3.789  1.00 34.82 ? 68  GLY A C   1 
ATOM   540  O O   . GLY A 1 76  ? -15.764 13.715  -4.948  1.00 34.85 ? 68  GLY A O   1 
ATOM   541  N N   . GLY A 1 95  ? 0.561   13.079  9.516   1.00 42.60 ? 87  GLY A N   1 
ATOM   542  C CA  . GLY A 1 95  ? 0.811   12.800  10.934  1.00 42.79 ? 87  GLY A CA  1 
ATOM   543  C C   . GLY A 1 95  ? 1.258   11.375  11.212  1.00 42.54 ? 87  GLY A C   1 
ATOM   544  O O   . GLY A 1 95  ? 1.155   10.890  12.343  1.00 42.82 ? 87  GLY A O   1 
ATOM   545  N N   . VAL A 1 96  ? 1.757   10.709  10.174  1.00 42.22 ? 88  VAL A N   1 
ATOM   546  C CA  . VAL A 1 96  ? 2.241   9.332   10.268  1.00 41.78 ? 88  VAL A CA  1 
ATOM   547  C C   . VAL A 1 96  ? 3.767   9.307   10.133  1.00 41.59 ? 88  VAL A C   1 
ATOM   548  O O   . VAL A 1 96  ? 4.378   10.325  9.787   1.00 41.59 ? 88  VAL A O   1 
ATOM   549  C CB  . VAL A 1 96  ? 1.579   8.424   9.194   1.00 41.73 ? 88  VAL A CB  1 
ATOM   550  C CG1 . VAL A 1 96  ? 0.063   8.386   9.376   1.00 41.48 ? 88  VAL A CG1 1 
ATOM   551  C CG2 . VAL A 1 96  ? 1.938   8.884   7.781   1.00 41.76 ? 88  VAL A CG2 1 
ATOM   552  N N   . THR A 1 97  ? 4.383   8.159   10.410  1.00 41.13 ? 89  THR A N   1 
ATOM   553  C CA  . THR A 1 97  ? 5.848   8.049   10.337  1.00 40.89 ? 89  THR A CA  1 
ATOM   554  C C   . THR A 1 97  ? 6.345   7.053   9.284   1.00 40.52 ? 89  THR A C   1 
ATOM   555  O O   . THR A 1 97  ? 7.551   6.856   9.132   1.00 40.77 ? 89  THR A O   1 
ATOM   556  C CB  . THR A 1 97  ? 6.482   7.698   11.700  1.00 40.95 ? 89  THR A CB  1 
ATOM   557  O OG1 . THR A 1 97  ? 5.964   6.446   12.158  1.00 41.22 ? 89  THR A OG1 1 
ATOM   558  C CG2 . THR A 1 97  ? 6.206   8.787   12.744  1.00 40.91 ? 89  THR A CG2 1 
ATOM   559  N N   . PHE A 1 98  ? 5.423   6.422   8.566   1.00 39.76 ? 90  PHE A N   1 
ATOM   560  C CA  . PHE A 1 98  ? 5.797   5.504   7.496   1.00 39.33 ? 90  PHE A CA  1 
ATOM   561  C C   . PHE A 1 98  ? 5.904   6.257   6.167   1.00 39.14 ? 90  PHE A C   1 
ATOM   562  O O   . PHE A 1 98  ? 5.368   7.359   6.051   1.00 39.32 ? 90  PHE A O   1 
ATOM   563  C CB  . PHE A 1 98  ? 4.812   4.326   7.410   1.00 38.98 ? 90  PHE A CB  1 
ATOM   564  C CG  . PHE A 1 98  ? 3.371   4.731   7.261   1.00 38.82 ? 90  PHE A CG  1 
ATOM   565  C CD1 . PHE A 1 98  ? 2.847   5.072   6.012   1.00 38.04 ? 90  PHE A CD1 1 
ATOM   566  C CD2 . PHE A 1 98  ? 2.523   4.729   8.363   1.00 37.72 ? 90  PHE A CD2 1 
ATOM   567  C CE1 . PHE A 1 98  ? 1.507   5.427   5.873   1.00 37.73 ? 90  PHE A CE1 1 
ATOM   568  C CE2 . PHE A 1 98  ? 1.184   5.083   8.232   1.00 37.70 ? 90  PHE A CE2 1 
ATOM   569  C CZ  . PHE A 1 98  ? 0.674   5.434   6.983   1.00 37.59 ? 90  PHE A CZ  1 
ATOM   570  N N   . PRO A 1 99  ? 6.605   5.680   5.167   1.00 39.04 ? 91  PRO A N   1 
ATOM   571  C CA  . PRO A 1 99  ? 6.824   6.406   3.905   1.00 38.87 ? 91  PRO A CA  1 
ATOM   572  C C   . PRO A 1 99  ? 5.547   6.864   3.193   1.00 38.27 ? 91  PRO A C   1 
ATOM   573  O O   . PRO A 1 99  ? 4.660   6.056   2.908   1.00 37.91 ? 91  PRO A O   1 
ATOM   574  C CB  . PRO A 1 99  ? 7.591   5.395   3.043   1.00 38.93 ? 91  PRO A CB  1 
ATOM   575  C CG  . PRO A 1 99  ? 8.265   4.510   4.033   1.00 39.70 ? 91  PRO A CG  1 
ATOM   576  C CD  . PRO A 1 99  ? 7.264   4.360   5.142   1.00 38.96 ? 91  PRO A CD  1 
ATOM   577  N N   . ILE A 1 100 ? 5.480   8.168   2.933   1.00 37.82 ? 92  ILE A N   1 
ATOM   578  C CA  . ILE A 1 100 ? 4.420   8.785   2.138   1.00 37.42 ? 92  ILE A CA  1 
ATOM   579  C C   . ILE A 1 100 ? 5.023   9.241   0.811   1.00 37.28 ? 92  ILE A C   1 
ATOM   580  O O   . ILE A 1 100 ? 6.114   9.810   0.775   1.00 37.53 ? 92  ILE A O   1 
ATOM   581  C CB  . ILE A 1 100 ? 3.756   9.978   2.892   1.00 37.34 ? 92  ILE A CB  1 
ATOM   582  C CG1 . ILE A 1 100 ? 3.090   9.508   4.199   1.00 37.22 ? 92  ILE A CG1 1 
ATOM   583  C CG2 . ILE A 1 100 ? 2.777   10.748  1.996   1.00 37.34 ? 92  ILE A CG2 1 
ATOM   584  C CD1 . ILE A 1 100 ? 1.859   8.605   4.032   1.00 37.14 ? 92  ILE A CD1 1 
ATOM   585  N N   . MET A 1 101 ? 4.316   8.975   -0.281  1.00 37.42 ? 93  MET A N   1 
ATOM   586  C CA  . MET A 1 101 ? 4.832   9.253   -1.618  1.00 36.96 ? 93  MET A CA  1 
ATOM   587  C C   . MET A 1 101 ? 4.217   10.527  -2.183  1.00 36.85 ? 93  MET A C   1 
ATOM   588  O O   . MET A 1 101 ? 3.331   11.115  -1.563  1.00 36.68 ? 93  MET A O   1 
ATOM   589  C CB  . MET A 1 101 ? 4.541   8.067   -2.546  1.00 37.32 ? 93  MET A CB  1 
ATOM   590  C CG  . MET A 1 101 ? 5.048   6.713   -2.050  1.00 36.69 ? 93  MET A CG  1 
ATOM   591  S SD  . MET A 1 101 ? 6.840   6.508   -2.170  1.00 38.56 ? 93  MET A SD  1 
ATOM   592  C CE  . MET A 1 101 ? 7.330   6.809   -0.475  1.00 38.34 ? 93  MET A CE  1 
ATOM   593  N N   . LYS A 1 102 ? 4.706   10.955  -3.351  1.00 36.43 ? 94  LYS A N   1 
ATOM   594  C CA  . LYS A 1 102 ? 4.077   12.019  -4.132  1.00 36.27 ? 94  LYS A CA  1 
ATOM   595  C C   . LYS A 1 102 ? 2.652   11.609  -4.540  1.00 36.17 ? 94  LYS A C   1 
ATOM   596  O O   . LYS A 1 102 ? 2.383   10.425  -4.792  1.00 36.02 ? 94  LYS A O   1 
ATOM   597  C CB  . LYS A 1 102 ? 4.920   12.322  -5.383  1.00 36.19 ? 94  LYS A CB  1 
ATOM   598  C CG  . LYS A 1 102 ? 4.466   13.525  -6.211  1.00 36.24 ? 94  LYS A CG  1 
ATOM   599  C CD  . LYS A 1 102 ? 5.295   13.667  -7.494  1.00 36.19 ? 94  LYS A CD  1 
ATOM   600  C CE  . LYS A 1 102 ? 4.712   14.717  -8.444  1.00 36.24 ? 94  LYS A CE  1 
ATOM   601  N NZ  . LYS A 1 102 ? 5.265   14.601  -9.833  1.00 35.70 ? 94  LYS A NZ  1 
ATOM   602  N N   . LYS A 1 103 ? 1.751   12.593  -4.599  1.00 36.14 ? 95  LYS A N   1 
ATOM   603  C CA  . LYS A 1 103 ? 0.369   12.375  -5.039  1.00 36.39 ? 95  LYS A CA  1 
ATOM   604  C C   . LYS A 1 103 ? 0.319   11.761  -6.442  1.00 36.08 ? 95  LYS A C   1 
ATOM   605  O O   . LYS A 1 103 ? 1.051   12.178  -7.340  1.00 35.88 ? 95  LYS A O   1 
ATOM   606  C CB  . LYS A 1 103 ? -0.429  13.686  -4.997  1.00 36.41 ? 95  LYS A CB  1 
ATOM   607  C CG  . LYS A 1 103 ? -1.925  13.530  -5.315  1.00 36.96 ? 95  LYS A CG  1 
ATOM   608  C CD  . LYS A 1 103 ? -2.635  14.880  -5.442  1.00 37.20 ? 95  LYS A CD  1 
ATOM   609  C CE  . LYS A 1 103 ? -2.437  15.526  -6.816  1.00 38.46 ? 95  LYS A CE  1 
ATOM   610  N NZ  . LYS A 1 103 ? -3.181  14.818  -7.902  1.00 39.58 ? 95  LYS A NZ  1 
ATOM   611  N N   . ILE A 1 104 ? -0.534  10.751  -6.603  1.00 36.05 ? 96  ILE A N   1 
ATOM   612  C CA  . ILE A 1 104 ? -0.691  10.047  -7.875  1.00 35.84 ? 96  ILE A CA  1 
ATOM   613  C C   . ILE A 1 104 ? -2.161  9.866   -8.218  1.00 35.82 ? 96  ILE A C   1 
ATOM   614  O O   . ILE A 1 104 ? -3.039  10.097  -7.378  1.00 36.07 ? 96  ILE A O   1 
ATOM   615  C CB  . ILE A 1 104 ? -0.051  8.623   -7.843  1.00 35.93 ? 96  ILE A CB  1 
ATOM   616  C CG1 . ILE A 1 104 ? -0.649  7.781   -6.704  1.00 36.41 ? 96  ILE A CG1 1 
ATOM   617  C CG2 . ILE A 1 104 ? 1.473   8.699   -7.773  1.00 35.16 ? 96  ILE A CG2 1 
ATOM   618  C CD1 . ILE A 1 104 ? -0.655  6.278   -6.956  1.00 36.68 ? 96  ILE A CD1 1 
ATOM   619  N N   . ASP A 1 105 ? -2.417  9.451   -9.457  1.00 35.44 ? 97  ASP A N   1 
ATOM   620  C CA  . ASP A 1 105 ? -3.678  8.815   -9.815  1.00 35.29 ? 97  ASP A CA  1 
ATOM   621  C C   . ASP A 1 105 ? -3.500  7.311   -9.657  1.00 35.25 ? 97  ASP A C   1 
ATOM   622  O O   . ASP A 1 105 ? -2.497  6.741   -10.107 1.00 35.14 ? 97  ASP A O   1 
ATOM   623  C CB  . ASP A 1 105 ? -4.073  9.131   -11.260 1.00 35.28 ? 97  ASP A CB  1 
ATOM   624  C CG  . ASP A 1 105 ? -4.518  10.572  -11.455 1.00 35.38 ? 97  ASP A CG  1 
ATOM   625  O OD1 . ASP A 1 105 ? -4.747  10.955  -12.623 1.00 35.83 ? 97  ASP A OD1 1 
ATOM   626  O OD2 . ASP A 1 105 ? -4.641  11.321  -10.460 1.00 35.30 ? 97  ASP A OD2 1 
ATOM   627  N N   . VAL A 1 106 ? -4.473  6.673   -9.015  1.00 35.08 ? 98  VAL A N   1 
ATOM   628  C CA  . VAL A 1 106 ? -4.484  5.223   -8.869  1.00 34.97 ? 98  VAL A CA  1 
ATOM   629  C C   . VAL A 1 106 ? -5.264  4.575   -10.017 1.00 35.15 ? 98  VAL A C   1 
ATOM   630  O O   . VAL A 1 106 ? -5.053  3.399   -10.338 1.00 35.31 ? 98  VAL A O   1 
ATOM   631  C CB  . VAL A 1 106 ? -5.057  4.779   -7.487  1.00 34.99 ? 98  VAL A CB  1 
ATOM   632  C CG1 . VAL A 1 106 ? -4.173  5.298   -6.348  1.00 34.75 ? 98  VAL A CG1 1 
ATOM   633  C CG2 . VAL A 1 106 ? -6.498  5.255   -7.303  1.00 34.73 ? 98  VAL A CG2 1 
ATOM   634  N N   . ASN A 1 107 ? -6.161  5.354   -10.625 1.00 35.00 ? 99  ASN A N   1 
ATOM   635  C CA  . ASN A 1 107 ? -6.997  4.901   -11.729 1.00 34.73 ? 99  ASN A CA  1 
ATOM   636  C C   . ASN A 1 107 ? -6.862  5.801   -12.951 1.00 34.98 ? 99  ASN A C   1 
ATOM   637  O O   . ASN A 1 107 ? -6.414  6.940   -12.839 1.00 34.82 ? 99  ASN A O   1 
ATOM   638  C CB  . ASN A 1 107 ? -8.477  4.876   -11.321 1.00 34.52 ? 99  ASN A CB  1 
ATOM   639  C CG  . ASN A 1 107 ? -8.762  3.955   -10.145 1.00 34.10 ? 99  ASN A CG  1 
ATOM   640  O OD1 . ASN A 1 107 ? -9.667  4.222   -9.356  1.00 33.39 ? 99  ASN A OD1 1 
ATOM   641  N ND2 . ASN A 1 107 ? -8.012  2.863   -10.034 1.00 31.83 ? 99  ASN A ND2 1 
ATOM   642  N N   . GLY A 1 108 ? -7.272  5.280   -14.108 1.00 35.36 ? 100 GLY A N   1 
ATOM   643  C CA  . GLY A 1 108 ? -7.377  6.066   -15.339 1.00 35.99 ? 100 GLY A CA  1 
ATOM   644  C C   . GLY A 1 108 ? -6.144  6.035   -16.222 1.00 36.47 ? 100 GLY A C   1 
ATOM   645  O O   . GLY A 1 108 ? -5.217  5.253   -15.995 1.00 36.83 ? 100 GLY A O   1 
ATOM   646  N N   . GLY A 1 109 ? -6.137  6.901   -17.232 1.00 36.79 ? 101 GLY A N   1 
ATOM   647  C CA  . GLY A 1 109 ? -5.050  6.978   -18.209 1.00 37.02 ? 101 GLY A CA  1 
ATOM   648  C C   . GLY A 1 109 ? -3.709  7.437   -17.663 1.00 37.16 ? 101 GLY A C   1 
ATOM   649  O O   . GLY A 1 109 ? -2.679  7.234   -18.304 1.00 37.39 ? 101 GLY A O   1 
ATOM   650  N N   . ASN A 1 110 ? -3.723  8.060   -16.485 1.00 37.36 ? 102 ASN A N   1 
ATOM   651  C CA  . ASN A 1 110 ? -2.498  8.512   -15.815 1.00 37.26 ? 102 ASN A CA  1 
ATOM   652  C C   . ASN A 1 110 ? -2.186  7.700   -14.552 1.00 37.14 ? 102 ASN A C   1 
ATOM   653  O O   . ASN A 1 110 ? -1.479  8.161   -13.657 1.00 36.96 ? 102 ASN A O   1 
ATOM   654  C CB  . ASN A 1 110 ? -2.573  10.013  -15.494 1.00 37.58 ? 102 ASN A CB  1 
ATOM   655  C CG  . ASN A 1 110 ? -2.468  10.908  -16.738 1.00 38.69 ? 102 ASN A CG  1 
ATOM   656  O OD1 . ASN A 1 110 ? -2.661  12.122  -16.647 1.00 39.99 ? 102 ASN A OD1 1 
ATOM   657  N ND2 . ASN A 1 110 ? -2.158  10.318  -17.894 1.00 39.42 ? 102 ASN A ND2 1 
ATOM   658  N N   . GLU A 1 111 ? -2.730  6.484   -14.496 1.00 37.14 ? 103 GLU A N   1 
ATOM   659  C CA  . GLU A 1 111 ? -2.491  5.531   -13.411 1.00 36.82 ? 103 GLU A CA  1 
ATOM   660  C C   . GLU A 1 111 ? -0.995  5.269   -13.208 1.00 36.69 ? 103 GLU A C   1 
ATOM   661  O O   . GLU A 1 111 ? -0.268  5.000   -14.171 1.00 36.39 ? 103 GLU A O   1 
ATOM   662  C CB  . GLU A 1 111 ? -3.241  4.232   -13.730 1.00 36.96 ? 103 GLU A CB  1 
ATOM   663  C CG  . GLU A 1 111 ? -2.732  2.976   -13.059 1.00 37.18 ? 103 GLU A CG  1 
ATOM   664  C CD  . GLU A 1 111 ? -3.257  1.728   -13.741 1.00 37.06 ? 103 GLU A CD  1 
ATOM   665  O OE1 . GLU A 1 111 ? -4.199  1.110   -13.207 1.00 36.61 ? 103 GLU A OE1 1 
ATOM   666  O OE2 . GLU A 1 111 ? -2.733  1.372   -14.814 1.00 35.51 ? 103 GLU A OE2 1 
ATOM   667  N N   . ASP A 1 112 ? -0.546  5.355   -11.955 1.00 36.30 ? 104 ASP A N   1 
ATOM   668  C CA  . ASP A 1 112 ? 0.857   5.129   -11.611 1.00 36.13 ? 104 ASP A CA  1 
ATOM   669  C C   . ASP A 1 112 ? 1.232   3.671   -11.852 1.00 35.92 ? 104 ASP A C   1 
ATOM   670  O O   . ASP A 1 112 ? 0.437   2.777   -11.550 1.00 35.99 ? 104 ASP A O   1 
ATOM   671  C CB  . ASP A 1 112 ? 1.125   5.496   -10.147 1.00 35.83 ? 104 ASP A CB  1 
ATOM   672  C CG  . ASP A 1 112 ? 2.610   5.560   -9.820  1.00 36.52 ? 104 ASP A CG  1 
ATOM   673  O OD1 . ASP A 1 112 ? 3.226   6.632   -9.999  1.00 34.11 ? 104 ASP A OD1 1 
ATOM   674  O OD2 . ASP A 1 112 ? 3.162   4.536   -9.367  1.00 37.84 ? 104 ASP A OD2 1 
ATOM   675  N N   . PRO A 1 113 ? 2.437   3.426   -12.411 1.00 35.80 ? 105 PRO A N   1 
ATOM   676  C CA  . PRO A 1 113 ? 2.965   2.071   -12.601 1.00 35.73 ? 105 PRO A CA  1 
ATOM   677  C C   . PRO A 1 113 ? 2.849   1.134   -11.392 1.00 35.45 ? 105 PRO A C   1 
ATOM   678  O O   . PRO A 1 113 ? 2.691   -0.067  -11.582 1.00 35.72 ? 105 PRO A O   1 
ATOM   679  C CB  . PRO A 1 113 ? 4.434   2.323   -12.945 1.00 35.71 ? 105 PRO A CB  1 
ATOM   680  C CG  . PRO A 1 113 ? 4.395   3.621   -13.690 1.00 35.53 ? 105 PRO A CG  1 
ATOM   681  C CD  . PRO A 1 113 ? 3.360   4.444   -12.958 1.00 35.78 ? 105 PRO A CD  1 
ATOM   682  N N   . VAL A 1 114 ? 2.925   1.668   -10.173 1.00 35.45 ? 106 VAL A N   1 
ATOM   683  C CA  . VAL A 1 114 ? 2.783   0.844   -8.965  1.00 35.06 ? 106 VAL A CA  1 
ATOM   684  C C   . VAL A 1 114 ? 1.386   0.230   -8.927  1.00 35.35 ? 106 VAL A C   1 
ATOM   685  O O   . VAL A 1 114 ? 1.223   -0.950  -8.614  1.00 35.16 ? 106 VAL A O   1 
ATOM   686  C CB  . VAL A 1 114 ? 3.050   1.652   -7.662  1.00 35.16 ? 106 VAL A CB  1 
ATOM   687  C CG1 . VAL A 1 114 ? 2.600   0.873   -6.411  1.00 34.68 ? 106 VAL A CG1 1 
ATOM   688  C CG2 . VAL A 1 114 ? 4.529   2.037   -7.554  1.00 34.49 ? 106 VAL A CG2 1 
ATOM   689  N N   . TYR A 1 115 ? 0.387   1.040   -9.267  1.00 35.51 ? 107 TYR A N   1 
ATOM   690  C CA  . TYR A 1 115 ? -0.994  0.593   -9.241  1.00 35.85 ? 107 TYR A CA  1 
ATOM   691  C C   . TYR A 1 115 ? -1.371  -0.245  -10.454 1.00 35.99 ? 107 TYR A C   1 
ATOM   692  O O   . TYR A 1 115 ? -2.221  -1.140  -10.353 1.00 36.28 ? 107 TYR A O   1 
ATOM   693  C CB  . TYR A 1 115 ? -1.948  1.758   -8.960  1.00 35.74 ? 107 TYR A CB  1 
ATOM   694  C CG  . TYR A 1 115 ? -2.038  1.998   -7.469  1.00 35.99 ? 107 TYR A CG  1 
ATOM   695  C CD1 . TYR A 1 115 ? -3.112  1.508   -6.732  1.00 35.72 ? 107 TYR A CD1 1 
ATOM   696  C CD2 . TYR A 1 115 ? -1.010  2.651   -6.783  1.00 36.83 ? 107 TYR A CD2 1 
ATOM   697  C CE1 . TYR A 1 115 ? -3.181  1.691   -5.353  1.00 36.39 ? 107 TYR A CE1 1 
ATOM   698  C CE2 . TYR A 1 115 ? -1.066  2.838   -5.395  1.00 36.04 ? 107 TYR A CE2 1 
ATOM   699  C CZ  . TYR A 1 115 ? -2.152  2.358   -4.691  1.00 35.95 ? 107 TYR A CZ  1 
ATOM   700  O OH  . TYR A 1 115 ? -2.219  2.540   -3.328  1.00 35.35 ? 107 TYR A OH  1 
ATOM   701  N N   . LYS A 1 116 ? -0.714  0.014   -11.584 1.00 35.84 ? 108 LYS A N   1 
ATOM   702  C CA  . LYS A 1 116 ? -0.835  -0.869  -12.740 1.00 36.06 ? 108 LYS A CA  1 
ATOM   703  C C   . LYS A 1 116 ? -0.385  -2.283  -12.353 1.00 35.79 ? 108 LYS A C   1 
ATOM   704  O O   . LYS A 1 116 ? -1.107  -3.254  -12.582 1.00 35.45 ? 108 LYS A O   1 
ATOM   705  C CB  . LYS A 1 116 ? -0.017  -0.344  -13.925 1.00 35.99 ? 108 LYS A CB  1 
ATOM   706  C CG  . LYS A 1 116 ? -0.312  -1.051  -15.241 1.00 36.35 ? 108 LYS A CG  1 
ATOM   707  C CD  . LYS A 1 116 ? 0.588   -0.550  -16.361 1.00 36.48 ? 108 LYS A CD  1 
ATOM   708  C CE  . LYS A 1 116 ? 0.300   -1.266  -17.672 1.00 37.70 ? 108 LYS A CE  1 
ATOM   709  N NZ  . LYS A 1 116 ? 1.094   -0.693  -18.812 1.00 38.20 ? 108 LYS A NZ  1 
ATOM   710  N N   . PHE A 1 117 ? 0.799   -2.381  -11.747 1.00 35.63 ? 109 PHE A N   1 
ATOM   711  C CA  . PHE A 1 117 ? 1.344   -3.669  -11.319 1.00 35.43 ? 109 PHE A CA  1 
ATOM   712  C C   . PHE A 1 117 ? 0.474   -4.371  -10.276 1.00 35.47 ? 109 PHE A C   1 
ATOM   713  O O   . PHE A 1 117 ? 0.200   -5.566  -10.404 1.00 35.32 ? 109 PHE A O   1 
ATOM   714  C CB  . PHE A 1 117 ? 2.780   -3.535  -10.795 1.00 35.48 ? 109 PHE A CB  1 
ATOM   715  C CG  . PHE A 1 117 ? 3.267   -4.759  -10.067 1.00 35.31 ? 109 PHE A CG  1 
ATOM   716  C CD1 . PHE A 1 117 ? 3.657   -5.899  -10.774 1.00 35.32 ? 109 PHE A CD1 1 
ATOM   717  C CD2 . PHE A 1 117 ? 3.299   -4.789  -8.678  1.00 34.71 ? 109 PHE A CD2 1 
ATOM   718  C CE1 . PHE A 1 117 ? 4.092   -7.040  -10.103 1.00 35.09 ? 109 PHE A CE1 1 
ATOM   719  C CE2 . PHE A 1 117 ? 3.726   -5.927  -7.997  1.00 35.09 ? 109 PHE A CE2 1 
ATOM   720  C CZ  . PHE A 1 117 ? 4.128   -7.052  -8.711  1.00 35.65 ? 109 PHE A CZ  1 
ATOM   721  N N   . LEU A 1 118 ? 0.060   -3.637  -9.245  1.00 35.48 ? 110 LEU A N   1 
ATOM   722  C CA  . LEU A 1 118 ? -0.738  -4.219  -8.169  1.00 35.59 ? 110 LEU A CA  1 
ATOM   723  C C   . LEU A 1 118 ? -2.036  -4.822  -8.690  1.00 35.83 ? 110 LEU A C   1 
ATOM   724  O O   . LEU A 1 118 ? -2.353  -5.971  -8.379  1.00 36.40 ? 110 LEU A O   1 
ATOM   725  C CB  . LEU A 1 118 ? -0.998  -3.207  -7.046  1.00 35.56 ? 110 LEU A CB  1 
ATOM   726  C CG  . LEU A 1 118 ? 0.224   -2.826  -6.187  1.00 35.40 ? 110 LEU A CG  1 
ATOM   727  C CD1 . LEU A 1 118 ? -0.113  -1.700  -5.206  1.00 35.16 ? 110 LEU A CD1 1 
ATOM   728  C CD2 . LEU A 1 118 ? 0.805   -4.034  -5.446  1.00 35.99 ? 110 LEU A CD2 1 
ATOM   729  N N   . LYS A 1 119 ? -2.761  -4.069  -9.512  1.00 35.88 ? 111 LYS A N   1 
ATOM   730  C CA  . LYS A 1 119 ? -4.032  -4.541  -10.076 1.00 35.80 ? 111 LYS A CA  1 
ATOM   731  C C   . LYS A 1 119 ? -3.888  -5.754  -10.997 1.00 35.78 ? 111 LYS A C   1 
ATOM   732  O O   . LYS A 1 119 ? -4.808  -6.570  -11.092 1.00 36.05 ? 111 LYS A O   1 
ATOM   733  C CB  . LYS A 1 119 ? -4.771  -3.396  -10.770 1.00 35.74 ? 111 LYS A CB  1 
ATOM   734  C CG  . LYS A 1 119 ? -5.585  -2.550  -9.799  1.00 35.91 ? 111 LYS A CG  1 
ATOM   735  C CD  . LYS A 1 119 ? -5.390  -1.056  -10.017 1.00 36.30 ? 111 LYS A CD  1 
ATOM   736  C CE  . LYS A 1 119 ? -6.201  -0.541  -11.167 1.00 36.26 ? 111 LYS A CE  1 
ATOM   737  N NZ  . LYS A 1 119 ? -6.128  0.946   -11.298 1.00 35.18 ? 111 LYS A NZ  1 
ATOM   738  N N   . SER A 1 120 ? -2.736  -5.878  -11.661 1.00 35.61 ? 112 SER A N   1 
ATOM   739  C CA  . SER A 1 120 ? -2.451  -7.036  -12.519 1.00 35.50 ? 112 SER A CA  1 
ATOM   740  C C   . SER A 1 120 ? -2.272  -8.320  -11.709 1.00 35.45 ? 112 SER A C   1 
ATOM   741  O O   . SER A 1 120 ? -2.471  -9.422  -12.229 1.00 35.15 ? 112 SER A O   1 
ATOM   742  C CB  . SER A 1 120 ? -1.212  -6.794  -13.379 1.00 35.48 ? 112 SER A CB  1 
ATOM   743  O OG  . SER A 1 120 ? -0.023  -6.947  -12.618 1.00 36.07 ? 112 SER A OG  1 
ATOM   744  N N   . GLN A 1 121 ? -1.886  -8.169  -10.441 1.00 35.43 ? 113 GLN A N   1 
ATOM   745  C CA  . GLN A 1 121 ? -1.689  -9.309  -9.544  1.00 35.49 ? 113 GLN A CA  1 
ATOM   746  C C   . GLN A 1 121 ? -2.958  -9.666  -8.780  1.00 35.69 ? 113 GLN A C   1 
ATOM   747  O O   . GLN A 1 121 ? -3.225  -10.848 -8.523  1.00 35.74 ? 113 GLN A O   1 
ATOM   748  C CB  . GLN A 1 121 ? -0.553  -9.035  -8.547  1.00 35.46 ? 113 GLN A CB  1 
ATOM   749  C CG  . GLN A 1 121 ? 0.798   -8.698  -9.178  1.00 34.87 ? 113 GLN A CG  1 
ATOM   750  C CD  . GLN A 1 121 ? 1.269   -9.754  -10.155 1.00 35.07 ? 113 GLN A CD  1 
ATOM   751  O OE1 . GLN A 1 121 ? 1.336   -9.511  -11.357 1.00 35.75 ? 113 GLN A OE1 1 
ATOM   752  N NE2 . GLN A 1 121 ? 1.574   -10.940 -9.648  1.00 34.52 ? 113 GLN A NE2 1 
ATOM   753  N N   . LYS A 1 122 ? -3.732  -8.648  -8.402  1.00 35.78 ? 114 LYS A N   1 
ATOM   754  C CA  . LYS A 1 122 ? -4.931  -8.874  -7.594  1.00 36.04 ? 114 LYS A CA  1 
ATOM   755  C C   . LYS A 1 122 ? -6.101  -7.984  -8.029  1.00 35.65 ? 114 LYS A C   1 
ATOM   756  O O   . LYS A 1 122 ? -6.148  -6.796  -7.721  1.00 35.90 ? 114 LYS A O   1 
ATOM   757  C CB  . LYS A 1 122 ? -4.612  -8.712  -6.097  1.00 36.16 ? 114 LYS A CB  1 
ATOM   758  C CG  . LYS A 1 122 ? -5.008  -9.916  -5.211  1.00 37.95 ? 114 LYS A CG  1 
ATOM   759  C CD  . LYS A 1 122 ? -4.092  -11.139 -5.432  1.00 38.60 ? 114 LYS A CD  1 
ATOM   760  C CE  . LYS A 1 122 ? -4.460  -12.294 -4.522  1.00 39.33 ? 114 LYS A CE  1 
ATOM   761  N NZ  . LYS A 1 122 ? -3.864  -13.609 -4.942  1.00 40.42 ? 114 LYS A NZ  1 
ATOM   762  N N   . SER A 1 123 ? -7.024  -8.577  -8.780  1.00 35.28 ? 115 SER A N   1 
ATOM   763  C CA  . SER A 1 123 ? -8.286  -7.945  -9.167  1.00 34.83 ? 115 SER A CA  1 
ATOM   764  C C   . SER A 1 123 ? -9.335  -9.039  -9.278  1.00 34.57 ? 115 SER A C   1 
ATOM   765  O O   . SER A 1 123 ? -8.992  -10.203 -9.480  1.00 34.51 ? 115 SER A O   1 
ATOM   766  C CB  . SER A 1 123 ? -8.151  -7.238  -10.520 1.00 34.88 ? 115 SER A CB  1 
ATOM   767  O OG  . SER A 1 123 ? -7.533  -5.974  -10.389 1.00 34.78 ? 115 SER A OG  1 
ATOM   768  N N   . GLY A 1 124 ? -10.609 -8.670  -9.159  1.00 34.45 ? 116 GLY A N   1 
ATOM   769  C CA  . GLY A 1 124 ? -11.708 -9.616  -9.398  1.00 34.36 ? 116 GLY A CA  1 
ATOM   770  C C   . GLY A 1 124 ? -11.641 -10.167 -10.811 1.00 34.52 ? 116 GLY A C   1 
ATOM   771  O O   . GLY A 1 124 ? -11.108 -9.508  -11.709 1.00 34.07 ? 116 GLY A O   1 
ATOM   772  N N   . MET A 1 125 ? -12.167 -11.374 -11.007 1.00 34.44 ? 117 MET A N   1 
ATOM   773  C CA  . MET A 1 125 ? -12.165 -12.028 -12.323 1.00 35.22 ? 117 MET A CA  1 
ATOM   774  C C   . MET A 1 125 ? -13.016 -11.272 -13.347 1.00 34.70 ? 117 MET A C   1 
ATOM   775  O O   . MET A 1 125 ? -12.655 -11.183 -14.528 1.00 34.89 ? 117 MET A O   1 
ATOM   776  C CB  . MET A 1 125 ? -12.641 -13.484 -12.211 1.00 34.93 ? 117 MET A CB  1 
ATOM   777  C CG  . MET A 1 125 ? -11.655 -14.419 -11.508 1.00 35.63 ? 117 MET A CG  1 
ATOM   778  S SD  . MET A 1 125 ? -12.169 -16.153 -11.487 1.00 37.63 ? 117 MET A SD  1 
ATOM   779  C CE  . MET A 1 125 ? -12.225 -16.536 -13.237 1.00 36.05 ? 117 MET A CE  1 
ATOM   780  N N   . LEU A 1 126 ? -14.139 -10.726 -12.883 1.00 34.25 ? 118 LEU A N   1 
ATOM   781  C CA  . LEU A 1 126 ? -15.032 -9.927  -13.718 1.00 33.87 ? 118 LEU A CA  1 
ATOM   782  C C   . LEU A 1 126 ? -15.207 -8.532  -13.131 1.00 33.64 ? 118 LEU A C   1 
ATOM   783  O O   . LEU A 1 126 ? -14.909 -8.309  -11.962 1.00 32.90 ? 118 LEU A O   1 
ATOM   784  C CB  . LEU A 1 126 ? -16.395 -10.607 -13.850 1.00 33.87 ? 118 LEU A CB  1 
ATOM   785  C CG  . LEU A 1 126 ? -16.450 -12.005 -14.475 1.00 34.16 ? 118 LEU A CG  1 
ATOM   786  C CD1 . LEU A 1 126 ? -17.839 -12.602 -14.311 1.00 33.36 ? 118 LEU A CD1 1 
ATOM   787  C CD2 . LEU A 1 126 ? -16.045 -11.974 -15.948 1.00 33.66 ? 118 LEU A CD2 1 
ATOM   788  N N   . GLY A 1 127 ? -15.684 -7.600  -13.953 1.00 33.48 ? 119 GLY A N   1 
ATOM   789  C CA  . GLY A 1 127 ? -15.976 -6.240  -13.499 1.00 33.54 ? 119 GLY A CA  1 
ATOM   790  C C   . GLY A 1 127 ? -14.765 -5.345  -13.305 1.00 33.42 ? 119 GLY A C   1 
ATOM   791  O O   . GLY A 1 127 ? -13.670 -5.646  -13.779 1.00 33.10 ? 119 GLY A O   1 
ATOM   792  N N   . LEU A 1 128 ? -14.974 -4.246  -12.582 1.00 33.57 ? 120 LEU A N   1 
ATOM   793  C CA  . LEU A 1 128 ? -13.963 -3.208  -12.391 1.00 34.02 ? 120 LEU A CA  1 
ATOM   794  C C   . LEU A 1 128 ? -12.723 -3.711  -11.656 1.00 34.06 ? 120 LEU A C   1 
ATOM   795  O O   . LEU A 1 128 ? -12.822 -4.432  -10.661 1.00 33.69 ? 120 LEU A O   1 
ATOM   796  C CB  . LEU A 1 128 ? -14.560 -2.005  -11.646 1.00 34.06 ? 120 LEU A CB  1 
ATOM   797  C CG  . LEU A 1 128 ? -15.887 -1.419  -12.154 1.00 35.22 ? 120 LEU A CG  1 
ATOM   798  C CD1 . LEU A 1 128 ? -16.485 -0.489  -11.112 1.00 36.38 ? 120 LEU A CD1 1 
ATOM   799  C CD2 . LEU A 1 128 ? -15.727 -0.699  -13.483 1.00 34.72 ? 120 LEU A CD2 1 
ATOM   800  N N   . ARG A 1 129 ? -11.559 -3.325  -12.172 1.00 34.01 ? 121 ARG A N   1 
ATOM   801  C CA  . ARG A 1 129 ? -10.270 -3.621  -11.549 1.00 34.19 ? 121 ARG A CA  1 
ATOM   802  C C   . ARG A 1 129 ? -9.810  -2.443  -10.710 1.00 34.11 ? 121 ARG A C   1 
ATOM   803  O O   . ARG A 1 129 ? -9.006  -2.605  -9.792  1.00 34.38 ? 121 ARG A O   1 
ATOM   804  C CB  . ARG A 1 129 ? -9.211  -3.907  -12.615 1.00 34.14 ? 121 ARG A CB  1 
ATOM   805  C CG  . ARG A 1 129 ? -9.526  -5.111  -13.487 1.00 35.60 ? 121 ARG A CG  1 
ATOM   806  C CD  . ARG A 1 129 ? -8.668  -5.181  -14.745 1.00 36.07 ? 121 ARG A CD  1 
ATOM   807  N NE  . ARG A 1 129 ? -7.295  -5.578  -14.441 1.00 37.42 ? 121 ARG A NE  1 
ATOM   808  C CZ  . ARG A 1 129 ? -6.269  -4.735  -14.365 1.00 38.43 ? 121 ARG A CZ  1 
ATOM   809  N NH1 . ARG A 1 129 ? -5.061  -5.195  -14.077 1.00 39.32 ? 121 ARG A NH1 1 
ATOM   810  N NH2 . ARG A 1 129 ? -6.449  -3.435  -14.577 1.00 38.67 ? 121 ARG A NH2 1 
ATOM   811  N N   . GLY A 1 130 ? -10.323 -1.260  -11.029 1.00 33.96 ? 122 GLY A N   1 
ATOM   812  C CA  . GLY A 1 130 ? -9.882  -0.022  -10.403 1.00 33.88 ? 122 GLY A CA  1 
ATOM   813  C C   . GLY A 1 130 ? -10.092 0.045   -8.904  1.00 33.85 ? 122 GLY A C   1 
ATOM   814  O O   . GLY A 1 130 ? -10.844 -0.748  -8.331  1.00 33.45 ? 122 GLY A O   1 
ATOM   815  N N   . ILE A 1 131 ? -9.405  0.996   -8.276  1.00 33.89 ? 123 ILE A N   1 
ATOM   816  C CA  . ILE A 1 131 ? -9.562  1.278   -6.853  1.00 34.04 ? 123 ILE A CA  1 
ATOM   817  C C   . ILE A 1 131 ? -10.905 1.970   -6.650  1.00 34.04 ? 123 ILE A C   1 
ATOM   818  O O   . ILE A 1 131 ? -11.231 2.923   -7.362  1.00 33.93 ? 123 ILE A O   1 
ATOM   819  C CB  . ILE A 1 131 ? -8.410  2.177   -6.328  1.00 34.11 ? 123 ILE A CB  1 
ATOM   820  C CG1 . ILE A 1 131 ? -7.031  1.572   -6.669  1.00 34.43 ? 123 ILE A CG1 1 
ATOM   821  C CG2 . ILE A 1 131 ? -8.565  2.453   -4.821  1.00 33.80 ? 123 ILE A CG2 1 
ATOM   822  C CD1 . ILE A 1 131 ? -6.768  0.154   -6.102  1.00 34.74 ? 123 ILE A CD1 1 
ATOM   823  N N   . LYS A 1 132 ? -11.681 1.480   -5.688  1.00 34.15 ? 124 LYS A N   1 
ATOM   824  C CA  . LYS A 1 132 ? -13.052 1.961   -5.480  1.00 34.58 ? 124 LYS A CA  1 
ATOM   825  C C   . LYS A 1 132 ? -13.114 3.246   -4.654  1.00 34.18 ? 124 LYS A C   1 
ATOM   826  O O   . LYS A 1 132 ? -13.882 4.154   -4.978  1.00 34.10 ? 124 LYS A O   1 
ATOM   827  C CB  . LYS A 1 132 ? -13.930 0.873   -4.838  1.00 34.85 ? 124 LYS A CB  1 
ATOM   828  C CG  . LYS A 1 132 ? -14.670 -0.029  -5.825  1.00 37.05 ? 124 LYS A CG  1 
ATOM   829  C CD  . LYS A 1 132 ? -13.751 -1.080  -6.453  1.00 40.20 ? 124 LYS A CD  1 
ATOM   830  C CE  . LYS A 1 132 ? -14.478 -1.924  -7.502  1.00 40.57 ? 124 LYS A CE  1 
ATOM   831  N NZ  . LYS A 1 132 ? -15.350 -2.980  -6.898  1.00 41.15 ? 124 LYS A NZ  1 
ATOM   832  N N   . TRP A 1 133 ? -12.319 3.312   -3.585  1.00 33.76 ? 125 TRP A N   1 
ATOM   833  C CA  . TRP A 1 133 ? -12.313 4.482   -2.711  1.00 33.53 ? 125 TRP A CA  1 
ATOM   834  C C   . TRP A 1 133 ? -10.983 4.648   -1.978  1.00 33.20 ? 125 TRP A C   1 
ATOM   835  O O   . TRP A 1 133 ? -10.059 3.853   -2.159  1.00 33.10 ? 125 TRP A O   1 
ATOM   836  C CB  . TRP A 1 133 ? -13.486 4.422   -1.715  1.00 33.58 ? 125 TRP A CB  1 
ATOM   837  C CG  . TRP A 1 133 ? -14.152 5.758   -1.504  1.00 33.79 ? 125 TRP A CG  1 
ATOM   838  C CD1 . TRP A 1 133 ? -14.925 6.442   -2.407  1.00 34.09 ? 125 TRP A CD1 1 
ATOM   839  C CD2 . TRP A 1 133 ? -14.102 6.570   -0.324  1.00 33.57 ? 125 TRP A CD2 1 
ATOM   840  N NE1 . TRP A 1 133 ? -15.356 7.628   -1.860  1.00 34.18 ? 125 TRP A NE1 1 
ATOM   841  C CE2 . TRP A 1 133 ? -14.867 7.732   -0.583  1.00 33.99 ? 125 TRP A CE2 1 
ATOM   842  C CE3 . TRP A 1 133 ? -13.488 6.427   0.929   1.00 33.93 ? 125 TRP A CE3 1 
ATOM   843  C CZ2 . TRP A 1 133 ? -15.034 8.749   0.366   1.00 34.08 ? 125 TRP A CZ2 1 
ATOM   844  C CZ3 . TRP A 1 133 ? -13.652 7.441   1.873   1.00 34.03 ? 125 TRP A CZ3 1 
ATOM   845  C CH2 . TRP A 1 133 ? -14.420 8.586   1.585   1.00 34.11 ? 125 TRP A CH2 1 
ATOM   846  N N   . ASN A 1 134 ? -10.888 5.696   -1.165  1.00 32.97 ? 126 ASN A N   1 
ATOM   847  C CA  . ASN A 1 134 ? -9.738  5.910   -0.288  1.00 32.86 ? 126 ASN A CA  1 
ATOM   848  C C   . ASN A 1 134 ? -9.431  4.691   0.576   1.00 33.14 ? 126 ASN A C   1 
ATOM   849  O O   . ASN A 1 134 ? -10.344 3.968   0.977   1.00 33.07 ? 126 ASN A O   1 
ATOM   850  C CB  . ASN A 1 134 ? -9.987  7.114   0.618   1.00 32.55 ? 126 ASN A CB  1 
ATOM   851  C CG  . ASN A 1 134 ? -10.043 8.420   -0.144  1.00 32.27 ? 126 ASN A CG  1 
ATOM   852  O OD1 . ASN A 1 134 ? -9.213  8.681   -1.017  1.00 31.28 ? 126 ASN A OD1 1 
ATOM   853  N ND2 . ASN A 1 134 ? -11.021 9.255   0.189   1.00 31.76 ? 126 ASN A ND2 1 
ATOM   854  N N   . PHE A 1 135 ? -8.145  4.465   0.846   1.00 33.28 ? 127 PHE A N   1 
ATOM   855  C CA  . PHE A 1 135 ? -7.686  3.454   1.822   1.00 33.79 ? 127 PHE A CA  1 
ATOM   856  C C   . PHE A 1 135 ? -7.912  1.990   1.432   1.00 34.08 ? 127 PHE A C   1 
ATOM   857  O O   . PHE A 1 135 ? -8.112  1.134   2.296   1.00 34.28 ? 127 PHE A O   1 
ATOM   858  C CB  . PHE A 1 135 ? -8.238  3.737   3.232   1.00 33.59 ? 127 PHE A CB  1 
ATOM   859  C CG  . PHE A 1 135 ? -7.958  5.127   3.723   1.00 33.72 ? 127 PHE A CG  1 
ATOM   860  C CD1 . PHE A 1 135 ? -6.682  5.484   4.152   1.00 33.74 ? 127 PHE A CD1 1 
ATOM   861  C CD2 . PHE A 1 135 ? -8.968  6.080   3.756   1.00 33.41 ? 127 PHE A CD2 1 
ATOM   862  C CE1 . PHE A 1 135 ? -6.417  6.777   4.604   1.00 33.96 ? 127 PHE A CE1 1 
ATOM   863  C CE2 . PHE A 1 135 ? -8.717  7.373   4.205   1.00 33.70 ? 127 PHE A CE2 1 
ATOM   864  C CZ  . PHE A 1 135 ? -7.439  7.723   4.629   1.00 33.89 ? 127 PHE A CZ  1 
ATOM   865  N N   . GLU A 1 136 ? -7.864  1.702   0.137   1.00 34.39 ? 128 GLU A N   1 
ATOM   866  C CA  . GLU A 1 136 ? -7.754  0.325   -0.327  1.00 34.97 ? 128 GLU A CA  1 
ATOM   867  C C   . GLU A 1 136 ? -6.314  -0.148  -0.066  1.00 35.14 ? 128 GLU A C   1 
ATOM   868  O O   . GLU A 1 136 ? -5.375  0.653   -0.110  1.00 34.97 ? 128 GLU A O   1 
ATOM   869  C CB  . GLU A 1 136 ? -8.118  0.230   -1.810  1.00 35.10 ? 128 GLU A CB  1 
ATOM   870  C CG  . GLU A 1 136 ? -8.769  -1.078  -2.191  1.00 36.00 ? 128 GLU A CG  1 
ATOM   871  C CD  . GLU A 1 136 ? -9.549  -1.019  -3.496  1.00 36.24 ? 128 GLU A CD  1 
ATOM   872  O OE1 . GLU A 1 136 ? -9.177  -1.758  -4.421  1.00 37.64 ? 128 GLU A OE1 1 
ATOM   873  O OE2 . GLU A 1 136 ? -10.534 -0.260  -3.604  1.00 36.28 ? 128 GLU A OE2 1 
ATOM   874  N N   . LYS A 1 137 ? -6.154  -1.439  0.218   1.00 35.47 ? 129 LYS A N   1 
ATOM   875  C CA  . LYS A 1 137 ? -4.896  -1.986  0.740   1.00 35.61 ? 129 LYS A CA  1 
ATOM   876  C C   . LYS A 1 137 ? -4.441  -3.245  0.002   1.00 35.79 ? 129 LYS A C   1 
ATOM   877  O O   . LYS A 1 137 ? -5.249  -4.141  -0.293  1.00 35.93 ? 129 LYS A O   1 
ATOM   878  C CB  . LYS A 1 137 ? -5.047  -2.316  2.229   1.00 35.93 ? 129 LYS A CB  1 
ATOM   879  C CG  . LYS A 1 137 ? -5.522  -1.158  3.108   1.00 36.48 ? 129 LYS A CG  1 
ATOM   880  C CD  . LYS A 1 137 ? -6.329  -1.671  4.281   1.00 37.37 ? 129 LYS A CD  1 
ATOM   881  C CE  . LYS A 1 137 ? -6.979  -0.532  5.059   1.00 38.25 ? 129 LYS A CE  1 
ATOM   882  N NZ  . LYS A 1 137 ? -8.365  -0.236  4.603   1.00 36.61 ? 129 LYS A NZ  1 
ATOM   883  N N   . PHE A 1 138 ? -3.145  -3.301  -0.291  1.00 35.57 ? 130 PHE A N   1 
ATOM   884  C CA  . PHE A 1 138 ? -2.513  -4.473  -0.887  1.00 35.59 ? 130 PHE A CA  1 
ATOM   885  C C   . PHE A 1 138 ? -1.401  -4.937  0.041   1.00 35.74 ? 130 PHE A C   1 
ATOM   886  O O   . PHE A 1 138 ? -0.559  -4.140  0.455   1.00 35.60 ? 130 PHE A O   1 
ATOM   887  C CB  . PHE A 1 138 ? -1.888  -4.143  -2.246  1.00 35.59 ? 130 PHE A CB  1 
ATOM   888  C CG  . PHE A 1 138 ? -2.875  -3.750  -3.315  1.00 35.96 ? 130 PHE A CG  1 
ATOM   889  C CD1 . PHE A 1 138 ? -3.391  -2.454  -3.374  1.00 36.57 ? 130 PHE A CD1 1 
ATOM   890  C CD2 . PHE A 1 138 ? -3.232  -4.656  -4.310  1.00 35.22 ? 130 PHE A CD2 1 
ATOM   891  C CE1 . PHE A 1 138 ? -4.280  -2.084  -4.386  1.00 35.74 ? 130 PHE A CE1 1 
ATOM   892  C CE2 . PHE A 1 138 ? -4.110  -4.290  -5.325  1.00 35.96 ? 130 PHE A CE2 1 
ATOM   893  C CZ  . PHE A 1 138 ? -4.642  -3.006  -5.359  1.00 35.37 ? 130 PHE A CZ  1 
ATOM   894  N N   . LEU A 1 139 ? -1.396  -6.227  0.359   1.00 35.46 ? 131 LEU A N   1 
ATOM   895  C CA  . LEU A 1 139 ? -0.359  -6.801  1.201   1.00 35.31 ? 131 LEU A CA  1 
ATOM   896  C C   . LEU A 1 139 ? 0.625   -7.571  0.324   1.00 35.12 ? 131 LEU A C   1 
ATOM   897  O O   . LEU A 1 139 ? 0.220   -8.412  -0.485  1.00 34.97 ? 131 LEU A O   1 
ATOM   898  C CB  . LEU A 1 139 ? -1.000  -7.707  2.255   1.00 35.35 ? 131 LEU A CB  1 
ATOM   899  C CG  . LEU A 1 139 ? -0.355  -7.973  3.615   1.00 35.76 ? 131 LEU A CG  1 
ATOM   900  C CD1 . LEU A 1 139 ? 0.188   -6.714  4.298   1.00 36.15 ? 131 LEU A CD1 1 
ATOM   901  C CD2 . LEU A 1 139 ? -1.371  -8.674  4.506   1.00 35.59 ? 131 LEU A CD2 1 
ATOM   902  N N   . VAL A 1 140 ? 1.914   -7.268  0.481   1.00 34.89 ? 132 VAL A N   1 
ATOM   903  C CA  . VAL A 1 140 ? 2.976   -7.857  -0.333  1.00 34.93 ? 132 VAL A CA  1 
ATOM   904  C C   . VAL A 1 140 ? 3.928   -8.753  0.479   1.00 35.23 ? 132 VAL A C   1 
ATOM   905  O O   . VAL A 1 140 ? 4.334   -8.417  1.594   1.00 35.04 ? 132 VAL A O   1 
ATOM   906  C CB  . VAL A 1 140 ? 3.769   -6.755  -1.105  1.00 34.95 ? 132 VAL A CB  1 
ATOM   907  C CG1 . VAL A 1 140 ? 4.883   -7.357  -1.950  1.00 35.14 ? 132 VAL A CG1 1 
ATOM   908  C CG2 . VAL A 1 140 ? 2.826   -5.932  -1.986  1.00 34.92 ? 132 VAL A CG2 1 
ATOM   909  N N   . ASP A 1 141 ? 4.254   -9.896  -0.125  1.00 35.60 ? 133 ASP A N   1 
ATOM   910  C CA  . ASP A 1 141 ? 5.211   -10.919 0.337   1.00 35.92 ? 133 ASP A CA  1 
ATOM   911  C C   . ASP A 1 141 ? 6.586   -10.368 0.735   1.00 35.73 ? 133 ASP A C   1 
ATOM   912  O O   . ASP A 1 141 ? 6.960   -9.259  0.341   1.00 35.50 ? 133 ASP A O   1 
ATOM   913  C CB  . ASP A 1 141 ? 5.448   -11.861 -0.856  1.00 36.14 ? 133 ASP A CB  1 
ATOM   914  C CG  . ASP A 1 141 ? 5.568   -13.305 -0.471  1.00 37.04 ? 133 ASP A CG  1 
ATOM   915  O OD1 . ASP A 1 141 ? 6.558   -13.667 0.195   1.00 39.96 ? 133 ASP A OD1 1 
ATOM   916  O OD2 . ASP A 1 141 ? 4.690   -14.091 -0.878  1.00 37.29 ? 133 ASP A OD2 1 
ATOM   917  N N   . LYS A 1 142 ? 7.341   -11.169 1.492   1.00 35.34 ? 134 LYS A N   1 
ATOM   918  C CA  . LYS A 1 142 ? 8.773   -10.926 1.706   1.00 35.22 ? 134 LYS A CA  1 
ATOM   919  C C   . LYS A 1 142 ? 9.602   -11.218 0.445   1.00 34.95 ? 134 LYS A C   1 
ATOM   920  O O   . LYS A 1 142 ? 10.749  -10.774 0.329   1.00 34.78 ? 134 LYS A O   1 
ATOM   921  C CB  . LYS A 1 142 ? 9.304   -11.758 2.875   1.00 35.18 ? 134 LYS A CB  1 
ATOM   922  C CG  . LYS A 1 142 ? 9.016   -11.164 4.241   1.00 35.71 ? 134 LYS A CG  1 
ATOM   923  C CD  . LYS A 1 142 ? 9.680   -11.966 5.348   1.00 36.86 ? 134 LYS A CD  1 
ATOM   924  C CE  . LYS A 1 142 ? 9.570   -11.253 6.691   1.00 38.33 ? 134 LYS A CE  1 
ATOM   925  N NZ  . LYS A 1 142 ? 10.378  -9.991  6.761   1.00 38.47 ? 134 LYS A NZ  1 
ATOM   926  N N   . LYS A 1 143 ? 9.018   -11.978 -0.480  1.00 34.62 ? 135 LYS A N   1 
ATOM   927  C CA  . LYS A 1 143 ? 9.655   -12.293 -1.759  1.00 34.50 ? 135 LYS A CA  1 
ATOM   928  C C   . LYS A 1 143 ? 9.150   -11.363 -2.870  1.00 34.35 ? 135 LYS A C   1 
ATOM   929  O O   . LYS A 1 143 ? 9.607   -11.442 -4.014  1.00 34.53 ? 135 LYS A O   1 
ATOM   930  C CB  . LYS A 1 143 ? 9.430   -13.763 -2.139  1.00 34.42 ? 135 LYS A CB  1 
ATOM   931  C CG  . LYS A 1 143 ? 10.084  -14.778 -1.199  1.00 34.53 ? 135 LYS A CG  1 
ATOM   932  C CD  . LYS A 1 143 ? 9.792   -16.209 -1.645  1.00 34.56 ? 135 LYS A CD  1 
ATOM   933  C CE  . LYS A 1 143 ? 10.173  -17.241 -0.584  1.00 34.72 ? 135 LYS A CE  1 
ATOM   934  N NZ  . LYS A 1 143 ? 11.646  -17.431 -0.439  1.00 34.62 ? 135 LYS A NZ  1 
ATOM   935  N N   . GLY A 1 144 ? 8.208   -10.489 -2.524  1.00 34.17 ? 136 GLY A N   1 
ATOM   936  C CA  . GLY A 1 144 ? 7.705   -9.466  -3.442  1.00 34.08 ? 136 GLY A CA  1 
ATOM   937  C C   . GLY A 1 144 ? 6.425   -9.820  -4.174  1.00 33.89 ? 136 GLY A C   1 
ATOM   938  O O   . GLY A 1 144 ? 6.012   -9.104  -5.082  1.00 33.89 ? 136 GLY A O   1 
ATOM   939  N N   . LYS A 1 145 ? 5.800   -10.924 -3.778  1.00 33.69 ? 137 LYS A N   1 
ATOM   940  C CA  . LYS A 1 145 ? 4.565   -11.394 -4.398  1.00 33.70 ? 137 LYS A CA  1 
ATOM   941  C C   . LYS A 1 145 ? 3.339   -10.854 -3.664  1.00 33.48 ? 137 LYS A C   1 
ATOM   942  O O   . LYS A 1 145 ? 3.242   -10.948 -2.438  1.00 33.29 ? 137 LYS A O   1 
ATOM   943  C CB  . LYS A 1 145 ? 4.539   -12.928 -4.439  1.00 33.66 ? 137 LYS A CB  1 
ATOM   944  C CG  . LYS A 1 145 ? 5.637   -13.541 -5.302  1.00 33.97 ? 137 LYS A CG  1 
ATOM   945  C CD  . LYS A 1 145 ? 5.574   -15.059 -5.300  1.00 34.19 ? 137 LYS A CD  1 
ATOM   946  C CE  . LYS A 1 145 ? 6.782   -15.678 -6.008  1.00 35.14 ? 137 LYS A CE  1 
ATOM   947  N NZ  . LYS A 1 145 ? 6.712   -15.568 -7.501  1.00 35.22 ? 137 LYS A NZ  1 
ATOM   948  N N   . VAL A 1 146 ? 2.404   -10.286 -4.419  1.00 33.27 ? 138 VAL A N   1 
ATOM   949  C CA  . VAL A 1 146 ? 1.185   -9.737  -3.833  1.00 33.27 ? 138 VAL A CA  1 
ATOM   950  C C   . VAL A 1 146 ? 0.335   -10.872 -3.253  1.00 33.36 ? 138 VAL A C   1 
ATOM   951  O O   . VAL A 1 146 ? -0.044  -11.810 -3.961  1.00 33.33 ? 138 VAL A O   1 
ATOM   952  C CB  . VAL A 1 146 ? 0.377   -8.896  -4.848  1.00 33.33 ? 138 VAL A CB  1 
ATOM   953  C CG1 . VAL A 1 146 ? -0.793  -8.209  -4.156  1.00 33.42 ? 138 VAL A CG1 1 
ATOM   954  C CG2 . VAL A 1 146 ? 1.277   -7.856  -5.536  1.00 33.37 ? 138 VAL A CG2 1 
ATOM   955  N N   . TYR A 1 147 ? 0.068   -10.781 -1.952  1.00 33.42 ? 139 TYR A N   1 
ATOM   956  C CA  . TYR A 1 147 ? -0.664  -11.814 -1.224  1.00 33.50 ? 139 TYR A CA  1 
ATOM   957  C C   . TYR A 1 147 ? -2.175  -11.645 -1.357  1.00 33.73 ? 139 TYR A C   1 
ATOM   958  O O   . TYR A 1 147 ? -2.893  -12.616 -1.617  1.00 33.87 ? 139 TYR A O   1 
ATOM   959  C CB  . TYR A 1 147 ? -0.259  -11.819 0.256   1.00 33.14 ? 139 TYR A CB  1 
ATOM   960  C CG  . TYR A 1 147 ? -0.973  -12.868 1.083   1.00 33.12 ? 139 TYR A CG  1 
ATOM   961  C CD1 . TYR A 1 147 ? -2.041  -12.521 1.914   1.00 32.45 ? 139 TYR A CD1 1 
ATOM   962  C CD2 . TYR A 1 147 ? -0.590  -14.210 1.027   1.00 32.58 ? 139 TYR A CD2 1 
ATOM   963  C CE1 . TYR A 1 147 ? -2.706  -13.482 2.670   1.00 32.90 ? 139 TYR A CE1 1 
ATOM   964  C CE2 . TYR A 1 147 ? -1.250  -15.183 1.786   1.00 32.79 ? 139 TYR A CE2 1 
ATOM   965  C CZ  . TYR A 1 147 ? -2.307  -14.808 2.604   1.00 32.99 ? 139 TYR A CZ  1 
ATOM   966  O OH  . TYR A 1 147 ? -2.964  -15.756 3.358   1.00 33.80 ? 139 TYR A OH  1 
ATOM   967  N N   . GLU A 1 148 ? -2.649  -10.414 -1.167  1.00 34.05 ? 140 GLU A N   1 
ATOM   968  C CA  . GLU A 1 148 ? -4.081  -10.123 -1.190  1.00 34.51 ? 140 GLU A CA  1 
ATOM   969  C C   . GLU A 1 148 ? -4.382  -8.627  -1.250  1.00 34.66 ? 140 GLU A C   1 
ATOM   970  O O   . GLU A 1 148 ? -3.600  -7.791  -0.780  1.00 34.71 ? 140 GLU A O   1 
ATOM   971  C CB  . GLU A 1 148 ? -4.780  -10.755 0.028   1.00 34.66 ? 140 GLU A CB  1 
ATOM   972  C CG  . GLU A 1 148 ? -6.316  -10.763 -0.010  1.00 35.61 ? 140 GLU A CG  1 
ATOM   973  C CD  . GLU A 1 148 ? -6.889  -11.381 -1.279  1.00 36.19 ? 140 GLU A CD  1 
ATOM   974  O OE1 . GLU A 1 148 ? -7.264  -12.565 -1.226  1.00 35.32 ? 140 GLU A OE1 1 
ATOM   975  O OE2 . GLU A 1 148 ? -6.952  -10.690 -2.328  1.00 37.05 ? 140 GLU A OE2 1 
ATOM   976  N N   . ARG A 1 149 ? -5.531  -8.318  -1.846  1.00 34.79 ? 141 ARG A N   1 
ATOM   977  C CA  . ARG A 1 149 ? -6.084  -6.976  -1.926  1.00 34.88 ? 141 ARG A CA  1 
ATOM   978  C C   . ARG A 1 149 ? -7.302  -6.879  -0.996  1.00 35.13 ? 141 ARG A C   1 
ATOM   979  O O   . ARG A 1 149 ? -8.163  -7.765  -0.987  1.00 34.49 ? 141 ARG A O   1 
ATOM   980  C CB  . ARG A 1 149 ? -6.480  -6.698  -3.373  1.00 34.92 ? 141 ARG A CB  1 
ATOM   981  C CG  . ARG A 1 149 ? -7.083  -5.341  -3.668  1.00 35.07 ? 141 ARG A CG  1 
ATOM   982  C CD  . ARG A 1 149 ? -7.527  -5.324  -5.128  1.00 35.43 ? 141 ARG A CD  1 
ATOM   983  N NE  . ARG A 1 149 ? -8.157  -4.073  -5.523  1.00 34.68 ? 141 ARG A NE  1 
ATOM   984  C CZ  . ARG A 1 149 ? -8.313  -3.681  -6.784  1.00 34.36 ? 141 ARG A CZ  1 
ATOM   985  N NH1 . ARG A 1 149 ? -7.864  -4.430  -7.782  1.00 33.67 ? 141 ARG A NH1 1 
ATOM   986  N NH2 . ARG A 1 149 ? -8.914  -2.529  -7.048  1.00 34.54 ? 141 ARG A NH2 1 
ATOM   987  N N   . TYR A 1 150 ? -7.366  -5.805  -0.216  1.00 35.44 ? 142 TYR A N   1 
ATOM   988  C CA  . TYR A 1 150 ? -8.441  -5.612  0.758   1.00 35.89 ? 142 TYR A CA  1 
ATOM   989  C C   . TYR A 1 150 ? -9.173  -4.312  0.485   1.00 36.10 ? 142 TYR A C   1 
ATOM   990  O O   . TYR A 1 150 ? -8.567  -3.327  0.068   1.00 35.99 ? 142 TYR A O   1 
ATOM   991  C CB  . TYR A 1 150 ? -7.877  -5.594  2.179   1.00 36.19 ? 142 TYR A CB  1 
ATOM   992  C CG  . TYR A 1 150 ? -7.075  -6.825  2.525   1.00 36.65 ? 142 TYR A CG  1 
ATOM   993  C CD1 . TYR A 1 150 ? -5.695  -6.859  2.322   1.00 36.66 ? 142 TYR A CD1 1 
ATOM   994  C CD2 . TYR A 1 150 ? -7.700  -7.963  3.044   1.00 37.34 ? 142 TYR A CD2 1 
ATOM   995  C CE1 . TYR A 1 150 ? -4.956  -7.995  2.632   1.00 37.23 ? 142 TYR A CE1 1 
ATOM   996  C CE2 . TYR A 1 150 ? -6.969  -9.103  3.357   1.00 37.16 ? 142 TYR A CE2 1 
ATOM   997  C CZ  . TYR A 1 150 ? -5.599  -9.109  3.150   1.00 36.41 ? 142 TYR A CZ  1 
ATOM   998  O OH  . TYR A 1 150 ? -4.869  -10.230 3.455   1.00 36.70 ? 142 TYR A OH  1 
ATOM   999  N N   . SER A 1 151 ? -10.477 -4.306  0.738   1.00 36.41 ? 143 SER A N   1 
ATOM   1000 C CA  . SER A 1 151 ? -11.297 -3.127  0.478   1.00 36.77 ? 143 SER A CA  1 
ATOM   1001 C C   . SER A 1 151 ? -11.013 -1.986  1.460   1.00 36.86 ? 143 SER A C   1 
ATOM   1002 O O   . SER A 1 151 ? -10.390 -2.186  2.507   1.00 36.80 ? 143 SER A O   1 
ATOM   1003 C CB  . SER A 1 151 ? -12.780 -3.494  0.508   1.00 36.76 ? 143 SER A CB  1 
ATOM   1004 O OG  . SER A 1 151 ? -13.166 -3.863  1.815   1.00 36.89 ? 143 SER A OG  1 
ATOM   1005 N N   . SER A 1 152 ? -11.495 -0.795  1.114   1.00 37.11 ? 144 SER A N   1 
ATOM   1006 C CA  . SER A 1 152 ? -11.367 0.396   1.961   1.00 37.63 ? 144 SER A CA  1 
ATOM   1007 C C   . SER A 1 152 ? -12.005 0.265   3.348   1.00 37.88 ? 144 SER A C   1 
ATOM   1008 O O   . SER A 1 152 ? -11.589 0.947   4.286   1.00 37.98 ? 144 SER A O   1 
ATOM   1009 C CB  . SER A 1 152 ? -11.938 1.624   1.243   1.00 37.53 ? 144 SER A CB  1 
ATOM   1010 O OG  . SER A 1 152 ? -13.061 1.286   0.449   1.00 38.57 ? 144 SER A OG  1 
ATOM   1011 N N   . LEU A 1 153 ? -13.004 -0.606  3.476   1.00 37.99 ? 145 LEU A N   1 
ATOM   1012 C CA  . LEU A 1 153 ? -13.716 -0.766  4.743   1.00 38.31 ? 145 LEU A CA  1 
ATOM   1013 C C   . LEU A 1 153 ? -13.020 -1.695  5.737   1.00 38.31 ? 145 LEU A C   1 
ATOM   1014 O O   . LEU A 1 153 ? -13.308 -1.638  6.941   1.00 38.36 ? 145 LEU A O   1 
ATOM   1015 C CB  . LEU A 1 153 ? -15.165 -1.225  4.512   1.00 38.54 ? 145 LEU A CB  1 
ATOM   1016 C CG  . LEU A 1 153 ? -16.119 -0.253  3.804   1.00 39.04 ? 145 LEU A CG  1 
ATOM   1017 C CD1 . LEU A 1 153 ? -17.483 -0.905  3.585   1.00 39.79 ? 145 LEU A CD1 1 
ATOM   1018 C CD2 . LEU A 1 153 ? -16.263 1.067   4.569   1.00 39.11 ? 145 LEU A CD2 1 
ATOM   1019 N N   . THR A 1 154 ? -12.119 -2.552  5.255   1.00 38.09 ? 146 THR A N   1 
ATOM   1020 C CA  . THR A 1 154 ? -11.437 -3.463  6.172   1.00 38.07 ? 146 THR A CA  1 
ATOM   1021 C C   . THR A 1 154 ? -10.382 -2.674  6.926   1.00 37.65 ? 146 THR A C   1 
ATOM   1022 O O   . THR A 1 154 ? -9.508  -2.051  6.322   1.00 37.44 ? 146 THR A O   1 
ATOM   1023 C CB  . THR A 1 154 ? -10.843 -4.754  5.507   1.00 38.08 ? 146 THR A CB  1 
ATOM   1024 O OG1 . THR A 1 154 ? -9.416  -4.765  5.604   1.00 39.28 ? 146 THR A OG1 1 
ATOM   1025 C CG2 . THR A 1 154 ? -11.269 -4.906  4.083   1.00 37.84 ? 146 THR A CG2 1 
ATOM   1026 N N   . LYS A 1 155 ? -10.500 -2.685  8.249   1.00 37.20 ? 147 LYS A N   1 
ATOM   1027 C CA  . LYS A 1 155 ? -9.639  -1.891  9.113   1.00 37.07 ? 147 LYS A CA  1 
ATOM   1028 C C   . LYS A 1 155 ? -8.229  -2.485  9.150   1.00 36.63 ? 147 LYS A C   1 
ATOM   1029 O O   . LYS A 1 155 ? -8.074  -3.705  9.102   1.00 36.34 ? 147 LYS A O   1 
ATOM   1030 C CB  . LYS A 1 155 ? -10.241 -1.773  10.516  1.00 37.18 ? 147 LYS A CB  1 
ATOM   1031 C CG  . LYS A 1 155 ? -11.753 -1.530  10.520  1.00 38.64 ? 147 LYS A CG  1 
ATOM   1032 C CD  . LYS A 1 155 ? -12.160 -0.349  11.404  1.00 40.87 ? 147 LYS A CD  1 
ATOM   1033 C CE  . LYS A 1 155 ? -12.056 0.982   10.639  1.00 41.81 ? 147 LYS A CE  1 
ATOM   1034 N NZ  . LYS A 1 155 ? -12.607 2.141   11.408  1.00 42.31 ? 147 LYS A NZ  1 
ATOM   1035 N N   . PRO A 1 156 ? -7.194  -1.619  9.190   1.00 36.25 ? 148 PRO A N   1 
ATOM   1036 C CA  . PRO A 1 156 ? -5.808  -2.087  9.198   1.00 36.13 ? 148 PRO A CA  1 
ATOM   1037 C C   . PRO A 1 156 ? -5.526  -3.114  10.294  1.00 35.97 ? 148 PRO A C   1 
ATOM   1038 O O   . PRO A 1 156 ? -4.821  -4.093  10.050  1.00 35.73 ? 148 PRO A O   1 
ATOM   1039 C CB  . PRO A 1 156 ? -5.008  -0.798  9.438   1.00 36.30 ? 148 PRO A CB  1 
ATOM   1040 C CG  . PRO A 1 156 ? -5.859  0.265   8.858   1.00 35.97 ? 148 PRO A CG  1 
ATOM   1041 C CD  . PRO A 1 156 ? -7.265  -0.146  9.203   1.00 36.25 ? 148 PRO A CD  1 
ATOM   1042 N N   . SER A 1 157 ? -6.088  -2.896  11.482  1.00 36.26 ? 149 SER A N   1 
ATOM   1043 C CA  . SER A 1 157 ? -5.938  -3.818  12.612  1.00 36.24 ? 149 SER A CA  1 
ATOM   1044 C C   . SER A 1 157 ? -6.388  -5.249  12.286  1.00 36.27 ? 149 SER A C   1 
ATOM   1045 O O   . SER A 1 157 ? -5.822  -6.218  12.799  1.00 36.48 ? 149 SER A O   1 
ATOM   1046 C CB  . SER A 1 157 ? -6.705  -3.288  13.827  1.00 36.40 ? 149 SER A CB  1 
ATOM   1047 O OG  . SER A 1 157 ? -8.084  -3.120  13.527  1.00 36.76 ? 149 SER A OG  1 
ATOM   1048 N N   . SER A 1 158 ? -7.398  -5.376  11.427  1.00 36.04 ? 150 SER A N   1 
ATOM   1049 C CA  . SER A 1 158 ? -7.931  -6.684  11.021  1.00 35.82 ? 150 SER A CA  1 
ATOM   1050 C C   . SER A 1 158 ? -6.939  -7.534  10.212  1.00 35.49 ? 150 SER A C   1 
ATOM   1051 O O   . SER A 1 158 ? -7.126  -8.747  10.059  1.00 35.24 ? 150 SER A O   1 
ATOM   1052 C CB  . SER A 1 158 ? -9.225  -6.493  10.231  1.00 36.10 ? 150 SER A CB  1 
ATOM   1053 O OG  . SER A 1 158 ? -10.273 -6.079  11.094  1.00 37.29 ? 150 SER A OG  1 
ATOM   1054 N N   . LEU A 1 159 ? -5.892  -6.879  9.709   1.00 34.70 ? 151 LEU A N   1 
ATOM   1055 C CA  . LEU A 1 159 ? -4.852  -7.496  8.887   1.00 34.48 ? 151 LEU A CA  1 
ATOM   1056 C C   . LEU A 1 159 ? -3.656  -8.000  9.700   1.00 34.17 ? 151 LEU A C   1 
ATOM   1057 O O   . LEU A 1 159 ? -2.736  -8.603  9.138   1.00 34.01 ? 151 LEU A O   1 
ATOM   1058 C CB  . LEU A 1 159 ? -4.338  -6.469  7.864   1.00 34.26 ? 151 LEU A CB  1 
ATOM   1059 C CG  . LEU A 1 159 ? -4.869  -6.355  6.429   1.00 35.55 ? 151 LEU A CG  1 
ATOM   1060 C CD1 . LEU A 1 159 ? -6.371  -6.612  6.287   1.00 34.86 ? 151 LEU A CD1 1 
ATOM   1061 C CD2 . LEU A 1 159 ? -4.475  -4.993  5.838   1.00 34.76 ? 151 LEU A CD2 1 
ATOM   1062 N N   . SER A 1 160 ? -3.660  -7.743  11.009  1.00 33.61 ? 152 SER A N   1 
ATOM   1063 C CA  . SER A 1 160 ? -2.497  -8.033  11.849  1.00 33.18 ? 152 SER A CA  1 
ATOM   1064 C C   . SER A 1 160 ? -2.088  -9.511  11.819  1.00 32.88 ? 152 SER A C   1 
ATOM   1065 O O   . SER A 1 160 ? -0.907  -9.825  11.658  1.00 33.02 ? 152 SER A O   1 
ATOM   1066 C CB  . SER A 1 160 ? -2.706  -7.527  13.284  1.00 32.98 ? 152 SER A CB  1 
ATOM   1067 O OG  . SER A 1 160 ? -3.713  -8.263  13.962  1.00 33.62 ? 152 SER A OG  1 
ATOM   1068 N N   . GLU A 1 161 ? -3.069  -10.405 11.944  1.00 32.39 ? 153 GLU A N   1 
ATOM   1069 C CA  . GLU A 1 161 ? -2.833  -11.855 11.916  1.00 32.16 ? 153 GLU A CA  1 
ATOM   1070 C C   . GLU A 1 161 ? -2.259  -12.360 10.590  1.00 31.92 ? 153 GLU A C   1 
ATOM   1071 O O   . GLU A 1 161 ? -1.362  -13.204 10.575  1.00 31.82 ? 153 GLU A O   1 
ATOM   1072 C CB  . GLU A 1 161 ? -4.113  -12.618 12.270  1.00 32.19 ? 153 GLU A CB  1 
ATOM   1073 C CG  . GLU A 1 161 ? -4.485  -12.553 13.744  1.00 32.54 ? 153 GLU A CG  1 
ATOM   1074 C CD  . GLU A 1 161 ? -3.496  -13.282 14.633  1.00 32.96 ? 153 GLU A CD  1 
ATOM   1075 O OE1 . GLU A 1 161 ? -3.021  -12.677 15.611  1.00 33.70 ? 153 GLU A OE1 1 
ATOM   1076 O OE2 . GLU A 1 161 ? -3.190  -14.458 14.353  1.00 32.15 ? 153 GLU A OE2 1 
ATOM   1077 N N   . THR A 1 162 ? -2.784  -11.840 9.485   1.00 31.88 ? 154 THR A N   1 
ATOM   1078 C CA  . THR A 1 162 ? -2.245  -12.124 8.161   1.00 31.96 ? 154 THR A CA  1 
ATOM   1079 C C   . THR A 1 162 ? -0.818  -11.573 8.014   1.00 31.83 ? 154 THR A C   1 
ATOM   1080 O O   . THR A 1 162 ? 0.057   -12.235 7.452   1.00 31.83 ? 154 THR A O   1 
ATOM   1081 C CB  . THR A 1 162 ? -3.155  -11.532 7.064   1.00 32.12 ? 154 THR A CB  1 
ATOM   1082 O OG1 . THR A 1 162 ? -4.471  -12.078 7.193   1.00 32.11 ? 154 THR A OG1 1 
ATOM   1083 C CG2 . THR A 1 162 ? -2.610  -11.834 5.662   1.00 32.07 ? 154 THR A CG2 1 
ATOM   1084 N N   . ILE A 1 163 ? -0.587  -10.362 8.517   1.00 32.00 ? 155 ILE A N   1 
ATOM   1085 C CA  . ILE A 1 163 ? 0.761   -9.773  8.515   1.00 31.77 ? 155 ILE A CA  1 
ATOM   1086 C C   . ILE A 1 163 ? 1.728   -10.660 9.299   1.00 31.81 ? 155 ILE A C   1 
ATOM   1087 O O   . ILE A 1 163 ? 2.852   -10.902 8.856   1.00 31.75 ? 155 ILE A O   1 
ATOM   1088 C CB  . ILE A 1 163 ? 0.769   -8.303  9.032   1.00 32.00 ? 155 ILE A CB  1 
ATOM   1089 C CG1 . ILE A 1 163 ? 0.056   -7.389  8.028   1.00 31.98 ? 155 ILE A CG1 1 
ATOM   1090 C CG2 . ILE A 1 163 ? 2.208   -7.772  9.234   1.00 32.10 ? 155 ILE A CG2 1 
ATOM   1091 C CD1 . ILE A 1 163 ? -0.285  -6.007  8.561   1.00 31.43 ? 155 ILE A CD1 1 
ATOM   1092 N N   . GLU A 1 164 ? 1.271   -11.173 10.440  1.00 31.71 ? 156 GLU A N   1 
ATOM   1093 C CA  . GLU A 1 164 ? 2.112   -12.017 11.290  1.00 31.88 ? 156 GLU A CA  1 
ATOM   1094 C C   . GLU A 1 164 ? 2.541   -13.313 10.602  1.00 32.20 ? 156 GLU A C   1 
ATOM   1095 O O   . GLU A 1 164 ? 3.693   -13.717 10.740  1.00 32.05 ? 156 GLU A O   1 
ATOM   1096 C CB  . GLU A 1 164 ? 1.452   -12.286 12.653  1.00 31.90 ? 156 GLU A CB  1 
ATOM   1097 C CG  . GLU A 1 164 ? 1.524   -11.067 13.568  1.00 31.65 ? 156 GLU A CG  1 
ATOM   1098 C CD  . GLU A 1 164 ? 1.138   -11.332 15.010  1.00 31.30 ? 156 GLU A CD  1 
ATOM   1099 O OE1 . GLU A 1 164 ? 1.182   -12.499 15.464  1.00 30.65 ? 156 GLU A OE1 1 
ATOM   1100 O OE2 . GLU A 1 164 ? 0.801   -10.348 15.703  1.00 30.25 ? 156 GLU A OE2 1 
ATOM   1101 N N   . GLU A 1 165 ? 1.637   -13.949 9.855   1.00 32.43 ? 157 GLU A N   1 
ATOM   1102 C CA  . GLU A 1 165 ? 1.999   -15.187 9.147   1.00 33.17 ? 157 GLU A CA  1 
ATOM   1103 C C   . GLU A 1 165 ? 2.953   -14.962 7.973   1.00 32.83 ? 157 GLU A C   1 
ATOM   1104 O O   . GLU A 1 165 ? 3.763   -15.831 7.652   1.00 32.75 ? 157 GLU A O   1 
ATOM   1105 C CB  . GLU A 1 165 ? 0.774   -16.043 8.764   1.00 33.11 ? 157 GLU A CB  1 
ATOM   1106 C CG  . GLU A 1 165 ? -0.199  -15.457 7.755   1.00 34.23 ? 157 GLU A CG  1 
ATOM   1107 C CD  . GLU A 1 165 ? -1.496  -16.274 7.631   1.00 34.55 ? 157 GLU A CD  1 
ATOM   1108 O OE1 . GLU A 1 165 ? -1.501  -17.476 7.974   1.00 36.25 ? 157 GLU A OE1 1 
ATOM   1109 O OE2 . GLU A 1 165 ? -2.519  -15.714 7.178   1.00 37.24 ? 157 GLU A OE2 1 
ATOM   1110 N N   . LEU A 1 166 ? 2.862   -13.789 7.348   1.00 32.84 ? 158 LEU A N   1 
ATOM   1111 C CA  . LEU A 1 166 ? 3.805   -13.400 6.293   1.00 32.97 ? 158 LEU A CA  1 
ATOM   1112 C C   . LEU A 1 166 ? 5.178   -13.050 6.863   1.00 33.03 ? 158 LEU A C   1 
ATOM   1113 O O   . LEU A 1 166 ? 6.201   -13.294 6.226   1.00 32.92 ? 158 LEU A O   1 
ATOM   1114 C CB  . LEU A 1 166 ? 3.268   -12.222 5.477   1.00 32.80 ? 158 LEU A CB  1 
ATOM   1115 C CG  . LEU A 1 166 ? 2.007   -12.406 4.632   1.00 32.74 ? 158 LEU A CG  1 
ATOM   1116 C CD1 . LEU A 1 166 ? 1.685   -11.102 3.926   1.00 32.51 ? 158 LEU A CD1 1 
ATOM   1117 C CD2 . LEU A 1 166 ? 2.162   -13.538 3.624   1.00 32.87 ? 158 LEU A CD2 1 
ATOM   1118 N N   . LEU A 1 167 ? 5.195   -12.476 8.061   1.00 33.19 ? 159 LEU A N   1 
ATOM   1119 C CA  . LEU A 1 167 ? 6.454   -12.110 8.706   1.00 33.68 ? 159 LEU A CA  1 
ATOM   1120 C C   . LEU A 1 167 ? 7.265   -13.349 9.089   1.00 34.31 ? 159 LEU A C   1 
ATOM   1121 O O   . LEU A 1 167 ? 8.498   -13.306 9.121   1.00 34.41 ? 159 LEU A O   1 
ATOM   1122 C CB  . LEU A 1 167 ? 6.203   -11.223 9.930   1.00 33.41 ? 159 LEU A CB  1 
ATOM   1123 C CG  . LEU A 1 167 ? 5.781   -9.763  9.719   1.00 32.97 ? 159 LEU A CG  1 
ATOM   1124 C CD1 . LEU A 1 167 ? 5.183   -9.206  10.997  1.00 33.12 ? 159 LEU A CD1 1 
ATOM   1125 C CD2 . LEU A 1 167 ? 6.942   -8.889  9.261   1.00 32.87 ? 159 LEU A CD2 1 
ATOM   1126 N N   . LYS A 1 168 ? 6.559   -14.450 9.360   1.00 35.13 ? 160 LYS A N   1 
ATOM   1127 C CA  . LYS A 1 168 ? 7.165   -15.715 9.776   1.00 35.70 ? 160 LYS A CA  1 
ATOM   1128 C C   . LYS A 1 168 ? 7.617   -16.607 8.604   1.00 36.32 ? 160 LYS A C   1 
ATOM   1129 O O   . LYS A 1 168 ? 8.170   -17.687 8.825   1.00 36.51 ? 160 LYS A O   1 
ATOM   1130 C CB  . LYS A 1 168 ? 6.198   -16.485 10.687  1.00 35.75 ? 160 LYS A CB  1 
ATOM   1131 C CG  . LYS A 1 168 ? 5.866   -15.786 12.004  1.00 35.72 ? 160 LYS A CG  1 
ATOM   1132 C CD  . LYS A 1 168 ? 4.858   -16.582 12.824  1.00 35.70 ? 160 LYS A CD  1 
ATOM   1133 C CE  . LYS A 1 168 ? 4.278   -15.741 13.955  1.00 36.07 ? 160 LYS A CE  1 
ATOM   1134 N NZ  . LYS A 1 168 ? 3.434   -16.534 14.900  1.00 36.08 ? 160 LYS A NZ  1 
ATOM   1135 N N   . GLU A 1 169 ? 7.385   -16.152 7.371   1.00 37.09 ? 161 GLU A N   1 
ATOM   1136 C CA  . GLU A 1 169 ? 7.754   -16.886 6.146   1.00 37.77 ? 161 GLU A CA  1 
ATOM   1137 C C   . GLU A 1 169 ? 9.188   -17.401 6.126   1.00 37.91 ? 161 GLU A C   1 
ATOM   1138 O O   . GLU A 1 169 ? 10.123  -16.656 6.431   1.00 37.99 ? 161 GLU A O   1 
ATOM   1139 C CB  . GLU A 1 169 ? 7.610   -15.987 4.926   1.00 38.03 ? 161 GLU A CB  1 
ATOM   1140 C CG  . GLU A 1 169 ? 6.216   -15.767 4.398   1.00 39.41 ? 161 GLU A CG  1 
ATOM   1141 C CD  . GLU A 1 169 ? 6.245   -14.833 3.205   1.00 41.15 ? 161 GLU A CD  1 
ATOM   1142 O OE1 . GLU A 1 169 ? 6.649   -15.291 2.114   1.00 42.08 ? 161 GLU A OE1 1 
ATOM   1143 O OE2 . GLU A 1 169 ? 5.897   -13.639 3.364   1.00 41.02 ? 161 GLU A OE2 1 
ATOM   1144 N N   . VAL A 1 170 ? 9.352   -18.664 5.733   1.00 38.12 ? 162 VAL A N   1 
ATOM   1145 C CA  . VAL A 1 170 ? 10.679  -19.249 5.501   1.00 38.23 ? 162 VAL A CA  1 
ATOM   1146 C C   . VAL A 1 170 ? 11.192  -18.922 4.095   1.00 38.26 ? 162 VAL A C   1 
ATOM   1147 O O   . VAL A 1 170 ? 10.422  -18.585 3.192   1.00 38.25 ? 162 VAL A O   1 
ATOM   1148 C CB  . VAL A 1 170 ? 10.699  -20.789 5.719   1.00 38.27 ? 162 VAL A CB  1 
ATOM   1149 C CG1 . VAL A 1 170 ? 10.543  -21.132 7.201   1.00 38.23 ? 162 VAL A CG1 1 
ATOM   1150 C CG2 . VAL A 1 170 ? 9.631   -21.489 4.871   1.00 38.39 ? 162 VAL A CG2 1 
HETATM 1151 O O   . HOH B 2 .   ? 5.748   4.580   -10.115 1.00 31.43 ? 164 HOH A O   1 
HETATM 1152 O O   . HOH B 2 .   ? -0.276  9.092   -11.536 1.00 38.67 ? 165 HOH A O   1 
HETATM 1153 O O   . HOH B 2 .   ? -4.200  -0.732  13.716  1.00 37.32 ? 166 HOH A O   1 
HETATM 1154 O O   . HOH B 2 .   ? -5.730  -10.932 9.270   1.00 37.01 ? 167 HOH A O   1 
HETATM 1155 O O   . HOH B 2 .   ? 8.888   -7.562  -0.312  1.00 34.29 ? 168 HOH A O   1 
HETATM 1156 O O   . HOH B 2 .   ? 4.344   8.533   -5.986  1.00 33.06 ? 169 HOH A O   1 
HETATM 1157 O O   . HOH B 2 .   ? 14.602  5.860   -0.776  1.00 47.81 ? 170 HOH A O   1 
HETATM 1158 O O   . HOH B 2 .   ? -17.316 -4.549  -10.920 1.00 36.74 ? 171 HOH A O   1 
HETATM 1159 O O   . HOH B 2 .   ? -0.188  -14.671 14.655  1.00 34.17 ? 172 HOH A O   1 
HETATM 1160 O O   . HOH B 2 .   ? 0.433   -12.766 -6.440  1.00 47.79 ? 173 HOH A O   1 
HETATM 1161 O O   . HOH B 2 .   ? -4.445  -1.226  -14.745 1.00 35.62 ? 174 HOH A O   1 
HETATM 1162 O O   . HOH B 2 .   ? 9.915   1.982   7.239   1.00 58.53 ? 175 HOH A O   1 
HETATM 1163 O O   . HOH B 2 .   ? 13.292  8.507   -1.556  1.00 34.57 ? 176 HOH A O   1 
HETATM 1164 O O   . HOH B 2 .   ? 15.544  10.321  -1.020  1.00 53.25 ? 177 HOH A O   1 
HETATM 1165 O O   . HOH B 2 .   ? -2.253  -10.197 15.483  1.00 32.17 ? 178 HOH A O   1 
HETATM 1166 O O   . HOH B 2 .   ? -6.872  7.813   -2.048  1.00 35.71 ? 179 HOH A O   1 
HETATM 1167 O O   . HOH B 2 .   ? -1.776  5.765   16.118  1.00 53.66 ? 180 HOH A O   1 
HETATM 1168 O O   . HOH B 2 .   ? -11.040 -5.880  -8.859  1.00 39.97 ? 181 HOH A O   1 
HETATM 1169 O O   . HOH B 2 .   ? 7.500   2.791   -10.848 1.00 38.62 ? 182 HOH A O   1 
HETATM 1170 O O   . HOH B 2 .   ? 2.242   8.692   -11.428 1.00 37.68 ? 183 HOH A O   1 
HETATM 1171 O O   . HOH B 2 .   ? -4.110  0.915   -2.343  1.00 29.79 ? 184 HOH A O   1 
HETATM 1172 O O   . HOH B 2 .   ? 2.768   11.736  -9.485  1.00 47.96 ? 185 HOH A O   1 
HETATM 1173 O O   . HOH B 2 .   ? -11.154 6.630   -10.218 1.00 45.39 ? 186 HOH A O   1 
HETATM 1174 O O   . HOH B 2 .   ? 8.715   -4.993  17.179  1.00 41.29 ? 187 HOH A O   1 
HETATM 1175 O O   . HOH B 2 .   ? 7.483   10.051  4.091   1.00 43.95 ? 188 HOH A O   1 
HETATM 1176 O O   . HOH B 2 .   ? -8.994  2.221   6.190   1.00 46.31 ? 189 HOH A O   1 
HETATM 1177 O O   . HOH B 2 .   ? -0.600  -15.768 11.962  1.00 50.27 ? 190 HOH A O   1 
HETATM 1178 O O   . HOH B 2 .   ? -2.978  -3.660  -14.369 1.00 37.73 ? 191 HOH A O   1 
HETATM 1179 O O   . HOH B 2 .   ? 1.644   -5.568  -15.287 1.00 59.27 ? 192 HOH A O   1 
HETATM 1180 O O   . HOH B 2 .   ? -12.634 -0.699  -1.564  1.00 41.19 ? 193 HOH A O   1 
HETATM 1181 O O   . HOH B 2 .   ? -8.765  -10.103 -5.122  1.00 67.17 ? 194 HOH A O   1 
HETATM 1182 O O   . HOH B 2 .   ? -5.737  9.039   -14.289 1.00 42.94 ? 195 HOH A O   1 
HETATM 1183 O O   . HOH B 2 .   ? -8.541  13.149  -1.165  1.00 48.32 ? 196 HOH A O   1 
HETATM 1184 O O   . HOH B 2 .   ? -11.518 -7.095  1.635   1.00 42.64 ? 197 HOH A O   1 
HETATM 1185 O O   . HOH B 2 .   ? 11.468  7.413   -9.756  1.00 51.97 ? 198 HOH A O   1 
HETATM 1186 O O   . HOH B 2 .   ? 0.417   0.305   17.916  1.00 54.08 ? 199 HOH A O   1 
HETATM 1187 O O   . HOH B 2 .   ? 10.386  9.480   -11.933 1.00 48.34 ? 200 HOH A O   1 
HETATM 1188 O O   . HOH B 2 .   ? 6.442   6.872   -11.916 1.00 41.09 ? 201 HOH A O   1 
HETATM 1189 O O   . HOH B 2 .   ? -1.308  12.665  2.808   1.00 58.58 ? 202 HOH A O   1 
# 
loop_
_pdbx_poly_seq_scheme.asym_id 
_pdbx_poly_seq_scheme.entity_id 
_pdbx_poly_seq_scheme.seq_id 
_pdbx_poly_seq_scheme.mon_id 
_pdbx_poly_seq_scheme.ndb_seq_num 
_pdbx_poly_seq_scheme.pdb_seq_num 
_pdbx_poly_seq_scheme.auth_seq_num 
_pdbx_poly_seq_scheme.pdb_mon_id 
_pdbx_poly_seq_scheme.auth_mon_id 
_pdbx_poly_seq_scheme.pdb_strand_id 
_pdbx_poly_seq_scheme.pdb_ins_code 
_pdbx_poly_seq_scheme.hetero 
A 1 1   MET 1   -7  ?   ?   ?   A . n 
A 1 2   GLY 2   -6  ?   ?   ?   A . n 
A 1 3   HIS 3   -5  ?   ?   ?   A . n 
A 1 4   HIS 4   -4  ?   ?   ?   A . n 
A 1 5   HIS 5   -3  ?   ?   ?   A . n 
A 1 6   HIS 6   -2  ?   ?   ?   A . n 
A 1 7   HIS 7   -1  ?   ?   ?   A . n 
A 1 8   HIS 8   0   ?   ?   ?   A . n 
A 1 9   MET 9   1   ?   ?   ?   A . n 
A 1 10  SER 10  2   2   SER SER A . n 
A 1 11  GLU 11  3   3   GLU GLU A . n 
A 1 12  PHE 12  4   4   PHE PHE A . n 
A 1 13  TYR 13  5   5   TYR TYR A . n 
A 1 14  LYS 14  6   6   LYS LYS A . n 
A 1 15  LEU 15  7   7   LEU LEU A . n 
A 1 16  ALA 16  8   8   ALA ALA A . n 
A 1 17  PRO 17  9   9   PRO PRO A . n 
A 1 18  VAL 18  10  10  VAL VAL A . n 
A 1 19  ASP 19  11  11  ASP ASP A . n 
A 1 20  LYS 20  12  12  LYS LYS A . n 
A 1 21  LYS 21  13  13  LYS LYS A . n 
A 1 22  GLY 22  14  14  GLY GLY A . n 
A 1 23  GLN 23  15  15  GLN GLN A . n 
A 1 24  PRO 24  16  16  PRO PRO A . n 
A 1 25  PHE 25  17  17  PHE PHE A . n 
A 1 26  PRO 26  18  18  PRO PRO A . n 
A 1 27  PHE 27  19  19  PHE PHE A . n 
A 1 28  ASP 28  20  20  ASP ASP A . n 
A 1 29  GLN 29  21  21  GLN GLN A . n 
A 1 30  LEU 30  22  22  LEU LEU A . n 
A 1 31  LYS 31  23  23  LYS LYS A . n 
A 1 32  GLY 32  24  24  GLY GLY A . n 
A 1 33  LYS 33  25  25  LYS LYS A . n 
A 1 34  VAL 34  26  26  VAL VAL A . n 
A 1 35  VAL 35  27  27  VAL VAL A . n 
A 1 36  LEU 36  28  28  LEU LEU A . n 
A 1 37  ILE 37  29  29  ILE ILE A . n 
A 1 38  VAL 38  30  30  VAL VAL A . n 
A 1 39  ASN 39  31  31  ASN ASN A . n 
A 1 40  VAL 40  32  32  VAL VAL A . n 
A 1 41  ALA 41  33  33  ALA ALA A . n 
A 1 42  SER 42  34  34  SER SER A . n 
A 1 43  LYS 43  35  35  LYS LYS A . n 
A 1 44  CYS 44  36  36  CYS CYS A . n 
A 1 45  GLY 45  37  37  GLY GLY A . n 
A 1 46  PHE 46  38  38  PHE PHE A . n 
A 1 47  THR 47  39  39  THR THR A . n 
A 1 48  PRO 48  40  40  PRO PRO A . n 
A 1 49  GLN 49  41  41  GLN GLN A . n 
A 1 50  TYR 50  42  42  TYR TYR A . n 
A 1 51  LYS 51  43  43  LYS LYS A . n 
A 1 52  GLU 52  44  44  GLU GLU A . n 
A 1 53  LEU 53  45  45  LEU LEU A . n 
A 1 54  GLU 54  46  46  GLU GLU A . n 
A 1 55  ALA 55  47  47  ALA ALA A . n 
A 1 56  LEU 56  48  48  LEU LEU A . n 
A 1 57  TYR 57  49  49  TYR TYR A . n 
A 1 58  LYS 58  50  50  LYS LYS A . n 
A 1 59  ARG 59  51  51  ARG ARG A . n 
A 1 60  TYR 60  52  52  TYR TYR A . n 
A 1 61  LYS 61  53  53  LYS LYS A . n 
A 1 62  ASP 62  54  54  ASP ASP A . n 
A 1 63  GLU 63  55  55  GLU GLU A . n 
A 1 64  GLY 64  56  56  GLY GLY A . n 
A 1 65  PHE 65  57  57  PHE PHE A . n 
A 1 66  THR 66  58  58  THR THR A . n 
A 1 67  ILE 67  59  59  ILE ILE A . n 
A 1 68  ILE 68  60  60  ILE ILE A . n 
A 1 69  GLY 69  61  61  GLY GLY A . n 
A 1 70  PHE 70  62  62  PHE PHE A . n 
A 1 71  PRO 71  63  63  PRO PRO A . n 
A 1 72  CYS 72  64  64  CYS CYS A . n 
A 1 73  ASN 73  65  65  ASN ASN A . n 
A 1 74  GLN 74  66  66  GLN GLN A . n 
A 1 75  PHE 75  67  67  PHE PHE A . n 
A 1 76  GLY 76  68  68  GLY GLY A . n 
A 1 77  HIS 77  69  ?   ?   ?   A . n 
A 1 78  GLN 78  70  ?   ?   ?   A . n 
A 1 79  GLU 79  71  ?   ?   ?   A . n 
A 1 80  PRO 80  72  ?   ?   ?   A . n 
A 1 81  GLY 81  73  ?   ?   ?   A . n 
A 1 82  SER 82  74  ?   ?   ?   A . n 
A 1 83  ASP 83  75  ?   ?   ?   A . n 
A 1 84  GLU 84  76  ?   ?   ?   A . n 
A 1 85  GLU 85  77  ?   ?   ?   A . n 
A 1 86  ILE 86  78  ?   ?   ?   A . n 
A 1 87  ALA 87  79  ?   ?   ?   A . n 
A 1 88  GLN 88  80  ?   ?   ?   A . n 
A 1 89  PHE 89  81  ?   ?   ?   A . n 
A 1 90  CYS 90  82  ?   ?   ?   A . n 
A 1 91  GLN 91  83  ?   ?   ?   A . n 
A 1 92  LEU 92  84  ?   ?   ?   A . n 
A 1 93  ASN 93  85  ?   ?   ?   A . n 
A 1 94  TYR 94  86  ?   ?   ?   A . n 
A 1 95  GLY 95  87  87  GLY GLY A . n 
A 1 96  VAL 96  88  88  VAL VAL A . n 
A 1 97  THR 97  89  89  THR THR A . n 
A 1 98  PHE 98  90  90  PHE PHE A . n 
A 1 99  PRO 99  91  91  PRO PRO A . n 
A 1 100 ILE 100 92  92  ILE ILE A . n 
A 1 101 MET 101 93  93  MET MET A . n 
A 1 102 LYS 102 94  94  LYS LYS A . n 
A 1 103 LYS 103 95  95  LYS LYS A . n 
A 1 104 ILE 104 96  96  ILE ILE A . n 
A 1 105 ASP 105 97  97  ASP ASP A . n 
A 1 106 VAL 106 98  98  VAL VAL A . n 
A 1 107 ASN 107 99  99  ASN ASN A . n 
A 1 108 GLY 108 100 100 GLY GLY A . n 
A 1 109 GLY 109 101 101 GLY GLY A . n 
A 1 110 ASN 110 102 102 ASN ASN A . n 
A 1 111 GLU 111 103 103 GLU GLU A . n 
A 1 112 ASP 112 104 104 ASP ASP A . n 
A 1 113 PRO 113 105 105 PRO PRO A . n 
A 1 114 VAL 114 106 106 VAL VAL A . n 
A 1 115 TYR 115 107 107 TYR TYR A . n 
A 1 116 LYS 116 108 108 LYS LYS A . n 
A 1 117 PHE 117 109 109 PHE PHE A . n 
A 1 118 LEU 118 110 110 LEU LEU A . n 
A 1 119 LYS 119 111 111 LYS LYS A . n 
A 1 120 SER 120 112 112 SER SER A . n 
A 1 121 GLN 121 113 113 GLN GLN A . n 
A 1 122 LYS 122 114 114 LYS LYS A . n 
A 1 123 SER 123 115 115 SER SER A . n 
A 1 124 GLY 124 116 116 GLY GLY A . n 
A 1 125 MET 125 117 117 MET MET A . n 
A 1 126 LEU 126 118 118 LEU LEU A . n 
A 1 127 GLY 127 119 119 GLY GLY A . n 
A 1 128 LEU 128 120 120 LEU LEU A . n 
A 1 129 ARG 129 121 121 ARG ARG A . n 
A 1 130 GLY 130 122 122 GLY GLY A . n 
A 1 131 ILE 131 123 123 ILE ILE A . n 
A 1 132 LYS 132 124 124 LYS LYS A . n 
A 1 133 TRP 133 125 125 TRP TRP A . n 
A 1 134 ASN 134 126 126 ASN ASN A . n 
A 1 135 PHE 135 127 127 PHE PHE A . n 
A 1 136 GLU 136 128 128 GLU GLU A . n 
A 1 137 LYS 137 129 129 LYS LYS A . n 
A 1 138 PHE 138 130 130 PHE PHE A . n 
A 1 139 LEU 139 131 131 LEU LEU A . n 
A 1 140 VAL 140 132 132 VAL VAL A . n 
A 1 141 ASP 141 133 133 ASP ASP A . n 
A 1 142 LYS 142 134 134 LYS LYS A . n 
A 1 143 LYS 143 135 135 LYS LYS A . n 
A 1 144 GLY 144 136 136 GLY GLY A . n 
A 1 145 LYS 145 137 137 LYS LYS A . n 
A 1 146 VAL 146 138 138 VAL VAL A . n 
A 1 147 TYR 147 139 139 TYR TYR A . n 
A 1 148 GLU 148 140 140 GLU GLU A . n 
A 1 149 ARG 149 141 141 ARG ARG A . n 
A 1 150 TYR 150 142 142 TYR TYR A . n 
A 1 151 SER 151 143 143 SER SER A . n 
A 1 152 SER 152 144 144 SER SER A . n 
A 1 153 LEU 153 145 145 LEU LEU A . n 
A 1 154 THR 154 146 146 THR THR A . n 
A 1 155 LYS 155 147 147 LYS LYS A . n 
A 1 156 PRO 156 148 148 PRO PRO A . n 
A 1 157 SER 157 149 149 SER SER A . n 
A 1 158 SER 158 150 150 SER SER A . n 
A 1 159 LEU 159 151 151 LEU LEU A . n 
A 1 160 SER 160 152 152 SER SER A . n 
A 1 161 GLU 161 153 153 GLU GLU A . n 
A 1 162 THR 162 154 154 THR THR A . n 
A 1 163 ILE 163 155 155 ILE ILE A . n 
A 1 164 GLU 164 156 156 GLU GLU A . n 
A 1 165 GLU 165 157 157 GLU GLU A . n 
A 1 166 LEU 166 158 158 LEU LEU A . n 
A 1 167 LEU 167 159 159 LEU LEU A . n 
A 1 168 LYS 168 160 160 LYS LYS A . n 
A 1 169 GLU 169 161 161 GLU GLU A . n 
A 1 170 VAL 170 162 162 VAL VAL A . n 
A 1 171 GLU 171 163 ?   ?   ?   A . n 
# 
loop_
_pdbx_nonpoly_scheme.asym_id 
_pdbx_nonpoly_scheme.entity_id 
_pdbx_nonpoly_scheme.mon_id 
_pdbx_nonpoly_scheme.ndb_seq_num 
_pdbx_nonpoly_scheme.pdb_seq_num 
_pdbx_nonpoly_scheme.auth_seq_num 
_pdbx_nonpoly_scheme.pdb_mon_id 
_pdbx_nonpoly_scheme.auth_mon_id 
_pdbx_nonpoly_scheme.pdb_strand_id 
_pdbx_nonpoly_scheme.pdb_ins_code 
B 2 HOH 1  164 1  HOH HOH A . 
B 2 HOH 2  165 2  HOH HOH A . 
B 2 HOH 3  166 3  HOH HOH A . 
B 2 HOH 4  167 4  HOH HOH A . 
B 2 HOH 5  168 5  HOH HOH A . 
B 2 HOH 6  169 6  HOH HOH A . 
B 2 HOH 7  170 7  HOH HOH A . 
B 2 HOH 8  171 8  HOH HOH A . 
B 2 HOH 9  172 9  HOH HOH A . 
B 2 HOH 10 173 10 HOH HOH A . 
B 2 HOH 11 174 11 HOH HOH A . 
B 2 HOH 12 175 12 HOH HOH A . 
B 2 HOH 13 176 13 HOH HOH A . 
B 2 HOH 14 177 14 HOH HOH A . 
B 2 HOH 15 178 15 HOH HOH A . 
B 2 HOH 16 179 16 HOH HOH A . 
B 2 HOH 17 180 17 HOH HOH A . 
B 2 HOH 18 181 18 HOH HOH A . 
B 2 HOH 19 182 19 HOH HOH A . 
B 2 HOH 20 183 20 HOH HOH A . 
B 2 HOH 21 184 21 HOH HOH A . 
B 2 HOH 22 185 22 HOH HOH A . 
B 2 HOH 23 186 23 HOH HOH A . 
B 2 HOH 24 187 24 HOH HOH A . 
B 2 HOH 25 188 25 HOH HOH A . 
B 2 HOH 26 189 26 HOH HOH A . 
B 2 HOH 27 190 27 HOH HOH A . 
B 2 HOH 28 191 28 HOH HOH A . 
B 2 HOH 29 192 29 HOH HOH A . 
B 2 HOH 30 193 30 HOH HOH A . 
B 2 HOH 31 194 31 HOH HOH A . 
B 2 HOH 32 195 32 HOH HOH A . 
B 2 HOH 33 196 33 HOH HOH A . 
B 2 HOH 34 197 34 HOH HOH A . 
B 2 HOH 35 198 36 HOH HOH A . 
B 2 HOH 36 199 37 HOH HOH A . 
B 2 HOH 37 200 38 HOH HOH A . 
B 2 HOH 38 201 39 HOH HOH A . 
B 2 HOH 39 202 40 HOH HOH A . 
# 
_pdbx_struct_assembly.id                   1 
_pdbx_struct_assembly.details              author_and_software_defined_assembly 
_pdbx_struct_assembly.method_details       PISA 
_pdbx_struct_assembly.oligomeric_details   monomeric 
_pdbx_struct_assembly.oligomeric_count     1 
# 
_pdbx_struct_assembly_gen.assembly_id       1 
_pdbx_struct_assembly_gen.oper_expression   1 
_pdbx_struct_assembly_gen.asym_id_list      A,B 
# 
_pdbx_struct_oper_list.id                   1 
_pdbx_struct_oper_list.type                 'identity operation' 
_pdbx_struct_oper_list.name                 1_555 
_pdbx_struct_oper_list.symmetry_operation   x,y,z 
_pdbx_struct_oper_list.matrix[1][1]         1.0000000000 
_pdbx_struct_oper_list.matrix[1][2]         0.0000000000 
_pdbx_struct_oper_list.matrix[1][3]         0.0000000000 
_pdbx_struct_oper_list.vector[1]            0.0000000000 
_pdbx_struct_oper_list.matrix[2][1]         0.0000000000 
_pdbx_struct_oper_list.matrix[2][2]         1.0000000000 
_pdbx_struct_oper_list.matrix[2][3]         0.0000000000 
_pdbx_struct_oper_list.vector[2]            0.0000000000 
_pdbx_struct_oper_list.matrix[3][1]         0.0000000000 
_pdbx_struct_oper_list.matrix[3][2]         0.0000000000 
_pdbx_struct_oper_list.matrix[3][3]         1.0000000000 
_pdbx_struct_oper_list.vector[3]            0.0000000000 
# 
loop_
_pdbx_audit_revision_history.ordinal 
_pdbx_audit_revision_history.data_content_type 
_pdbx_audit_revision_history.major_revision 
_pdbx_audit_revision_history.minor_revision 
_pdbx_audit_revision_history.revision_date 
1 'Structure model' 1 0 2008-09-16 
2 'Structure model' 1 1 2011-07-13 
3 'Structure model' 1 2 2023-11-01 
# 
_pdbx_audit_revision_details.ordinal             1 
_pdbx_audit_revision_details.revision_ordinal    1 
_pdbx_audit_revision_details.data_content_type   'Structure model' 
_pdbx_audit_revision_details.provider            repository 
_pdbx_audit_revision_details.type                'Initial release' 
_pdbx_audit_revision_details.description         ? 
_pdbx_audit_revision_details.details             ? 
# 
loop_
_pdbx_audit_revision_group.ordinal 
_pdbx_audit_revision_group.revision_ordinal 
_pdbx_audit_revision_group.data_content_type 
_pdbx_audit_revision_group.group 
1 2 'Structure model' Advisory                    
2 2 'Structure model' 'Version format compliance' 
3 3 'Structure model' 'Data collection'           
4 3 'Structure model' 'Database references'       
5 3 'Structure model' 'Refinement description'    
# 
loop_
_pdbx_audit_revision_category.ordinal 
_pdbx_audit_revision_category.revision_ordinal 
_pdbx_audit_revision_category.data_content_type 
_pdbx_audit_revision_category.category 
1 3 'Structure model' chem_comp_atom                
2 3 'Structure model' chem_comp_bond                
3 3 'Structure model' database_2                    
4 3 'Structure model' pdbx_initial_refinement_model 
5 3 'Structure model' struct_ref_seq_dif            
# 
loop_
_pdbx_audit_revision_item.ordinal 
_pdbx_audit_revision_item.revision_ordinal 
_pdbx_audit_revision_item.data_content_type 
_pdbx_audit_revision_item.item 
1 3 'Structure model' '_database_2.pdbx_DOI'                
2 3 'Structure model' '_database_2.pdbx_database_accession' 
3 3 'Structure model' '_struct_ref_seq_dif.details'         
# 
loop_
_pdbx_refine_tls.id 
_pdbx_refine_tls.details 
_pdbx_refine_tls.method 
_pdbx_refine_tls.origin_x 
_pdbx_refine_tls.origin_y 
_pdbx_refine_tls.origin_z 
_pdbx_refine_tls.T[1][1] 
_pdbx_refine_tls.T[2][2] 
_pdbx_refine_tls.T[3][3] 
_pdbx_refine_tls.T[1][2] 
_pdbx_refine_tls.T[1][3] 
_pdbx_refine_tls.T[2][3] 
_pdbx_refine_tls.L[1][1] 
_pdbx_refine_tls.L[2][2] 
_pdbx_refine_tls.L[3][3] 
_pdbx_refine_tls.L[1][2] 
_pdbx_refine_tls.L[1][3] 
_pdbx_refine_tls.L[2][3] 
_pdbx_refine_tls.S[1][1] 
_pdbx_refine_tls.S[1][2] 
_pdbx_refine_tls.S[1][3] 
_pdbx_refine_tls.S[2][1] 
_pdbx_refine_tls.S[2][2] 
_pdbx_refine_tls.S[2][3] 
_pdbx_refine_tls.S[3][1] 
_pdbx_refine_tls.S[3][2] 
_pdbx_refine_tls.S[3][3] 
_pdbx_refine_tls.pdbx_refine_id 
1 ? refined 8.1706  1.3969  -2.9079 -0.0880 0.1403 -0.0444 -0.1589 -0.0387 0.1331  3.8106 3.4449  6.7859  0.9497  0.9150 -1.4429 0.0379 0.0577  -0.1475 -0.1340 -0.3710 -0.3855 -0.2466 1.0142  0.3331  'X-RAY DIFFRACTION' 
2 ? refined -7.1775 9.4016  8.0749  0.5275  0.3190 0.2319  0.0645  -0.0385 -0.1801 7.8909 12.5093 16.1631 -4.3211 4.3189 -6.7580 0.0171 -1.1412 0.9110  0.6747  -0.1650 1.5909  -2.5919 -1.6297 0.1478  'X-RAY DIFFRACTION' 
3 ? refined 0.7380  3.1132  -0.3394 -0.0492 0.0429 -0.0614 -0.1597 -0.0352 0.0320  2.3954 3.5214  7.6276  0.6091  0.8700 -1.9629 0.0062 0.1043  0.1803  0.2337  -0.2690 -0.0237 -0.7289 0.3608  0.2629  'X-RAY DIFFRACTION' 
4 ? refined -4.1186 -6.8936 0.9259  0.0348  0.0407 -0.0186 -0.1417 -0.0348 0.0440  3.2628 1.4099  8.2409  1.0436  1.6999 -2.2696 0.0978 -0.1607 -0.2706 -0.1025 -0.0235 0.0758  0.4289  -0.1698 -0.0744 'X-RAY DIFFRACTION' 
# 
loop_
_pdbx_refine_tls_group.id 
_pdbx_refine_tls_group.refine_tls_id 
_pdbx_refine_tls_group.beg_auth_asym_id 
_pdbx_refine_tls_group.beg_auth_seq_id 
_pdbx_refine_tls_group.beg_label_asym_id 
_pdbx_refine_tls_group.beg_label_seq_id 
_pdbx_refine_tls_group.end_auth_asym_id 
_pdbx_refine_tls_group.end_auth_seq_id 
_pdbx_refine_tls_group.end_label_asym_id 
_pdbx_refine_tls_group.end_label_seq_id 
_pdbx_refine_tls_group.selection 
_pdbx_refine_tls_group.pdbx_refine_id 
_pdbx_refine_tls_group.selection_details 
1 1 A 2   A 10  A 33  A 41  ? 'X-RAY DIFFRACTION' ? 
2 2 A 34  A 42  A 45  A 53  ? 'X-RAY DIFFRACTION' ? 
3 3 A 46  A 54  A 113 A 121 ? 'X-RAY DIFFRACTION' ? 
4 4 A 114 A 122 A 162 A 170 ? 'X-RAY DIFFRACTION' ? 
# 
loop_
_software.name 
_software.classification 
_software.version 
_software.citation_id 
_software.pdbx_ordinal 
REFMAC    refinement        5.2.0019 ? 1 
MAR345dtb 'data collection' .        ? 2 
MOSFLM    'data reduction'  .        ? 3 
SCALA     'data scaling'    .        ? 4 
MOLREP    phasing           .        ? 5 
# 
_pdbx_validate_rmsd_bond.id                        1 
_pdbx_validate_rmsd_bond.PDB_model_num             1 
_pdbx_validate_rmsd_bond.auth_atom_id_1            CD 
_pdbx_validate_rmsd_bond.auth_asym_id_1            A 
_pdbx_validate_rmsd_bond.auth_comp_id_1            GLN 
_pdbx_validate_rmsd_bond.auth_seq_id_1             15 
_pdbx_validate_rmsd_bond.PDB_ins_code_1            ? 
_pdbx_validate_rmsd_bond.label_alt_id_1            ? 
_pdbx_validate_rmsd_bond.auth_atom_id_2            NE2 
_pdbx_validate_rmsd_bond.auth_asym_id_2            A 
_pdbx_validate_rmsd_bond.auth_comp_id_2            GLN 
_pdbx_validate_rmsd_bond.auth_seq_id_2             15 
_pdbx_validate_rmsd_bond.PDB_ins_code_2            ? 
_pdbx_validate_rmsd_bond.label_alt_id_2            ? 
_pdbx_validate_rmsd_bond.bond_value                1.490 
_pdbx_validate_rmsd_bond.bond_target_value         1.324 
_pdbx_validate_rmsd_bond.bond_deviation            0.166 
_pdbx_validate_rmsd_bond.bond_standard_deviation   0.025 
_pdbx_validate_rmsd_bond.linker_flag               N 
# 
loop_
_pdbx_unobs_or_zero_occ_residues.id 
_pdbx_unobs_or_zero_occ_residues.PDB_model_num 
_pdbx_unobs_or_zero_occ_residues.polymer_flag 
_pdbx_unobs_or_zero_occ_residues.occupancy_flag 
_pdbx_unobs_or_zero_occ_residues.auth_asym_id 
_pdbx_unobs_or_zero_occ_residues.auth_comp_id 
_pdbx_unobs_or_zero_occ_residues.auth_seq_id 
_pdbx_unobs_or_zero_occ_residues.PDB_ins_code 
_pdbx_unobs_or_zero_occ_residues.label_asym_id 
_pdbx_unobs_or_zero_occ_residues.label_comp_id 
_pdbx_unobs_or_zero_occ_residues.label_seq_id 
1  1 Y 1 A MET -7  ? A MET 1   
2  1 Y 1 A GLY -6  ? A GLY 2   
3  1 Y 1 A HIS -5  ? A HIS 3   
4  1 Y 1 A HIS -4  ? A HIS 4   
5  1 Y 1 A HIS -3  ? A HIS 5   
6  1 Y 1 A HIS -2  ? A HIS 6   
7  1 Y 1 A HIS -1  ? A HIS 7   
8  1 Y 1 A HIS 0   ? A HIS 8   
9  1 Y 1 A MET 1   ? A MET 9   
10 1 Y 1 A HIS 69  ? A HIS 77  
11 1 Y 1 A GLN 70  ? A GLN 78  
12 1 Y 1 A GLU 71  ? A GLU 79  
13 1 Y 1 A PRO 72  ? A PRO 80  
14 1 Y 1 A GLY 73  ? A GLY 81  
15 1 Y 1 A SER 74  ? A SER 82  
16 1 Y 1 A ASP 75  ? A ASP 83  
17 1 Y 1 A GLU 76  ? A GLU 84  
18 1 Y 1 A GLU 77  ? A GLU 85  
19 1 Y 1 A ILE 78  ? A ILE 86  
20 1 Y 1 A ALA 79  ? A ALA 87  
21 1 Y 1 A GLN 80  ? A GLN 88  
22 1 Y 1 A PHE 81  ? A PHE 89  
23 1 Y 1 A CYS 82  ? A CYS 90  
24 1 Y 1 A GLN 83  ? A GLN 91  
25 1 Y 1 A LEU 84  ? A LEU 92  
26 1 Y 1 A ASN 85  ? A ASN 93  
27 1 Y 1 A TYR 86  ? A TYR 94  
28 1 Y 1 A GLU 163 ? A GLU 171 
# 
loop_
_chem_comp_atom.comp_id 
_chem_comp_atom.atom_id 
_chem_comp_atom.type_symbol 
_chem_comp_atom.pdbx_aromatic_flag 
_chem_comp_atom.pdbx_stereo_config 
_chem_comp_atom.pdbx_ordinal 
ALA N    N N N 1   
ALA CA   C N S 2   
ALA C    C N N 3   
ALA O    O N N 4   
ALA CB   C N N 5   
ALA OXT  O N N 6   
ALA H    H N N 7   
ALA H2   H N N 8   
ALA HA   H N N 9   
ALA HB1  H N N 10  
ALA HB2  H N N 11  
ALA HB3  H N N 12  
ALA HXT  H N N 13  
ARG N    N N N 14  
ARG CA   C N S 15  
ARG C    C N N 16  
ARG O    O N N 17  
ARG CB   C N N 18  
ARG CG   C N N 19  
ARG CD   C N N 20  
ARG NE   N N N 21  
ARG CZ   C N N 22  
ARG NH1  N N N 23  
ARG NH2  N N N 24  
ARG OXT  O N N 25  
ARG H    H N N 26  
ARG H2   H N N 27  
ARG HA   H N N 28  
ARG HB2  H N N 29  
ARG HB3  H N N 30  
ARG HG2  H N N 31  
ARG HG3  H N N 32  
ARG HD2  H N N 33  
ARG HD3  H N N 34  
ARG HE   H N N 35  
ARG HH11 H N N 36  
ARG HH12 H N N 37  
ARG HH21 H N N 38  
ARG HH22 H N N 39  
ARG HXT  H N N 40  
ASN N    N N N 41  
ASN CA   C N S 42  
ASN C    C N N 43  
ASN O    O N N 44  
ASN CB   C N N 45  
ASN CG   C N N 46  
ASN OD1  O N N 47  
ASN ND2  N N N 48  
ASN OXT  O N N 49  
ASN H    H N N 50  
ASN H2   H N N 51  
ASN HA   H N N 52  
ASN HB2  H N N 53  
ASN HB3  H N N 54  
ASN HD21 H N N 55  
ASN HD22 H N N 56  
ASN HXT  H N N 57  
ASP N    N N N 58  
ASP CA   C N S 59  
ASP C    C N N 60  
ASP O    O N N 61  
ASP CB   C N N 62  
ASP CG   C N N 63  
ASP OD1  O N N 64  
ASP OD2  O N N 65  
ASP OXT  O N N 66  
ASP H    H N N 67  
ASP H2   H N N 68  
ASP HA   H N N 69  
ASP HB2  H N N 70  
ASP HB3  H N N 71  
ASP HD2  H N N 72  
ASP HXT  H N N 73  
CYS N    N N N 74  
CYS CA   C N R 75  
CYS C    C N N 76  
CYS O    O N N 77  
CYS CB   C N N 78  
CYS SG   S N N 79  
CYS OXT  O N N 80  
CYS H    H N N 81  
CYS H2   H N N 82  
CYS HA   H N N 83  
CYS HB2  H N N 84  
CYS HB3  H N N 85  
CYS HG   H N N 86  
CYS HXT  H N N 87  
GLN N    N N N 88  
GLN CA   C N S 89  
GLN C    C N N 90  
GLN O    O N N 91  
GLN CB   C N N 92  
GLN CG   C N N 93  
GLN CD   C N N 94  
GLN OE1  O N N 95  
GLN NE2  N N N 96  
GLN OXT  O N N 97  
GLN H    H N N 98  
GLN H2   H N N 99  
GLN HA   H N N 100 
GLN HB2  H N N 101 
GLN HB3  H N N 102 
GLN HG2  H N N 103 
GLN HG3  H N N 104 
GLN HE21 H N N 105 
GLN HE22 H N N 106 
GLN HXT  H N N 107 
GLU N    N N N 108 
GLU CA   C N S 109 
GLU C    C N N 110 
GLU O    O N N 111 
GLU CB   C N N 112 
GLU CG   C N N 113 
GLU CD   C N N 114 
GLU OE1  O N N 115 
GLU OE2  O N N 116 
GLU OXT  O N N 117 
GLU H    H N N 118 
GLU H2   H N N 119 
GLU HA   H N N 120 
GLU HB2  H N N 121 
GLU HB3  H N N 122 
GLU HG2  H N N 123 
GLU HG3  H N N 124 
GLU HE2  H N N 125 
GLU HXT  H N N 126 
GLY N    N N N 127 
GLY CA   C N N 128 
GLY C    C N N 129 
GLY O    O N N 130 
GLY OXT  O N N 131 
GLY H    H N N 132 
GLY H2   H N N 133 
GLY HA2  H N N 134 
GLY HA3  H N N 135 
GLY HXT  H N N 136 
HIS N    N N N 137 
HIS CA   C N S 138 
HIS C    C N N 139 
HIS O    O N N 140 
HIS CB   C N N 141 
HIS CG   C Y N 142 
HIS ND1  N Y N 143 
HIS CD2  C Y N 144 
HIS CE1  C Y N 145 
HIS NE2  N Y N 146 
HIS OXT  O N N 147 
HIS H    H N N 148 
HIS H2   H N N 149 
HIS HA   H N N 150 
HIS HB2  H N N 151 
HIS HB3  H N N 152 
HIS HD1  H N N 153 
HIS HD2  H N N 154 
HIS HE1  H N N 155 
HIS HE2  H N N 156 
HIS HXT  H N N 157 
HOH O    O N N 158 
HOH H1   H N N 159 
HOH H2   H N N 160 
ILE N    N N N 161 
ILE CA   C N S 162 
ILE C    C N N 163 
ILE O    O N N 164 
ILE CB   C N S 165 
ILE CG1  C N N 166 
ILE CG2  C N N 167 
ILE CD1  C N N 168 
ILE OXT  O N N 169 
ILE H    H N N 170 
ILE H2   H N N 171 
ILE HA   H N N 172 
ILE HB   H N N 173 
ILE HG12 H N N 174 
ILE HG13 H N N 175 
ILE HG21 H N N 176 
ILE HG22 H N N 177 
ILE HG23 H N N 178 
ILE HD11 H N N 179 
ILE HD12 H N N 180 
ILE HD13 H N N 181 
ILE HXT  H N N 182 
LEU N    N N N 183 
LEU CA   C N S 184 
LEU C    C N N 185 
LEU O    O N N 186 
LEU CB   C N N 187 
LEU CG   C N N 188 
LEU CD1  C N N 189 
LEU CD2  C N N 190 
LEU OXT  O N N 191 
LEU H    H N N 192 
LEU H2   H N N 193 
LEU HA   H N N 194 
LEU HB2  H N N 195 
LEU HB3  H N N 196 
LEU HG   H N N 197 
LEU HD11 H N N 198 
LEU HD12 H N N 199 
LEU HD13 H N N 200 
LEU HD21 H N N 201 
LEU HD22 H N N 202 
LEU HD23 H N N 203 
LEU HXT  H N N 204 
LYS N    N N N 205 
LYS CA   C N S 206 
LYS C    C N N 207 
LYS O    O N N 208 
LYS CB   C N N 209 
LYS CG   C N N 210 
LYS CD   C N N 211 
LYS CE   C N N 212 
LYS NZ   N N N 213 
LYS OXT  O N N 214 
LYS H    H N N 215 
LYS H2   H N N 216 
LYS HA   H N N 217 
LYS HB2  H N N 218 
LYS HB3  H N N 219 
LYS HG2  H N N 220 
LYS HG3  H N N 221 
LYS HD2  H N N 222 
LYS HD3  H N N 223 
LYS HE2  H N N 224 
LYS HE3  H N N 225 
LYS HZ1  H N N 226 
LYS HZ2  H N N 227 
LYS HZ3  H N N 228 
LYS HXT  H N N 229 
MET N    N N N 230 
MET CA   C N S 231 
MET C    C N N 232 
MET O    O N N 233 
MET CB   C N N 234 
MET CG   C N N 235 
MET SD   S N N 236 
MET CE   C N N 237 
MET OXT  O N N 238 
MET H    H N N 239 
MET H2   H N N 240 
MET HA   H N N 241 
MET HB2  H N N 242 
MET HB3  H N N 243 
MET HG2  H N N 244 
MET HG3  H N N 245 
MET HE1  H N N 246 
MET HE2  H N N 247 
MET HE3  H N N 248 
MET HXT  H N N 249 
PHE N    N N N 250 
PHE CA   C N S 251 
PHE C    C N N 252 
PHE O    O N N 253 
PHE CB   C N N 254 
PHE CG   C Y N 255 
PHE CD1  C Y N 256 
PHE CD2  C Y N 257 
PHE CE1  C Y N 258 
PHE CE2  C Y N 259 
PHE CZ   C Y N 260 
PHE OXT  O N N 261 
PHE H    H N N 262 
PHE H2   H N N 263 
PHE HA   H N N 264 
PHE HB2  H N N 265 
PHE HB3  H N N 266 
PHE HD1  H N N 267 
PHE HD2  H N N 268 
PHE HE1  H N N 269 
PHE HE2  H N N 270 
PHE HZ   H N N 271 
PHE HXT  H N N 272 
PRO N    N N N 273 
PRO CA   C N S 274 
PRO C    C N N 275 
PRO O    O N N 276 
PRO CB   C N N 277 
PRO CG   C N N 278 
PRO CD   C N N 279 
PRO OXT  O N N 280 
PRO H    H N N 281 
PRO HA   H N N 282 
PRO HB2  H N N 283 
PRO HB3  H N N 284 
PRO HG2  H N N 285 
PRO HG3  H N N 286 
PRO HD2  H N N 287 
PRO HD3  H N N 288 
PRO HXT  H N N 289 
SER N    N N N 290 
SER CA   C N S 291 
SER C    C N N 292 
SER O    O N N 293 
SER CB   C N N 294 
SER OG   O N N 295 
SER OXT  O N N 296 
SER H    H N N 297 
SER H2   H N N 298 
SER HA   H N N 299 
SER HB2  H N N 300 
SER HB3  H N N 301 
SER HG   H N N 302 
SER HXT  H N N 303 
THR N    N N N 304 
THR CA   C N S 305 
THR C    C N N 306 
THR O    O N N 307 
THR CB   C N R 308 
THR OG1  O N N 309 
THR CG2  C N N 310 
THR OXT  O N N 311 
THR H    H N N 312 
THR H2   H N N 313 
THR HA   H N N 314 
THR HB   H N N 315 
THR HG1  H N N 316 
THR HG21 H N N 317 
THR HG22 H N N 318 
THR HG23 H N N 319 
THR HXT  H N N 320 
TRP N    N N N 321 
TRP CA   C N S 322 
TRP C    C N N 323 
TRP O    O N N 324 
TRP CB   C N N 325 
TRP CG   C Y N 326 
TRP CD1  C Y N 327 
TRP CD2  C Y N 328 
TRP NE1  N Y N 329 
TRP CE2  C Y N 330 
TRP CE3  C Y N 331 
TRP CZ2  C Y N 332 
TRP CZ3  C Y N 333 
TRP CH2  C Y N 334 
TRP OXT  O N N 335 
TRP H    H N N 336 
TRP H2   H N N 337 
TRP HA   H N N 338 
TRP HB2  H N N 339 
TRP HB3  H N N 340 
TRP HD1  H N N 341 
TRP HE1  H N N 342 
TRP HE3  H N N 343 
TRP HZ2  H N N 344 
TRP HZ3  H N N 345 
TRP HH2  H N N 346 
TRP HXT  H N N 347 
TYR N    N N N 348 
TYR CA   C N S 349 
TYR C    C N N 350 
TYR O    O N N 351 
TYR CB   C N N 352 
TYR CG   C Y N 353 
TYR CD1  C Y N 354 
TYR CD2  C Y N 355 
TYR CE1  C Y N 356 
TYR CE2  C Y N 357 
TYR CZ   C Y N 358 
TYR OH   O N N 359 
TYR OXT  O N N 360 
TYR H    H N N 361 
TYR H2   H N N 362 
TYR HA   H N N 363 
TYR HB2  H N N 364 
TYR HB3  H N N 365 
TYR HD1  H N N 366 
TYR HD2  H N N 367 
TYR HE1  H N N 368 
TYR HE2  H N N 369 
TYR HH   H N N 370 
TYR HXT  H N N 371 
VAL N    N N N 372 
VAL CA   C N S 373 
VAL C    C N N 374 
VAL O    O N N 375 
VAL CB   C N N 376 
VAL CG1  C N N 377 
VAL CG2  C N N 378 
VAL OXT  O N N 379 
VAL H    H N N 380 
VAL H2   H N N 381 
VAL HA   H N N 382 
VAL HB   H N N 383 
VAL HG11 H N N 384 
VAL HG12 H N N 385 
VAL HG13 H N N 386 
VAL HG21 H N N 387 
VAL HG22 H N N 388 
VAL HG23 H N N 389 
VAL HXT  H N N 390 
# 
loop_
_chem_comp_bond.comp_id 
_chem_comp_bond.atom_id_1 
_chem_comp_bond.atom_id_2 
_chem_comp_bond.value_order 
_chem_comp_bond.pdbx_aromatic_flag 
_chem_comp_bond.pdbx_stereo_config 
_chem_comp_bond.pdbx_ordinal 
ALA N   CA   sing N N 1   
ALA N   H    sing N N 2   
ALA N   H2   sing N N 3   
ALA CA  C    sing N N 4   
ALA CA  CB   sing N N 5   
ALA CA  HA   sing N N 6   
ALA C   O    doub N N 7   
ALA C   OXT  sing N N 8   
ALA CB  HB1  sing N N 9   
ALA CB  HB2  sing N N 10  
ALA CB  HB3  sing N N 11  
ALA OXT HXT  sing N N 12  
ARG N   CA   sing N N 13  
ARG N   H    sing N N 14  
ARG N   H2   sing N N 15  
ARG CA  C    sing N N 16  
ARG CA  CB   sing N N 17  
ARG CA  HA   sing N N 18  
ARG C   O    doub N N 19  
ARG C   OXT  sing N N 20  
ARG CB  CG   sing N N 21  
ARG CB  HB2  sing N N 22  
ARG CB  HB3  sing N N 23  
ARG CG  CD   sing N N 24  
ARG CG  HG2  sing N N 25  
ARG CG  HG3  sing N N 26  
ARG CD  NE   sing N N 27  
ARG CD  HD2  sing N N 28  
ARG CD  HD3  sing N N 29  
ARG NE  CZ   sing N N 30  
ARG NE  HE   sing N N 31  
ARG CZ  NH1  sing N N 32  
ARG CZ  NH2  doub N N 33  
ARG NH1 HH11 sing N N 34  
ARG NH1 HH12 sing N N 35  
ARG NH2 HH21 sing N N 36  
ARG NH2 HH22 sing N N 37  
ARG OXT HXT  sing N N 38  
ASN N   CA   sing N N 39  
ASN N   H    sing N N 40  
ASN N   H2   sing N N 41  
ASN CA  C    sing N N 42  
ASN CA  CB   sing N N 43  
ASN CA  HA   sing N N 44  
ASN C   O    doub N N 45  
ASN C   OXT  sing N N 46  
ASN CB  CG   sing N N 47  
ASN CB  HB2  sing N N 48  
ASN CB  HB3  sing N N 49  
ASN CG  OD1  doub N N 50  
ASN CG  ND2  sing N N 51  
ASN ND2 HD21 sing N N 52  
ASN ND2 HD22 sing N N 53  
ASN OXT HXT  sing N N 54  
ASP N   CA   sing N N 55  
ASP N   H    sing N N 56  
ASP N   H2   sing N N 57  
ASP CA  C    sing N N 58  
ASP CA  CB   sing N N 59  
ASP CA  HA   sing N N 60  
ASP C   O    doub N N 61  
ASP C   OXT  sing N N 62  
ASP CB  CG   sing N N 63  
ASP CB  HB2  sing N N 64  
ASP CB  HB3  sing N N 65  
ASP CG  OD1  doub N N 66  
ASP CG  OD2  sing N N 67  
ASP OD2 HD2  sing N N 68  
ASP OXT HXT  sing N N 69  
CYS N   CA   sing N N 70  
CYS N   H    sing N N 71  
CYS N   H2   sing N N 72  
CYS CA  C    sing N N 73  
CYS CA  CB   sing N N 74  
CYS CA  HA   sing N N 75  
CYS C   O    doub N N 76  
CYS C   OXT  sing N N 77  
CYS CB  SG   sing N N 78  
CYS CB  HB2  sing N N 79  
CYS CB  HB3  sing N N 80  
CYS SG  HG   sing N N 81  
CYS OXT HXT  sing N N 82  
GLN N   CA   sing N N 83  
GLN N   H    sing N N 84  
GLN N   H2   sing N N 85  
GLN CA  C    sing N N 86  
GLN CA  CB   sing N N 87  
GLN CA  HA   sing N N 88  
GLN C   O    doub N N 89  
GLN C   OXT  sing N N 90  
GLN CB  CG   sing N N 91  
GLN CB  HB2  sing N N 92  
GLN CB  HB3  sing N N 93  
GLN CG  CD   sing N N 94  
GLN CG  HG2  sing N N 95  
GLN CG  HG3  sing N N 96  
GLN CD  OE1  doub N N 97  
GLN CD  NE2  sing N N 98  
GLN NE2 HE21 sing N N 99  
GLN NE2 HE22 sing N N 100 
GLN OXT HXT  sing N N 101 
GLU N   CA   sing N N 102 
GLU N   H    sing N N 103 
GLU N   H2   sing N N 104 
GLU CA  C    sing N N 105 
GLU CA  CB   sing N N 106 
GLU CA  HA   sing N N 107 
GLU C   O    doub N N 108 
GLU C   OXT  sing N N 109 
GLU CB  CG   sing N N 110 
GLU CB  HB2  sing N N 111 
GLU CB  HB3  sing N N 112 
GLU CG  CD   sing N N 113 
GLU CG  HG2  sing N N 114 
GLU CG  HG3  sing N N 115 
GLU CD  OE1  doub N N 116 
GLU CD  OE2  sing N N 117 
GLU OE2 HE2  sing N N 118 
GLU OXT HXT  sing N N 119 
GLY N   CA   sing N N 120 
GLY N   H    sing N N 121 
GLY N   H2   sing N N 122 
GLY CA  C    sing N N 123 
GLY CA  HA2  sing N N 124 
GLY CA  HA3  sing N N 125 
GLY C   O    doub N N 126 
GLY C   OXT  sing N N 127 
GLY OXT HXT  sing N N 128 
HIS N   CA   sing N N 129 
HIS N   H    sing N N 130 
HIS N   H2   sing N N 131 
HIS CA  C    sing N N 132 
HIS CA  CB   sing N N 133 
HIS CA  HA   sing N N 134 
HIS C   O    doub N N 135 
HIS C   OXT  sing N N 136 
HIS CB  CG   sing N N 137 
HIS CB  HB2  sing N N 138 
HIS CB  HB3  sing N N 139 
HIS CG  ND1  sing Y N 140 
HIS CG  CD2  doub Y N 141 
HIS ND1 CE1  doub Y N 142 
HIS ND1 HD1  sing N N 143 
HIS CD2 NE2  sing Y N 144 
HIS CD2 HD2  sing N N 145 
HIS CE1 NE2  sing Y N 146 
HIS CE1 HE1  sing N N 147 
HIS NE2 HE2  sing N N 148 
HIS OXT HXT  sing N N 149 
HOH O   H1   sing N N 150 
HOH O   H2   sing N N 151 
ILE N   CA   sing N N 152 
ILE N   H    sing N N 153 
ILE N   H2   sing N N 154 
ILE CA  C    sing N N 155 
ILE CA  CB   sing N N 156 
ILE CA  HA   sing N N 157 
ILE C   O    doub N N 158 
ILE C   OXT  sing N N 159 
ILE CB  CG1  sing N N 160 
ILE CB  CG2  sing N N 161 
ILE CB  HB   sing N N 162 
ILE CG1 CD1  sing N N 163 
ILE CG1 HG12 sing N N 164 
ILE CG1 HG13 sing N N 165 
ILE CG2 HG21 sing N N 166 
ILE CG2 HG22 sing N N 167 
ILE CG2 HG23 sing N N 168 
ILE CD1 HD11 sing N N 169 
ILE CD1 HD12 sing N N 170 
ILE CD1 HD13 sing N N 171 
ILE OXT HXT  sing N N 172 
LEU N   CA   sing N N 173 
LEU N   H    sing N N 174 
LEU N   H2   sing N N 175 
LEU CA  C    sing N N 176 
LEU CA  CB   sing N N 177 
LEU CA  HA   sing N N 178 
LEU C   O    doub N N 179 
LEU C   OXT  sing N N 180 
LEU CB  CG   sing N N 181 
LEU CB  HB2  sing N N 182 
LEU CB  HB3  sing N N 183 
LEU CG  CD1  sing N N 184 
LEU CG  CD2  sing N N 185 
LEU CG  HG   sing N N 186 
LEU CD1 HD11 sing N N 187 
LEU CD1 HD12 sing N N 188 
LEU CD1 HD13 sing N N 189 
LEU CD2 HD21 sing N N 190 
LEU CD2 HD22 sing N N 191 
LEU CD2 HD23 sing N N 192 
LEU OXT HXT  sing N N 193 
LYS N   CA   sing N N 194 
LYS N   H    sing N N 195 
LYS N   H2   sing N N 196 
LYS CA  C    sing N N 197 
LYS CA  CB   sing N N 198 
LYS CA  HA   sing N N 199 
LYS C   O    doub N N 200 
LYS C   OXT  sing N N 201 
LYS CB  CG   sing N N 202 
LYS CB  HB2  sing N N 203 
LYS CB  HB3  sing N N 204 
LYS CG  CD   sing N N 205 
LYS CG  HG2  sing N N 206 
LYS CG  HG3  sing N N 207 
LYS CD  CE   sing N N 208 
LYS CD  HD2  sing N N 209 
LYS CD  HD3  sing N N 210 
LYS CE  NZ   sing N N 211 
LYS CE  HE2  sing N N 212 
LYS CE  HE3  sing N N 213 
LYS NZ  HZ1  sing N N 214 
LYS NZ  HZ2  sing N N 215 
LYS NZ  HZ3  sing N N 216 
LYS OXT HXT  sing N N 217 
MET N   CA   sing N N 218 
MET N   H    sing N N 219 
MET N   H2   sing N N 220 
MET CA  C    sing N N 221 
MET CA  CB   sing N N 222 
MET CA  HA   sing N N 223 
MET C   O    doub N N 224 
MET C   OXT  sing N N 225 
MET CB  CG   sing N N 226 
MET CB  HB2  sing N N 227 
MET CB  HB3  sing N N 228 
MET CG  SD   sing N N 229 
MET CG  HG2  sing N N 230 
MET CG  HG3  sing N N 231 
MET SD  CE   sing N N 232 
MET CE  HE1  sing N N 233 
MET CE  HE2  sing N N 234 
MET CE  HE3  sing N N 235 
MET OXT HXT  sing N N 236 
PHE N   CA   sing N N 237 
PHE N   H    sing N N 238 
PHE N   H2   sing N N 239 
PHE CA  C    sing N N 240 
PHE CA  CB   sing N N 241 
PHE CA  HA   sing N N 242 
PHE C   O    doub N N 243 
PHE C   OXT  sing N N 244 
PHE CB  CG   sing N N 245 
PHE CB  HB2  sing N N 246 
PHE CB  HB3  sing N N 247 
PHE CG  CD1  doub Y N 248 
PHE CG  CD2  sing Y N 249 
PHE CD1 CE1  sing Y N 250 
PHE CD1 HD1  sing N N 251 
PHE CD2 CE2  doub Y N 252 
PHE CD2 HD2  sing N N 253 
PHE CE1 CZ   doub Y N 254 
PHE CE1 HE1  sing N N 255 
PHE CE2 CZ   sing Y N 256 
PHE CE2 HE2  sing N N 257 
PHE CZ  HZ   sing N N 258 
PHE OXT HXT  sing N N 259 
PRO N   CA   sing N N 260 
PRO N   CD   sing N N 261 
PRO N   H    sing N N 262 
PRO CA  C    sing N N 263 
PRO CA  CB   sing N N 264 
PRO CA  HA   sing N N 265 
PRO C   O    doub N N 266 
PRO C   OXT  sing N N 267 
PRO CB  CG   sing N N 268 
PRO CB  HB2  sing N N 269 
PRO CB  HB3  sing N N 270 
PRO CG  CD   sing N N 271 
PRO CG  HG2  sing N N 272 
PRO CG  HG3  sing N N 273 
PRO CD  HD2  sing N N 274 
PRO CD  HD3  sing N N 275 
PRO OXT HXT  sing N N 276 
SER N   CA   sing N N 277 
SER N   H    sing N N 278 
SER N   H2   sing N N 279 
SER CA  C    sing N N 280 
SER CA  CB   sing N N 281 
SER CA  HA   sing N N 282 
SER C   O    doub N N 283 
SER C   OXT  sing N N 284 
SER CB  OG   sing N N 285 
SER CB  HB2  sing N N 286 
SER CB  HB3  sing N N 287 
SER OG  HG   sing N N 288 
SER OXT HXT  sing N N 289 
THR N   CA   sing N N 290 
THR N   H    sing N N 291 
THR N   H2   sing N N 292 
THR CA  C    sing N N 293 
THR CA  CB   sing N N 294 
THR CA  HA   sing N N 295 
THR C   O    doub N N 296 
THR C   OXT  sing N N 297 
THR CB  OG1  sing N N 298 
THR CB  CG2  sing N N 299 
THR CB  HB   sing N N 300 
THR OG1 HG1  sing N N 301 
THR CG2 HG21 sing N N 302 
THR CG2 HG22 sing N N 303 
THR CG2 HG23 sing N N 304 
THR OXT HXT  sing N N 305 
TRP N   CA   sing N N 306 
TRP N   H    sing N N 307 
TRP N   H2   sing N N 308 
TRP CA  C    sing N N 309 
TRP CA  CB   sing N N 310 
TRP CA  HA   sing N N 311 
TRP C   O    doub N N 312 
TRP C   OXT  sing N N 313 
TRP CB  CG   sing N N 314 
TRP CB  HB2  sing N N 315 
TRP CB  HB3  sing N N 316 
TRP CG  CD1  doub Y N 317 
TRP CG  CD2  sing Y N 318 
TRP CD1 NE1  sing Y N 319 
TRP CD1 HD1  sing N N 320 
TRP CD2 CE2  doub Y N 321 
TRP CD2 CE3  sing Y N 322 
TRP NE1 CE2  sing Y N 323 
TRP NE1 HE1  sing N N 324 
TRP CE2 CZ2  sing Y N 325 
TRP CE3 CZ3  doub Y N 326 
TRP CE3 HE3  sing N N 327 
TRP CZ2 CH2  doub Y N 328 
TRP CZ2 HZ2  sing N N 329 
TRP CZ3 CH2  sing Y N 330 
TRP CZ3 HZ3  sing N N 331 
TRP CH2 HH2  sing N N 332 
TRP OXT HXT  sing N N 333 
TYR N   CA   sing N N 334 
TYR N   H    sing N N 335 
TYR N   H2   sing N N 336 
TYR CA  C    sing N N 337 
TYR CA  CB   sing N N 338 
TYR CA  HA   sing N N 339 
TYR C   O    doub N N 340 
TYR C   OXT  sing N N 341 
TYR CB  CG   sing N N 342 
TYR CB  HB2  sing N N 343 
TYR CB  HB3  sing N N 344 
TYR CG  CD1  doub Y N 345 
TYR CG  CD2  sing Y N 346 
TYR CD1 CE1  sing Y N 347 
TYR CD1 HD1  sing N N 348 
TYR CD2 CE2  doub Y N 349 
TYR CD2 HD2  sing N N 350 
TYR CE1 CZ   doub Y N 351 
TYR CE1 HE1  sing N N 352 
TYR CE2 CZ   sing Y N 353 
TYR CE2 HE2  sing N N 354 
TYR CZ  OH   sing N N 355 
TYR OH  HH   sing N N 356 
TYR OXT HXT  sing N N 357 
VAL N   CA   sing N N 358 
VAL N   H    sing N N 359 
VAL N   H2   sing N N 360 
VAL CA  C    sing N N 361 
VAL CA  CB   sing N N 362 
VAL CA  HA   sing N N 363 
VAL C   O    doub N N 364 
VAL C   OXT  sing N N 365 
VAL CB  CG1  sing N N 366 
VAL CB  CG2  sing N N 367 
VAL CB  HB   sing N N 368 
VAL CG1 HG11 sing N N 369 
VAL CG1 HG12 sing N N 370 
VAL CG1 HG13 sing N N 371 
VAL CG2 HG21 sing N N 372 
VAL CG2 HG22 sing N N 373 
VAL CG2 HG23 sing N N 374 
VAL OXT HXT  sing N N 375 
# 
_pdbx_entity_nonpoly.entity_id   2 
_pdbx_entity_nonpoly.name        water 
_pdbx_entity_nonpoly.comp_id     HOH 
# 
_pdbx_initial_refinement_model.id               1 
_pdbx_initial_refinement_model.entity_id_list   ? 
_pdbx_initial_refinement_model.type             'experimental model' 
_pdbx_initial_refinement_model.source_name      PDB 
_pdbx_initial_refinement_model.accession_code   2P5Q 
_pdbx_initial_refinement_model.details          'PDB ENTRY 2P5Q' 
# 
